data_5KEM
#
_entry.id   5KEM
#
loop_
_entity.id
_entity.type
_entity.pdbx_description
1 polymer 'BDBV91 variable Fab domain light chain'
2 polymer 'BDBV91 variable Fab domain heavy chain'
3 polymer 'c13C6 variable Fab domain heavy chain'
4 polymer 'c13C6 variable Fab domain light chain'
5 polymer 'Ebola secreted glycoprotein'
#
loop_
_entity_poly.entity_id
_entity_poly.type
_entity_poly.pdbx_seq_one_letter_code
_entity_poly.pdbx_strand_id
1 'polypeptide(L)'
;DIQMTQSPSSLSASVGDRVTITCRATESIGIYLNWYQRKPGKAPNLLIFATSSLQSGVPSRFSGSGSGTEFTLTISSLQP
EDFATYFCQQGFSSPFSFGQGTRLEIK
;
C,H
2 'polypeptide(L)'
;QVQLVQSGAELKPPGASVKVSCKPSGYTFTDYYIHWVRQAPGQGLEWMGWINPKSGETHYAQKFRGWVTLTRDTSISTTY
MDLTRLKSDDTAVYFCARGDLETTIFFYNAVDVWGQGTLVT
;
B,G
3 'polypeptide(L)'
;DVKLLESGGGLVQPGGSLKLSCAASGFSLSTSGVGVGWFRQPSGKGLEWLALIWWDDDKYYNPSLKSQLSISKDFSRNQV
FLKISNVDIADTATYYCARRDPFGYDNAMGYWGQGTSVTVS
;
D,I
4 'polypeptide(L)'
;DIVMTQSPLSLSTSVGDRVSLTCKASQNVGTAVAWYQQKPGQSPKLLIYSASNRYTGVPDRFTGSGSGTDFTLTISNMQS
EDLADYFCQQYSSYPLTFGAGTKLELR
;
E,J
5 'polypeptide(L)'
;CRDKLSSTNQLRSVGLNLEGNGVATDVPSATKRWGFRSGVPPKVVNYEAGEWAENCYNLEIKKPDGSECLPAAPDGIRGF
PRCRYVHKVSGTGPCAGDFAFHKEGAFFLYDRLASTVIYRGTTFAEGVVAFLILPQAKKDFFSSHPLREPVNATEDPSSG
YYSTTIRYQATGFGTNETEYLFEVDNLTYVQLESRFTPQFLLQLNETIYTSGKRSNTTGKLIWKVNPEIDTT
;
A,F
#
# COMPACT_ATOMS: atom_id res chain seq x y z
N ASP A 1 -9.48 -3.09 -35.80
CA ASP A 1 -10.55 -3.89 -36.35
C ASP A 1 -10.47 -5.35 -35.94
N ILE A 2 -10.49 -5.60 -34.64
CA ILE A 2 -10.49 -6.96 -34.17
C ILE A 2 -11.91 -7.46 -34.16
N GLN A 3 -12.19 -8.49 -34.94
CA GLN A 3 -13.53 -9.05 -34.97
C GLN A 3 -13.81 -9.82 -33.70
N MET A 4 -15.07 -9.83 -33.32
CA MET A 4 -15.50 -10.59 -32.16
C MET A 4 -16.18 -11.87 -32.62
N THR A 5 -15.39 -12.90 -32.93
CA THR A 5 -15.96 -14.16 -33.34
C THR A 5 -16.67 -14.78 -32.15
N GLN A 6 -17.78 -15.44 -32.39
CA GLN A 6 -18.44 -16.09 -31.27
C GLN A 6 -19.01 -17.43 -31.67
N SER A 7 -18.93 -18.36 -30.75
CA SER A 7 -19.49 -19.68 -30.92
C SER A 7 -19.85 -20.19 -29.55
N PRO A 8 -20.65 -21.24 -29.44
CA PRO A 8 -21.38 -22.04 -30.40
C PRO A 8 -22.48 -21.27 -31.12
N SER A 9 -22.84 -21.78 -32.29
CA SER A 9 -23.99 -21.35 -33.07
C SER A 9 -25.22 -21.70 -32.23
N SER A 10 -26.38 -21.12 -32.53
CA SER A 10 -27.54 -21.34 -31.64
C SER A 10 -27.83 -22.80 -31.38
N LEU A 11 -28.24 -23.07 -30.14
CA LEU A 11 -28.40 -24.43 -29.66
C LEU A 11 -29.76 -24.76 -29.09
N SER A 12 -30.16 -26.02 -29.23
CA SER A 12 -31.35 -26.46 -28.53
C SER A 12 -31.02 -26.46 -27.04
N ALA A 13 -32.02 -26.29 -26.19
CA ALA A 13 -31.74 -26.31 -24.76
C ALA A 13 -32.94 -26.67 -23.89
N SER A 14 -32.65 -27.03 -22.64
CA SER A 14 -33.70 -27.31 -21.68
C SER A 14 -33.28 -26.85 -20.28
N VAL A 15 -34.25 -26.75 -19.39
CA VAL A 15 -34.00 -26.27 -18.03
C VAL A 15 -33.13 -27.23 -17.22
N GLY A 16 -32.20 -26.64 -16.49
CA GLY A 16 -31.24 -27.33 -15.63
C GLY A 16 -29.93 -27.68 -16.37
N ASP A 17 -29.88 -27.42 -17.66
CA ASP A 17 -28.69 -27.63 -18.47
C ASP A 17 -27.52 -26.70 -18.08
N ARG A 18 -26.30 -27.21 -18.16
CA ARG A 18 -25.16 -26.32 -17.96
C ARG A 18 -24.45 -26.17 -19.31
N VAL A 19 -24.20 -24.93 -19.70
CA VAL A 19 -23.62 -24.63 -21.01
C VAL A 19 -22.48 -23.63 -20.94
N THR A 20 -21.68 -23.56 -22.01
CA THR A 20 -20.70 -22.49 -22.09
C THR A 20 -20.76 -21.83 -23.46
N ILE A 21 -20.26 -20.61 -23.53
CA ILE A 21 -20.19 -19.85 -24.77
C ILE A 21 -18.82 -19.22 -24.87
N THR A 22 -18.24 -19.16 -26.05
CA THR A 22 -16.91 -18.55 -26.12
C THR A 22 -16.80 -17.48 -27.20
N CYS A 23 -15.87 -16.54 -26.99
CA CYS A 23 -15.61 -15.51 -27.97
C CYS A 23 -14.19 -15.70 -28.44
N ARG A 24 -13.95 -15.49 -29.72
CA ARG A 24 -12.59 -15.55 -30.22
C ARG A 24 -12.20 -14.22 -30.83
N ALA A 25 -11.26 -13.56 -30.19
CA ALA A 25 -10.74 -12.32 -30.74
C ALA A 25 -9.99 -12.59 -32.03
N THR A 26 -10.05 -11.67 -33.00
CA THR A 26 -9.21 -11.79 -34.19
C THR A 26 -7.72 -11.70 -33.88
N GLU A 27 -7.40 -10.99 -32.81
CA GLU A 27 -6.03 -10.80 -32.37
C GLU A 27 -6.04 -10.96 -30.88
N SER A 28 -4.94 -11.42 -30.28
CA SER A 28 -4.97 -11.58 -28.83
C SER A 28 -5.12 -10.23 -28.18
N ILE A 29 -5.87 -10.19 -27.09
CA ILE A 29 -6.02 -8.91 -26.43
C ILE A 29 -5.57 -8.97 -24.97
N GLY A 30 -6.02 -9.96 -24.21
CA GLY A 30 -5.62 -10.08 -22.81
C GLY A 30 -6.35 -9.07 -21.91
N ILE A 31 -7.36 -8.43 -22.47
CA ILE A 31 -8.09 -7.33 -21.86
C ILE A 31 -9.58 -7.56 -21.96
N TYR A 32 -10.31 -6.92 -21.07
CA TYR A 32 -11.74 -7.06 -20.96
C TYR A 32 -12.60 -6.82 -22.22
N LEU A 33 -13.66 -7.64 -22.31
CA LEU A 33 -14.72 -7.66 -23.33
C LEU A 33 -16.01 -7.91 -22.60
N ASN A 34 -17.14 -7.43 -23.08
CA ASN A 34 -18.35 -7.68 -22.29
C ASN A 34 -19.44 -8.42 -23.02
N TRP A 35 -20.27 -9.08 -22.22
CA TRP A 35 -21.30 -9.91 -22.78
C TRP A 35 -22.65 -9.39 -22.47
N TYR A 36 -23.56 -9.63 -23.38
CA TYR A 36 -24.93 -9.19 -23.26
C TYR A 36 -25.88 -10.29 -23.58
N GLN A 37 -27.12 -10.13 -23.15
CA GLN A 37 -28.10 -11.10 -23.56
C GLN A 37 -29.42 -10.43 -23.82
N ARG A 38 -30.24 -10.99 -24.69
CA ARG A 38 -31.50 -10.33 -24.90
C ARG A 38 -32.70 -11.20 -25.10
N LYS A 39 -33.81 -10.71 -24.59
CA LYS A 39 -35.08 -11.28 -24.87
C LYS A 39 -35.38 -10.98 -26.31
N PRO A 40 -36.03 -11.85 -27.05
CA PRO A 40 -36.41 -11.55 -28.40
C PRO A 40 -37.35 -10.38 -28.35
N GLY A 41 -37.24 -9.51 -29.34
CA GLY A 41 -38.08 -8.34 -29.42
C GLY A 41 -37.58 -7.23 -28.46
N LYS A 42 -36.41 -7.43 -27.82
CA LYS A 42 -35.90 -6.46 -26.85
C LYS A 42 -34.44 -6.12 -27.01
N ALA A 43 -34.07 -4.93 -26.52
CA ALA A 43 -32.68 -4.54 -26.44
C ALA A 43 -31.94 -5.49 -25.48
N PRO A 44 -30.67 -5.76 -25.72
CA PRO A 44 -29.79 -6.57 -24.92
C PRO A 44 -29.54 -5.90 -23.60
N ASN A 45 -29.28 -6.73 -22.62
CA ASN A 45 -28.99 -6.28 -21.30
C ASN A 45 -27.59 -6.67 -21.00
N LEU A 46 -26.84 -5.82 -20.32
CA LEU A 46 -25.51 -6.30 -20.03
C LEU A 46 -25.65 -7.50 -19.17
N LEU A 47 -24.89 -8.51 -19.48
CA LEU A 47 -24.94 -9.69 -18.66
C LEU A 47 -23.75 -9.75 -17.75
N ILE A 48 -22.59 -9.46 -18.29
CA ILE A 48 -21.43 -9.53 -17.45
C ILE A 48 -20.57 -8.33 -17.69
N PHE A 49 -19.98 -7.82 -16.64
CA PHE A 49 -19.04 -6.73 -16.75
C PHE A 49 -17.89 -7.23 -17.57
N ALA A 50 -17.30 -6.33 -18.35
CA ALA A 50 -16.24 -6.67 -19.30
C ALA A 50 -15.03 -7.36 -18.69
N THR A 51 -14.90 -7.26 -17.40
CA THR A 51 -13.81 -7.84 -16.66
C THR A 51 -14.16 -9.22 -16.13
N SER A 52 -15.23 -9.81 -16.66
CA SER A 52 -15.71 -11.12 -16.27
C SER A 52 -16.20 -11.14 -14.84
N SER A 53 -16.94 -10.10 -14.50
CA SER A 53 -17.62 -10.02 -13.21
C SER A 53 -19.06 -9.81 -13.53
N LEU A 54 -19.97 -10.44 -12.81
CA LEU A 54 -21.36 -10.30 -13.23
C LEU A 54 -21.90 -8.91 -13.07
N GLN A 55 -22.77 -8.51 -14.00
CA GLN A 55 -23.50 -7.26 -13.89
C GLN A 55 -24.39 -7.33 -12.67
N SER A 56 -24.57 -6.21 -11.98
CA SER A 56 -25.41 -6.28 -10.81
C SER A 56 -26.82 -6.68 -11.18
N GLY A 57 -27.39 -7.49 -10.30
CA GLY A 57 -28.73 -8.06 -10.39
C GLY A 57 -28.77 -9.33 -11.26
N VAL A 58 -27.61 -9.77 -11.75
CA VAL A 58 -27.50 -11.03 -12.49
C VAL A 58 -27.43 -12.21 -11.52
N PRO A 59 -28.15 -13.30 -11.79
CA PRO A 59 -28.17 -14.50 -10.98
C PRO A 59 -26.80 -15.16 -10.87
N SER A 60 -26.59 -15.83 -9.75
CA SER A 60 -25.35 -16.53 -9.44
C SER A 60 -24.98 -17.62 -10.44
N ARG A 61 -25.97 -18.11 -11.17
CA ARG A 61 -25.80 -19.14 -12.16
C ARG A 61 -24.85 -18.74 -13.27
N PHE A 62 -24.83 -17.45 -13.56
CA PHE A 62 -23.97 -16.93 -14.58
C PHE A 62 -22.50 -16.98 -14.14
N SER A 63 -21.62 -17.24 -15.09
CA SER A 63 -20.19 -17.38 -14.83
C SER A 63 -19.37 -17.12 -16.07
N GLY A 64 -18.06 -17.25 -15.95
CA GLY A 64 -17.16 -17.17 -17.09
C GLY A 64 -15.97 -16.24 -16.93
N SER A 65 -14.91 -16.58 -17.65
CA SER A 65 -13.63 -15.87 -17.64
C SER A 65 -12.82 -16.13 -18.91
N GLY A 66 -11.75 -15.37 -19.11
CA GLY A 66 -10.86 -15.67 -20.23
C GLY A 66 -9.61 -14.80 -20.30
N SER A 67 -8.78 -15.08 -21.31
CA SER A 67 -7.55 -14.33 -21.56
C SER A 67 -7.14 -14.47 -23.02
N GLY A 68 -6.21 -13.62 -23.47
CA GLY A 68 -5.72 -13.77 -24.83
C GLY A 68 -6.84 -13.50 -25.79
N THR A 69 -7.02 -14.43 -26.73
CA THR A 69 -8.13 -14.38 -27.67
C THR A 69 -9.36 -15.11 -27.17
N GLU A 70 -9.26 -15.81 -26.04
CA GLU A 70 -10.39 -16.65 -25.67
C GLU A 70 -11.12 -16.23 -24.43
N PHE A 71 -12.43 -16.07 -24.58
CA PHE A 71 -13.21 -15.71 -23.43
C PHE A 71 -14.41 -16.60 -23.33
N THR A 72 -14.60 -17.24 -22.19
CA THR A 72 -15.71 -18.18 -22.10
C THR A 72 -16.73 -17.90 -21.03
N LEU A 73 -17.93 -17.57 -21.48
CA LEU A 73 -19.10 -17.41 -20.65
C LEU A 73 -19.57 -18.78 -20.17
N THR A 74 -20.03 -18.89 -18.94
CA THR A 74 -20.64 -20.14 -18.55
C THR A 74 -21.97 -19.88 -17.88
N ILE A 75 -22.89 -20.82 -18.03
CA ILE A 75 -24.16 -20.73 -17.34
C ILE A 75 -24.49 -22.07 -16.74
N SER A 76 -24.90 -22.12 -15.50
CA SER A 76 -25.28 -23.41 -14.97
C SER A 76 -26.72 -23.39 -14.54
N SER A 77 -27.39 -24.54 -14.66
CA SER A 77 -28.78 -24.65 -14.27
C SER A 77 -29.67 -23.74 -15.09
N LEU A 78 -29.81 -23.99 -16.39
CA LEU A 78 -30.58 -23.07 -17.21
C LEU A 78 -32.00 -22.92 -16.73
N GLN A 79 -32.50 -21.71 -16.89
CA GLN A 79 -33.83 -21.32 -16.50
C GLN A 79 -34.42 -20.69 -17.75
N PRO A 80 -35.75 -20.59 -17.88
CA PRO A 80 -36.44 -20.13 -19.07
C PRO A 80 -35.99 -18.77 -19.61
N GLU A 81 -35.55 -17.88 -18.72
CA GLU A 81 -35.03 -16.59 -19.16
C GLU A 81 -33.68 -16.70 -19.87
N ASP A 82 -33.05 -17.86 -19.76
CA ASP A 82 -31.71 -18.05 -20.30
C ASP A 82 -31.72 -18.41 -21.75
N PHE A 83 -32.88 -18.38 -22.39
CA PHE A 83 -32.89 -18.69 -23.78
C PHE A 83 -32.68 -17.43 -24.62
N ALA A 84 -32.37 -16.32 -23.93
CA ALA A 84 -31.99 -15.04 -24.51
C ALA A 84 -30.79 -15.18 -25.43
N THR A 85 -30.72 -14.37 -26.48
CA THR A 85 -29.56 -14.46 -27.36
C THR A 85 -28.37 -13.89 -26.65
N TYR A 86 -27.20 -14.52 -26.78
CA TYR A 86 -26.00 -14.01 -26.11
C TYR A 86 -25.01 -13.36 -27.05
N PHE A 87 -24.25 -12.38 -26.55
CA PHE A 87 -23.32 -11.64 -27.40
C PHE A 87 -21.95 -11.36 -26.83
N CYS A 88 -21.02 -11.05 -27.75
CA CYS A 88 -19.62 -10.72 -27.43
C CYS A 88 -19.23 -9.32 -27.87
N GLN A 89 -19.61 -8.32 -27.10
CA GLN A 89 -19.21 -6.96 -27.45
C GLN A 89 -17.71 -6.75 -27.28
N GLN A 90 -17.13 -5.95 -28.16
CA GLN A 90 -15.70 -5.73 -28.17
C GLN A 90 -15.05 -5.14 -26.94
N GLY A 91 -15.75 -4.47 -26.05
CA GLY A 91 -15.01 -4.04 -24.88
C GLY A 91 -13.95 -2.97 -25.16
N PHE A 92 -12.71 -3.31 -24.85
CA PHE A 92 -11.52 -2.47 -24.83
C PHE A 92 -11.13 -1.55 -26.01
N SER A 93 -11.57 -1.75 -27.24
CA SER A 93 -11.11 -0.80 -28.27
C SER A 93 -12.02 -0.53 -29.44
N SER A 94 -11.71 0.58 -30.09
CA SER A 94 -12.34 1.04 -31.32
C SER A 94 -11.96 0.20 -32.55
N PRO A 95 -12.89 0.07 -33.49
CA PRO A 95 -14.30 0.34 -33.43
C PRO A 95 -14.84 -0.67 -32.48
N PHE A 96 -15.91 -0.39 -31.79
CA PHE A 96 -16.34 -1.36 -30.82
C PHE A 96 -17.33 -2.31 -31.44
N SER A 97 -16.80 -3.29 -32.16
CA SER A 97 -17.58 -4.29 -32.84
C SER A 97 -18.37 -5.16 -31.88
N PHE A 98 -19.45 -5.72 -32.38
CA PHE A 98 -20.30 -6.53 -31.54
C PHE A 98 -20.45 -7.94 -32.10
N GLY A 99 -19.93 -8.92 -31.38
CA GLY A 99 -20.04 -10.32 -31.77
C GLY A 99 -21.46 -10.86 -31.64
N GLN A 100 -21.76 -11.91 -32.39
CA GLN A 100 -23.06 -12.56 -32.35
C GLN A 100 -22.89 -14.06 -32.34
N GLY A 101 -23.86 -14.75 -31.75
CA GLY A 101 -23.71 -16.16 -31.49
C GLY A 101 -24.96 -16.70 -30.84
N THR A 102 -24.87 -17.92 -30.32
CA THR A 102 -26.00 -18.67 -29.80
C THR A 102 -26.96 -18.01 -28.86
N ARG A 103 -28.15 -18.54 -28.99
CA ARG A 103 -29.40 -18.26 -28.31
C ARG A 103 -29.96 -19.64 -28.12
N LEU A 104 -30.93 -19.81 -27.23
CA LEU A 104 -31.36 -21.18 -27.01
C LEU A 104 -32.81 -21.41 -27.40
N GLU A 105 -33.13 -22.61 -27.85
CA GLU A 105 -34.50 -22.93 -28.24
C GLU A 105 -34.89 -24.37 -27.97
N ILE A 106 -36.17 -24.64 -27.85
CA ILE A 106 -36.60 -26.02 -27.71
C ILE A 106 -37.77 -26.31 -28.66
N LYS A 107 -37.78 -27.51 -29.25
CA LYS A 107 -38.84 -27.90 -30.18
C LYS A 107 -38.77 -29.39 -30.50
N GLN B 1 -33.15 6.71 -11.87
CA GLN B 1 -33.44 5.71 -12.90
C GLN B 1 -33.42 6.29 -14.29
N VAL B 2 -32.39 5.95 -15.04
CA VAL B 2 -32.23 6.49 -16.37
C VAL B 2 -33.30 5.98 -17.33
N GLN B 3 -33.88 6.92 -18.08
CA GLN B 3 -34.82 6.59 -19.15
C GLN B 3 -34.57 7.46 -20.37
N LEU B 4 -33.82 6.95 -21.33
CA LEU B 4 -33.41 7.74 -22.51
C LEU B 4 -34.47 7.77 -23.59
N VAL B 5 -35.52 8.56 -23.39
CA VAL B 5 -36.69 8.56 -24.27
C VAL B 5 -36.38 8.93 -25.70
N GLN B 6 -37.01 8.25 -26.65
CA GLN B 6 -36.56 8.37 -28.02
C GLN B 6 -37.62 8.52 -29.10
N SER B 7 -37.20 9.22 -30.18
CA SER B 7 -38.04 9.57 -31.33
C SER B 7 -38.63 8.38 -32.12
N GLY B 8 -39.84 8.61 -32.68
CA GLY B 8 -40.54 7.61 -33.49
C GLY B 8 -39.90 7.31 -34.86
N ALA B 9 -40.16 6.10 -35.36
CA ALA B 9 -39.70 5.59 -36.65
C ALA B 9 -40.21 6.37 -37.88
N GLU B 10 -39.40 6.42 -38.95
CA GLU B 10 -39.88 7.03 -40.21
C GLU B 10 -39.35 6.38 -41.50
N LEU B 11 -40.24 6.26 -42.51
CA LEU B 11 -39.89 5.78 -43.86
C LEU B 11 -39.08 6.76 -44.68
N LYS B 12 -38.14 6.25 -45.51
CA LYS B 12 -37.38 7.10 -46.45
C LYS B 12 -37.55 6.46 -47.83
N PRO B 13 -37.55 7.19 -48.96
CA PRO B 13 -37.19 8.63 -49.25
C PRO B 13 -35.88 9.20 -48.68
N PRO B 14 -34.77 8.88 -49.37
CA PRO B 14 -33.35 9.25 -49.19
C PRO B 14 -33.06 10.75 -49.27
N GLY B 15 -31.95 11.14 -48.63
CA GLY B 15 -31.45 12.52 -48.53
C GLY B 15 -31.94 13.22 -47.26
N ALA B 16 -32.77 12.53 -46.51
CA ALA B 16 -33.33 12.97 -45.24
C ALA B 16 -32.28 13.25 -44.18
N SER B 17 -32.63 14.15 -43.27
CA SER B 17 -31.75 14.41 -42.14
C SER B 17 -32.14 13.47 -40.99
N VAL B 18 -33.18 13.83 -40.24
CA VAL B 18 -33.73 13.04 -39.13
C VAL B 18 -32.93 13.01 -37.84
N LYS B 19 -33.04 14.07 -37.03
CA LYS B 19 -32.46 14.01 -35.71
C LYS B 19 -33.17 12.95 -34.88
N VAL B 20 -32.43 12.25 -34.04
CA VAL B 20 -33.08 11.29 -33.16
C VAL B 20 -32.95 11.67 -31.70
N SER B 21 -34.05 12.02 -31.04
CA SER B 21 -33.95 12.34 -29.63
C SER B 21 -33.61 11.14 -28.79
N CYS B 22 -32.82 11.39 -27.75
CA CYS B 22 -32.50 10.46 -26.67
C CYS B 22 -32.53 11.22 -25.36
N LYS B 23 -33.74 11.38 -24.81
CA LYS B 23 -34.00 12.16 -23.61
C LYS B 23 -34.04 11.38 -22.31
N PRO B 24 -32.98 11.44 -21.50
CA PRO B 24 -32.88 10.89 -20.17
C PRO B 24 -33.77 11.51 -19.14
N SER B 25 -34.09 10.71 -18.15
CA SER B 25 -34.75 11.21 -16.95
C SER B 25 -34.15 10.39 -15.84
N GLY B 26 -34.23 10.87 -14.60
CA GLY B 26 -33.69 10.12 -13.46
C GLY B 26 -32.17 10.23 -13.37
N TYR B 27 -31.61 11.13 -14.17
CA TYR B 27 -30.19 11.32 -14.36
C TYR B 27 -29.76 12.76 -14.55
N THR B 28 -28.61 13.14 -13.96
CA THR B 28 -28.12 14.48 -14.23
C THR B 28 -27.76 14.49 -15.69
N PHE B 29 -28.16 15.49 -16.43
CA PHE B 29 -28.05 15.40 -17.89
C PHE B 29 -26.69 15.15 -18.52
N THR B 30 -25.63 15.68 -17.94
CA THR B 30 -24.34 15.47 -18.57
C THR B 30 -23.44 14.47 -17.88
N ASP B 31 -23.93 13.71 -16.90
CA ASP B 31 -22.99 12.85 -16.17
C ASP B 31 -22.66 11.43 -16.65
N TYR B 32 -23.16 10.98 -17.81
CA TYR B 32 -22.72 9.68 -18.36
C TYR B 32 -22.53 9.78 -19.86
N TYR B 33 -21.68 8.92 -20.42
CA TYR B 33 -21.49 8.94 -21.85
C TYR B 33 -22.76 8.53 -22.57
N ILE B 34 -23.01 9.15 -23.71
CA ILE B 34 -24.22 8.91 -24.45
C ILE B 34 -23.97 8.21 -25.77
N HIS B 35 -24.92 7.35 -26.17
CA HIS B 35 -24.81 6.54 -27.38
C HIS B 35 -26.11 6.74 -28.16
N TRP B 36 -26.20 6.37 -29.47
CA TRP B 36 -25.21 6.17 -30.55
C TRP B 36 -24.84 4.73 -30.89
N VAL B 37 -25.80 3.84 -30.98
CA VAL B 37 -25.52 2.57 -31.63
C VAL B 37 -26.67 2.30 -32.61
N ARG B 38 -26.47 1.51 -33.65
CA ARG B 38 -27.60 1.26 -34.57
C ARG B 38 -27.50 -0.10 -35.20
N GLN B 39 -28.60 -0.66 -35.64
CA GLN B 39 -28.42 -1.87 -36.43
C GLN B 39 -29.45 -1.99 -37.52
N ALA B 40 -29.07 -2.59 -38.65
CA ALA B 40 -30.10 -2.94 -39.61
C ALA B 40 -30.94 -3.99 -38.94
N PRO B 41 -32.22 -4.06 -39.23
CA PRO B 41 -33.00 -5.15 -38.75
C PRO B 41 -32.39 -6.37 -39.41
N GLY B 42 -32.40 -7.50 -38.72
CA GLY B 42 -31.77 -8.68 -39.30
C GLY B 42 -30.24 -8.64 -39.16
N GLN B 43 -29.72 -7.68 -38.38
CA GLN B 43 -28.27 -7.49 -38.29
C GLN B 43 -27.78 -7.17 -36.89
N GLY B 44 -26.54 -7.55 -36.63
CA GLY B 44 -25.88 -7.27 -35.35
C GLY B 44 -25.64 -5.78 -35.20
N LEU B 45 -25.48 -5.36 -33.96
CA LEU B 45 -25.31 -3.96 -33.69
C LEU B 45 -24.06 -3.35 -34.29
N GLU B 46 -24.22 -2.15 -34.81
CA GLU B 46 -23.12 -1.38 -35.29
C GLU B 46 -22.80 -0.32 -34.28
N TRP B 47 -21.55 -0.25 -33.89
CA TRP B 47 -21.17 0.83 -33.01
C TRP B 47 -21.27 2.12 -33.77
N MET B 48 -21.81 3.17 -33.19
CA MET B 48 -21.76 4.41 -33.94
C MET B 48 -20.72 5.38 -33.41
N GLY B 49 -19.99 5.01 -32.38
CA GLY B 49 -19.19 6.00 -31.71
C GLY B 49 -20.02 6.50 -30.53
N TRP B 50 -19.53 7.48 -29.81
CA TRP B 50 -20.22 7.95 -28.64
C TRP B 50 -19.95 9.41 -28.41
N ILE B 51 -20.67 10.02 -27.49
CA ILE B 51 -20.41 11.42 -27.22
C ILE B 51 -20.19 11.67 -25.77
N ASN B 52 -19.25 12.55 -25.50
CA ASN B 52 -19.03 13.01 -24.16
C ASN B 52 -19.86 14.22 -23.93
N PRO B 53 -21.08 14.11 -23.39
CA PRO B 53 -22.02 15.20 -23.19
C PRO B 53 -21.49 16.32 -22.32
N LYS B 54 -20.46 16.06 -21.54
CA LYS B 54 -19.93 17.13 -20.72
C LYS B 54 -19.29 18.19 -21.61
N SER B 55 -18.70 17.75 -22.73
CA SER B 55 -18.05 18.67 -23.67
C SER B 55 -18.59 18.57 -25.08
N GLY B 56 -19.43 17.59 -25.34
CA GLY B 56 -20.03 17.36 -26.64
C GLY B 56 -19.13 16.67 -27.67
N GLU B 57 -17.96 16.17 -27.27
CA GLU B 57 -17.09 15.58 -28.26
C GLU B 57 -17.59 14.32 -28.94
N THR B 58 -17.30 14.21 -30.23
CA THR B 58 -17.63 13.05 -31.06
C THR B 58 -16.59 11.98 -30.90
N HIS B 59 -17.02 10.75 -30.69
CA HIS B 59 -16.01 9.74 -30.48
C HIS B 59 -16.16 8.36 -31.09
N TYR B 60 -15.58 8.17 -32.23
CA TYR B 60 -15.69 9.04 -33.35
C TYR B 60 -16.17 8.25 -34.56
N ALA B 61 -16.50 6.96 -34.33
CA ALA B 61 -16.63 5.97 -35.40
C ALA B 61 -17.55 6.28 -36.57
N GLN B 62 -18.69 6.91 -36.39
CA GLN B 62 -19.48 7.15 -37.58
C GLN B 62 -19.10 8.32 -38.40
N LYS B 63 -18.11 9.09 -37.95
CA LYS B 63 -17.62 10.18 -38.78
C LYS B 63 -17.10 9.60 -40.10
N PHE B 64 -16.83 8.28 -40.14
CA PHE B 64 -16.35 7.67 -41.36
C PHE B 64 -17.41 7.84 -42.44
N ARG B 65 -18.69 7.77 -42.07
CA ARG B 65 -19.71 8.12 -43.04
C ARG B 65 -19.97 9.60 -43.02
N GLY B 66 -19.79 10.18 -41.83
CA GLY B 66 -20.00 11.58 -41.54
C GLY B 66 -21.48 11.88 -41.33
N TRP B 67 -22.30 10.84 -41.29
CA TRP B 67 -23.73 11.00 -41.12
C TRP B 67 -24.22 11.57 -39.82
N VAL B 68 -23.43 11.50 -38.75
CA VAL B 68 -24.01 11.95 -37.50
C VAL B 68 -23.18 12.85 -36.61
N THR B 69 -23.90 13.81 -36.02
CA THR B 69 -23.40 14.69 -34.98
C THR B 69 -24.52 14.80 -33.99
N LEU B 70 -24.26 15.26 -32.76
CA LEU B 70 -25.39 15.40 -31.86
C LEU B 70 -25.69 16.79 -31.42
N THR B 71 -26.98 17.10 -31.32
CA THR B 71 -27.36 18.34 -30.72
C THR B 71 -27.32 18.09 -29.24
N ARG B 72 -26.68 18.98 -28.52
CA ARG B 72 -26.52 18.78 -27.10
C ARG B 72 -26.81 19.99 -26.28
N ASP B 73 -28.05 20.41 -26.23
CA ASP B 73 -28.32 21.54 -25.38
C ASP B 73 -28.24 21.06 -23.94
N THR B 74 -27.36 21.66 -23.15
CA THR B 74 -27.16 21.20 -21.79
C THR B 74 -28.24 21.65 -20.84
N SER B 75 -29.07 22.60 -21.26
CA SER B 75 -30.17 23.05 -20.42
C SER B 75 -31.41 22.18 -20.60
N ILE B 76 -31.33 21.14 -21.43
CA ILE B 76 -32.47 20.28 -21.62
C ILE B 76 -32.07 18.87 -21.32
N SER B 77 -33.07 18.02 -21.15
CA SER B 77 -32.85 16.63 -20.78
C SER B 77 -32.54 15.71 -21.94
N THR B 78 -32.39 16.24 -23.16
CA THR B 78 -32.11 15.36 -24.29
C THR B 78 -31.02 15.81 -25.21
N THR B 79 -30.60 14.86 -26.04
CA THR B 79 -29.66 15.15 -27.11
C THR B 79 -30.25 14.56 -28.36
N TYR B 80 -29.75 15.00 -29.49
CA TYR B 80 -30.31 14.51 -30.71
C TYR B 80 -29.27 13.96 -31.59
N MET B 81 -29.45 12.75 -32.07
CA MET B 81 -28.46 12.24 -32.96
C MET B 81 -28.82 12.77 -34.30
N ASP B 82 -28.26 13.92 -34.62
CA ASP B 82 -28.55 14.56 -35.88
C ASP B 82 -28.00 13.72 -36.98
N LEU B 83 -28.81 13.47 -37.97
CA LEU B 83 -28.36 12.66 -39.06
C LEU B 83 -28.40 13.42 -40.35
N THR B 84 -27.50 13.09 -41.26
CA THR B 84 -27.55 13.68 -42.58
C THR B 84 -27.32 12.62 -43.62
N ARG B 85 -27.71 12.95 -44.86
CA ARG B 85 -27.52 12.04 -45.99
C ARG B 85 -28.14 10.69 -45.74
N LEU B 86 -29.26 10.66 -45.03
CA LEU B 86 -29.90 9.40 -44.69
C LEU B 86 -30.39 8.74 -45.95
N LYS B 87 -30.25 7.44 -46.04
CA LYS B 87 -30.74 6.76 -47.23
C LYS B 87 -31.54 5.53 -46.91
N SER B 88 -32.45 5.19 -47.82
CA SER B 88 -33.27 4.02 -47.67
C SER B 88 -32.52 2.75 -48.03
N ASP B 89 -31.27 2.88 -48.49
CA ASP B 89 -30.46 1.72 -48.76
C ASP B 89 -29.72 1.24 -47.52
N ASP B 90 -30.00 1.85 -46.37
CA ASP B 90 -29.42 1.39 -45.13
C ASP B 90 -30.37 1.65 -43.99
N THR B 91 -31.35 0.76 -43.85
CA THR B 91 -32.33 0.86 -42.79
C THR B 91 -31.68 0.53 -41.46
N ALA B 92 -32.17 1.10 -40.38
CA ALA B 92 -31.63 0.73 -39.08
C ALA B 92 -32.52 1.10 -37.94
N VAL B 93 -32.33 0.44 -36.82
CA VAL B 93 -32.97 0.87 -35.62
C VAL B 93 -31.88 1.48 -34.74
N TYR B 94 -31.99 2.76 -34.50
CA TYR B 94 -31.05 3.45 -33.64
C TYR B 94 -31.30 3.18 -32.18
N PHE B 95 -30.26 3.14 -31.36
CA PHE B 95 -30.42 2.94 -29.92
C PHE B 95 -29.46 3.82 -29.12
N CYS B 96 -29.78 4.01 -27.85
CA CYS B 96 -28.97 4.84 -26.98
C CYS B 96 -28.45 4.18 -25.69
N ALA B 97 -27.38 3.40 -25.82
CA ALA B 97 -26.64 2.80 -24.71
C ALA B 97 -26.04 3.87 -23.78
N ARG B 98 -25.82 3.55 -22.51
CA ARG B 98 -25.21 4.52 -21.61
C ARG B 98 -23.86 4.08 -21.02
N GLY B 99 -22.89 4.99 -21.06
CA GLY B 99 -21.53 4.76 -20.57
C GLY B 99 -21.33 5.22 -19.14
N ASP B 100 -20.07 5.41 -18.73
CA ASP B 100 -19.80 5.87 -17.37
C ASP B 100 -18.80 7.04 -17.31
N LEU B 101 -19.29 8.22 -17.62
CA LEU B 101 -18.56 9.47 -17.63
C LEU B 101 -18.03 9.92 -16.28
N GLU B 102 -16.87 10.59 -16.33
CA GLU B 102 -16.13 11.12 -15.20
C GLU B 102 -15.45 10.05 -14.40
N THR B 103 -15.03 9.00 -15.08
CA THR B 103 -14.30 7.94 -14.45
C THR B 103 -13.09 7.60 -15.28
N THR B 104 -12.14 6.90 -14.68
CA THR B 104 -11.03 6.42 -15.47
C THR B 104 -11.59 5.40 -16.43
N ILE B 105 -11.13 5.37 -17.66
CA ILE B 105 -11.78 4.45 -18.54
C ILE B 105 -11.15 3.11 -18.58
N PHE B 106 -11.82 2.21 -17.87
CA PHE B 106 -11.55 0.79 -17.82
C PHE B 106 -12.65 0.05 -18.56
N PHE B 107 -13.36 0.78 -19.41
CA PHE B 107 -14.61 0.26 -19.90
C PHE B 107 -14.53 -1.09 -20.57
N TYR B 108 -15.51 -1.97 -20.24
CA TYR B 108 -16.94 -1.72 -19.88
C TYR B 108 -17.71 -0.97 -20.91
N ASN B 109 -17.94 -1.60 -22.04
CA ASN B 109 -18.69 -1.00 -23.10
C ASN B 109 -20.07 -0.67 -22.58
N ALA B 110 -20.62 0.44 -23.04
CA ALA B 110 -21.87 0.96 -22.52
C ALA B 110 -23.00 -0.04 -22.52
N VAL B 111 -23.79 0.05 -21.47
CA VAL B 111 -24.92 -0.83 -21.30
C VAL B 111 -26.05 -0.39 -22.18
N ASP B 112 -26.71 -1.31 -22.86
CA ASP B 112 -27.83 -0.86 -23.65
C ASP B 112 -29.05 -0.70 -22.77
N VAL B 113 -29.03 0.38 -21.98
CA VAL B 113 -30.11 0.70 -21.10
C VAL B 113 -31.34 1.10 -21.87
N TRP B 114 -31.12 1.65 -23.05
CA TRP B 114 -32.18 2.06 -23.91
C TRP B 114 -31.82 1.78 -25.36
N GLY B 115 -32.42 0.74 -25.93
CA GLY B 115 -33.82 0.29 -25.71
C GLY B 115 -34.74 0.94 -26.74
N GLN B 116 -36.01 0.53 -26.79
CA GLN B 116 -36.94 1.16 -27.75
C GLN B 116 -36.34 1.15 -29.16
N GLY B 117 -35.70 2.27 -29.48
CA GLY B 117 -35.01 2.55 -30.69
C GLY B 117 -35.83 3.30 -31.70
N THR B 118 -35.16 3.72 -32.76
CA THR B 118 -35.82 4.44 -33.83
C THR B 118 -35.56 3.78 -35.16
N LEU B 119 -36.54 3.08 -35.67
CA LEU B 119 -36.37 2.52 -36.98
C LEU B 119 -36.37 3.59 -38.05
N VAL B 120 -35.51 3.44 -39.03
CA VAL B 120 -35.63 4.28 -40.20
C VAL B 120 -35.63 3.36 -41.38
N THR B 121 -36.23 3.80 -42.47
CA THR B 121 -36.22 2.98 -43.66
C THR B 121 -35.60 3.71 -44.80
N ASP C 1 14.14 -12.17 -56.80
CA ASP C 1 15.19 -11.17 -56.75
C ASP C 1 14.66 -9.78 -56.56
N VAL C 2 15.14 -9.11 -55.53
CA VAL C 2 14.77 -7.75 -55.30
C VAL C 2 15.26 -6.87 -56.39
N LYS C 3 14.44 -5.95 -56.86
CA LYS C 3 14.97 -5.10 -57.87
C LYS C 3 15.18 -3.73 -57.28
N LEU C 4 16.43 -3.30 -57.23
CA LEU C 4 16.63 -1.96 -56.79
C LEU C 4 16.23 -1.06 -57.94
N LEU C 5 15.48 -0.03 -57.64
CA LEU C 5 14.90 0.83 -58.64
C LEU C 5 15.37 2.23 -58.46
N GLU C 6 15.41 2.99 -59.52
CA GLU C 6 15.81 4.38 -59.36
C GLU C 6 14.84 5.33 -60.03
N SER C 7 14.66 6.47 -59.39
CA SER C 7 13.81 7.55 -59.84
C SER C 7 14.47 8.86 -59.47
N GLY C 8 14.03 9.96 -60.04
CA GLY C 8 14.72 11.20 -59.72
C GLY C 8 13.91 12.46 -59.95
N GLY C 9 14.06 12.99 -61.18
CA GLY C 9 15.30 12.80 -61.94
C GLY C 9 15.22 13.60 -63.23
N GLY C 10 16.20 13.44 -64.11
CA GLY C 10 16.21 14.23 -65.34
C GLY C 10 16.84 15.60 -65.15
N LEU C 11 16.55 16.50 -66.08
CA LEU C 11 17.17 17.83 -66.10
C LEU C 11 16.87 18.68 -64.88
N VAL C 12 17.91 19.35 -64.36
CA VAL C 12 17.78 20.27 -63.24
C VAL C 12 18.56 21.56 -63.52
N GLN C 13 17.98 22.72 -63.26
CA GLN C 13 18.80 23.92 -63.42
C GLN C 13 19.91 23.90 -62.37
N PRO C 14 21.11 24.38 -62.67
CA PRO C 14 22.21 24.41 -61.74
C PRO C 14 21.84 25.30 -60.58
N GLY C 15 22.31 24.94 -59.41
CA GLY C 15 22.01 25.63 -58.18
C GLY C 15 20.60 25.23 -57.69
N GLY C 16 20.00 24.24 -58.36
CA GLY C 16 18.65 23.77 -58.06
C GLY C 16 18.62 22.68 -57.04
N SER C 17 17.50 21.97 -57.00
CA SER C 17 17.35 20.86 -56.08
C SER C 17 16.63 19.70 -56.75
N LEU C 18 16.84 18.50 -56.21
CA LEU C 18 16.23 17.31 -56.77
C LEU C 18 16.04 16.23 -55.72
N LYS C 19 14.84 15.70 -55.51
CA LYS C 19 14.87 14.60 -54.57
C LYS C 19 15.07 13.32 -55.32
N LEU C 20 16.34 12.94 -55.43
CA LEU C 20 16.74 11.72 -56.11
C LEU C 20 16.31 10.52 -55.26
N SER C 21 15.87 9.44 -55.88
CA SER C 21 15.37 8.35 -55.03
C SER C 21 15.54 6.93 -55.58
N CYS C 22 15.34 5.96 -54.70
CA CYS C 22 15.38 4.55 -55.10
C CYS C 22 14.34 3.74 -54.36
N ALA C 23 14.11 2.53 -54.84
CA ALA C 23 13.14 1.65 -54.21
C ALA C 23 13.53 0.19 -54.38
N ALA C 24 13.08 -0.66 -53.49
CA ALA C 24 13.47 -2.07 -53.58
C ALA C 24 12.27 -2.97 -53.85
N SER C 25 11.95 -3.20 -55.12
CA SER C 25 10.80 -4.03 -55.40
C SER C 25 11.04 -5.44 -54.95
N GLY C 26 10.00 -6.05 -54.38
CA GLY C 26 10.07 -7.44 -53.96
C GLY C 26 10.82 -7.58 -52.63
N PHE C 27 11.13 -6.47 -51.98
CA PHE C 27 11.92 -6.50 -50.76
C PHE C 27 11.16 -6.17 -49.50
N SER C 28 11.48 -6.83 -48.42
CA SER C 28 10.90 -6.41 -47.18
C SER C 28 11.87 -5.45 -46.52
N LEU C 29 11.68 -4.15 -46.71
CA LEU C 29 12.60 -3.26 -46.02
C LEU C 29 12.32 -3.37 -44.54
N SER C 30 13.39 -3.50 -43.79
CA SER C 30 13.28 -3.67 -42.36
C SER C 30 14.59 -3.27 -41.75
N THR C 31 14.65 -3.27 -40.43
CA THR C 31 15.92 -3.03 -39.78
C THR C 31 16.88 -4.20 -40.06
N SER C 32 16.30 -5.37 -40.37
CA SER C 32 17.10 -6.49 -40.74
C SER C 32 17.68 -6.16 -42.06
N GLY C 33 18.87 -6.62 -42.32
CA GLY C 33 19.47 -6.27 -43.57
C GLY C 33 20.10 -4.88 -43.55
N VAL C 34 20.17 -4.25 -42.37
CA VAL C 34 20.94 -3.02 -42.14
C VAL C 34 20.56 -1.74 -42.84
N GLY C 35 20.67 -1.74 -44.14
CA GLY C 35 20.61 -0.48 -44.79
C GLY C 35 20.83 -0.58 -46.26
N VAL C 36 21.02 0.58 -46.85
CA VAL C 36 21.20 0.67 -48.27
C VAL C 36 22.43 1.50 -48.57
N GLY C 37 23.07 1.21 -49.69
CA GLY C 37 24.17 2.01 -50.18
C GLY C 37 23.57 3.23 -50.83
N TRP C 38 24.35 4.05 -51.49
CA TRP C 38 23.71 5.20 -52.07
C TRP C 38 24.44 5.61 -53.30
N PHE C 39 23.86 6.52 -54.03
CA PHE C 39 24.34 6.76 -55.35
C PHE C 39 25.78 7.13 -55.47
N ARG C 40 26.42 6.51 -56.45
CA ARG C 40 27.80 6.77 -56.81
C ARG C 40 27.74 7.35 -58.16
N GLN C 41 28.69 8.21 -58.48
CA GLN C 41 28.64 8.82 -59.79
C GLN C 41 29.33 7.89 -60.79
N PRO C 42 28.61 7.32 -61.78
CA PRO C 42 29.12 6.50 -62.88
C PRO C 42 29.96 7.30 -63.84
N SER C 43 29.74 8.62 -63.85
CA SER C 43 30.56 9.48 -64.66
C SER C 43 31.96 9.37 -64.13
N GLY C 44 32.92 9.53 -64.99
CA GLY C 44 34.26 9.35 -64.50
C GLY C 44 35.26 10.12 -65.32
N LYS C 45 36.51 10.11 -64.83
CA LYS C 45 36.87 10.17 -63.41
C LYS C 45 36.82 8.82 -62.68
N GLY C 46 35.91 8.68 -61.72
CA GLY C 46 35.93 7.55 -60.80
C GLY C 46 34.81 7.64 -59.77
N LEU C 47 34.95 6.81 -58.74
CA LEU C 47 34.00 6.65 -57.63
C LEU C 47 33.66 7.94 -56.91
N GLU C 48 32.40 8.04 -56.49
CA GLU C 48 31.97 9.18 -55.71
C GLU C 48 31.17 8.69 -54.50
N TRP C 49 30.05 9.33 -54.23
CA TRP C 49 29.32 9.10 -53.00
C TRP C 49 28.76 7.73 -52.69
N LEU C 50 28.86 7.34 -51.44
CA LEU C 50 28.21 6.18 -50.86
C LEU C 50 27.49 6.71 -49.63
N ALA C 51 26.38 6.15 -49.20
CA ALA C 51 25.88 6.67 -47.93
C ALA C 51 25.87 5.62 -46.89
N LEU C 52 26.13 6.01 -45.67
CA LEU C 52 26.11 5.08 -44.57
C LEU C 52 24.70 5.02 -44.05
N ILE C 53 23.79 4.44 -44.81
CA ILE C 53 22.42 4.46 -44.33
C ILE C 53 22.09 3.28 -43.50
N TRP C 54 21.74 3.55 -42.26
CA TRP C 54 21.27 2.55 -41.35
C TRP C 54 19.85 2.81 -41.10
N TRP C 55 19.08 1.76 -40.86
CA TRP C 55 17.67 2.00 -40.66
C TRP C 55 17.39 3.02 -39.54
N ASP C 56 18.27 3.09 -38.55
CA ASP C 56 18.12 4.10 -37.50
C ASP C 56 19.09 5.25 -37.57
N ASP C 57 19.89 5.32 -38.61
CA ASP C 57 20.87 6.38 -38.64
C ASP C 57 21.36 6.70 -40.03
N ASP C 58 20.84 7.72 -40.66
CA ASP C 58 21.42 8.09 -41.92
C ASP C 58 22.76 8.72 -41.61
N LYS C 59 23.82 8.26 -42.24
CA LYS C 59 25.11 8.88 -41.99
C LYS C 59 25.74 9.31 -43.28
N TYR C 60 26.55 10.34 -43.18
CA TYR C 60 27.13 10.90 -44.36
C TYR C 60 28.58 10.54 -44.51
N TYR C 61 28.85 9.87 -45.60
CA TYR C 61 30.14 9.42 -46.06
C TYR C 61 31.19 10.49 -46.14
N ASN C 62 30.77 11.62 -46.63
CA ASN C 62 31.59 12.80 -46.73
C ASN C 62 30.74 14.00 -46.48
N PRO C 63 30.56 14.39 -45.22
CA PRO C 63 29.71 15.45 -44.73
C PRO C 63 29.95 16.80 -45.39
N SER C 64 31.13 17.04 -45.97
CA SER C 64 31.33 18.32 -46.65
C SER C 64 30.36 18.49 -47.81
N LEU C 65 29.94 17.37 -48.36
CA LEU C 65 29.05 17.35 -49.50
C LEU C 65 27.62 17.64 -49.13
N LYS C 66 27.34 17.65 -47.82
CA LYS C 66 26.02 17.94 -47.32
C LYS C 66 25.52 19.31 -47.72
N SER C 67 26.43 20.20 -48.13
CA SER C 67 25.94 21.48 -48.61
C SER C 67 24.99 21.29 -49.79
N GLN C 68 25.15 20.18 -50.55
CA GLN C 68 24.20 19.86 -51.58
C GLN C 68 23.30 18.68 -51.23
N LEU C 69 23.65 17.89 -50.21
CA LEU C 69 22.81 16.73 -49.94
C LEU C 69 22.39 16.41 -48.52
N SER C 70 21.24 15.73 -48.42
CA SER C 70 20.78 15.15 -47.16
C SER C 70 20.01 13.88 -47.49
N ILE C 71 19.87 12.97 -46.53
CA ILE C 71 19.22 11.69 -46.85
C ILE C 71 18.09 11.32 -45.91
N SER C 72 17.02 10.72 -46.48
CA SER C 72 15.89 10.26 -45.69
C SER C 72 15.27 9.01 -46.29
N LYS C 73 14.46 8.28 -45.53
CA LYS C 73 13.82 7.08 -46.06
C LYS C 73 12.38 6.84 -45.59
N ASP C 74 11.68 6.03 -46.38
CA ASP C 74 10.33 5.56 -46.15
C ASP C 74 10.32 4.06 -45.86
N PHE C 75 9.71 3.60 -44.77
CA PHE C 75 9.57 2.15 -44.60
C PHE C 75 8.20 1.62 -44.98
N SER C 76 7.21 2.51 -45.12
CA SER C 76 5.86 2.07 -45.54
C SER C 76 5.90 1.54 -46.95
N ARG C 77 6.88 2.02 -47.69
CA ARG C 77 7.19 1.59 -49.02
C ARG C 77 8.65 1.40 -48.99
N ASN C 78 9.21 0.54 -49.81
CA ASN C 78 10.64 0.38 -49.69
C ASN C 78 11.28 1.50 -50.42
N GLN C 79 11.44 2.66 -49.79
CA GLN C 79 12.00 3.76 -50.53
C GLN C 79 12.98 4.62 -49.76
N VAL C 80 13.92 5.17 -50.50
CA VAL C 80 14.95 6.03 -49.95
C VAL C 80 15.14 7.25 -50.81
N PHE C 81 15.50 8.37 -50.19
CA PHE C 81 15.55 9.62 -50.91
C PHE C 81 16.79 10.43 -50.64
N LEU C 82 17.15 11.27 -51.60
CA LEU C 82 18.28 12.14 -51.50
C LEU C 82 17.86 13.57 -51.74
N LYS C 83 18.15 14.42 -50.80
CA LYS C 83 17.73 15.80 -50.86
C LYS C 83 18.79 16.64 -51.52
N ILE C 84 18.85 16.55 -52.84
CA ILE C 84 19.82 17.32 -53.58
C ILE C 84 19.45 18.78 -53.59
N SER C 85 20.42 19.65 -53.35
CA SER C 85 20.19 21.08 -53.43
C SER C 85 21.46 21.77 -53.90
N ASN C 86 21.37 23.02 -54.35
CA ASN C 86 22.55 23.76 -54.76
C ASN C 86 23.35 23.01 -55.80
N VAL C 87 22.70 22.50 -56.84
CA VAL C 87 23.40 21.58 -57.72
C VAL C 87 24.61 22.11 -58.47
N ASP C 88 25.70 21.33 -58.36
CA ASP C 88 26.93 21.47 -59.11
C ASP C 88 26.80 20.80 -60.46
N ILE C 89 27.08 21.52 -61.53
CA ILE C 89 26.95 20.91 -62.85
C ILE C 89 27.88 19.71 -63.07
N ALA C 90 28.99 19.67 -62.33
CA ALA C 90 29.97 18.59 -62.43
C ALA C 90 29.43 17.27 -61.91
N ASP C 91 28.35 17.32 -61.17
CA ASP C 91 27.78 16.13 -60.60
C ASP C 91 26.80 15.41 -61.47
N THR C 92 26.60 15.81 -62.73
CA THR C 92 25.61 15.02 -63.45
C THR C 92 26.10 13.60 -63.68
N ALA C 93 25.20 12.65 -63.49
CA ALA C 93 25.50 11.25 -63.72
C ALA C 93 24.24 10.44 -63.76
N THR C 94 24.36 9.20 -64.20
CA THR C 94 23.20 8.35 -64.10
C THR C 94 23.00 7.80 -62.66
N TYR C 95 24.00 7.96 -61.79
CA TYR C 95 23.89 7.67 -60.35
C TYR C 95 23.44 6.31 -59.89
N TYR C 96 24.36 5.43 -59.56
CA TYR C 96 23.88 4.13 -59.10
C TYR C 96 23.90 3.91 -57.60
N CYS C 97 22.71 3.64 -57.05
CA CYS C 97 22.52 3.22 -55.67
C CYS C 97 22.71 1.73 -55.62
N ALA C 98 23.02 1.18 -54.46
CA ALA C 98 23.19 -0.27 -54.40
C ALA C 98 22.78 -0.82 -53.05
N ARG C 99 22.26 -2.05 -53.03
CA ARG C 99 21.85 -2.62 -51.74
C ARG C 99 22.25 -4.07 -51.47
N ARG C 100 23.53 -4.39 -51.36
CA ARG C 100 23.87 -5.78 -51.06
C ARG C 100 23.42 -6.17 -49.68
N ASP C 101 23.01 -7.41 -49.52
CA ASP C 101 22.65 -7.84 -48.19
C ASP C 101 23.93 -7.81 -47.36
N PRO C 102 23.91 -7.25 -46.15
CA PRO C 102 25.03 -7.12 -45.24
C PRO C 102 25.49 -8.46 -44.80
N PHE C 103 26.73 -8.53 -44.44
CA PHE C 103 27.37 -9.73 -44.00
C PHE C 103 27.64 -9.53 -42.54
N GLY C 104 26.56 -9.18 -41.82
CA GLY C 104 26.61 -8.81 -40.44
C GLY C 104 27.30 -7.47 -40.38
N TYR C 105 28.25 -7.34 -39.49
CA TYR C 105 29.00 -6.11 -39.39
C TYR C 105 29.72 -5.75 -40.69
N ASP C 106 30.00 -6.73 -41.55
CA ASP C 106 30.65 -6.41 -42.80
C ASP C 106 29.59 -6.00 -43.82
N ASN C 107 29.22 -4.73 -43.74
CA ASN C 107 28.21 -4.15 -44.59
C ASN C 107 28.76 -3.76 -45.97
N ALA C 108 29.10 -4.76 -46.78
CA ALA C 108 29.66 -4.57 -48.12
C ALA C 108 28.56 -4.28 -49.15
N MET C 109 28.06 -3.05 -49.17
CA MET C 109 26.90 -2.73 -50.01
C MET C 109 27.12 -2.50 -51.52
N GLY C 110 27.23 -3.61 -52.23
CA GLY C 110 27.21 -3.70 -53.69
C GLY C 110 25.76 -3.93 -54.06
N TYR C 111 25.48 -4.52 -55.23
CA TYR C 111 24.11 -4.84 -55.67
C TYR C 111 23.45 -3.63 -56.30
N TRP C 112 24.11 -3.08 -57.30
CA TRP C 112 23.66 -1.85 -57.92
C TRP C 112 22.30 -1.99 -58.60
N GLY C 113 21.51 -0.93 -58.47
CA GLY C 113 20.16 -0.83 -59.01
C GLY C 113 20.09 -0.21 -60.39
N GLN C 114 18.88 0.21 -60.76
CA GLN C 114 18.65 0.89 -62.02
C GLN C 114 19.34 2.24 -62.09
N GLY C 115 19.78 2.62 -63.28
CA GLY C 115 20.29 3.98 -63.56
C GLY C 115 19.13 4.99 -63.73
N THR C 116 19.45 6.28 -63.66
CA THR C 116 18.53 7.41 -63.96
C THR C 116 19.36 8.36 -64.79
N SER C 117 18.80 9.39 -65.38
CA SER C 117 19.71 10.30 -66.05
C SER C 117 19.67 11.70 -65.43
N VAL C 118 20.58 11.99 -64.51
CA VAL C 118 20.59 13.35 -63.97
C VAL C 118 21.34 14.25 -64.91
N THR C 119 20.72 15.34 -65.31
CA THR C 119 21.38 16.32 -66.17
C THR C 119 21.11 17.72 -65.67
N VAL C 120 21.89 18.71 -66.11
CA VAL C 120 21.60 20.09 -65.75
C VAL C 120 21.62 21.05 -66.93
N SER C 121 20.99 22.21 -66.74
CA SER C 121 20.97 23.28 -67.75
C SER C 121 20.43 24.59 -67.19
N ASP D 1 39.67 10.19 -44.93
CA ASP D 1 40.47 9.57 -43.88
C ASP D 1 41.60 8.73 -44.45
N ILE D 2 41.21 7.77 -45.28
CA ILE D 2 42.13 6.83 -45.90
C ILE D 2 42.03 6.91 -47.39
N VAL D 3 43.15 6.78 -48.06
CA VAL D 3 43.13 6.85 -49.50
C VAL D 3 43.66 5.58 -50.08
N MET D 4 43.33 5.35 -51.33
CA MET D 4 43.67 4.11 -51.98
C MET D 4 44.11 4.26 -53.41
N THR D 5 44.96 3.33 -53.83
CA THR D 5 45.43 3.32 -55.19
C THR D 5 45.29 1.91 -55.73
N GLN D 6 45.37 1.79 -57.04
CA GLN D 6 45.24 0.52 -57.70
C GLN D 6 46.12 0.48 -58.92
N SER D 7 46.50 -0.73 -59.35
CA SER D 7 47.35 -0.81 -60.52
C SER D 7 46.61 -0.15 -61.70
N PRO D 8 47.34 0.39 -62.68
CA PRO D 8 46.88 1.24 -63.77
C PRO D 8 45.84 0.61 -64.65
N LEU D 9 44.99 1.46 -65.21
CA LEU D 9 44.00 1.04 -66.17
C LEU D 9 44.57 0.37 -67.38
N SER D 10 45.75 0.83 -67.83
CA SER D 10 46.30 0.27 -69.04
C SER D 10 47.16 -0.93 -68.78
N LEU D 11 46.51 -2.07 -68.90
CA LEU D 11 47.13 -3.37 -68.80
C LEU D 11 46.80 -4.12 -70.08
N SER D 12 47.60 -5.10 -70.49
CA SER D 12 47.21 -5.86 -71.67
C SER D 12 47.35 -7.35 -71.44
N THR D 13 46.42 -8.09 -72.03
CA THR D 13 46.30 -9.54 -71.90
C THR D 13 45.96 -10.30 -73.17
N SER D 14 46.06 -11.62 -73.04
CA SER D 14 45.63 -12.57 -74.05
C SER D 14 44.94 -13.70 -73.30
N VAL D 15 44.17 -14.51 -74.01
CA VAL D 15 43.39 -15.54 -73.33
C VAL D 15 44.25 -16.60 -72.66
N GLY D 16 43.85 -16.96 -71.46
CA GLY D 16 44.51 -17.93 -70.61
C GLY D 16 45.68 -17.36 -69.83
N ASP D 17 45.92 -16.04 -69.88
CA ASP D 17 46.99 -15.50 -69.05
C ASP D 17 46.59 -15.45 -67.60
N ARG D 18 47.36 -16.06 -66.71
CA ARG D 18 47.04 -15.81 -65.32
C ARG D 18 47.37 -14.37 -65.05
N VAL D 19 46.52 -13.67 -64.31
CA VAL D 19 46.80 -12.27 -63.99
C VAL D 19 46.55 -11.99 -62.54
N SER D 20 47.07 -10.87 -62.06
CA SER D 20 46.68 -10.44 -60.75
C SER D 20 46.64 -8.93 -60.71
N LEU D 21 45.91 -8.41 -59.74
CA LEU D 21 45.75 -6.99 -59.58
C LEU D 21 46.17 -6.57 -58.20
N THR D 22 46.58 -5.33 -58.03
CA THR D 22 46.90 -4.91 -56.68
C THR D 22 46.34 -3.55 -56.35
N CYS D 23 46.26 -3.29 -55.05
CA CYS D 23 45.87 -2.00 -54.57
C CYS D 23 46.68 -1.66 -53.35
N LYS D 24 46.67 -0.40 -53.00
CA LYS D 24 47.39 0.04 -51.83
C LYS D 24 46.54 0.99 -51.03
N ALA D 25 46.85 1.13 -49.75
CA ALA D 25 46.07 2.05 -48.93
C ALA D 25 46.94 2.73 -47.92
N SER D 26 46.48 3.90 -47.46
CA SER D 26 47.23 4.69 -46.50
C SER D 26 47.09 4.24 -45.05
N GLN D 27 46.36 3.14 -44.82
CA GLN D 27 46.17 2.65 -43.46
C GLN D 27 46.13 1.14 -43.43
N ASN D 28 46.51 0.55 -42.30
CA ASN D 28 46.47 -0.90 -42.23
C ASN D 28 45.05 -1.35 -41.93
N VAL D 29 44.35 -1.62 -43.02
CA VAL D 29 42.97 -2.08 -43.07
C VAL D 29 42.68 -3.42 -42.41
N GLY D 30 43.71 -4.23 -42.19
CA GLY D 30 43.47 -5.58 -41.74
C GLY D 30 42.84 -6.31 -42.92
N THR D 31 41.76 -7.03 -42.68
CA THR D 31 41.09 -7.75 -43.76
C THR D 31 39.80 -7.09 -44.26
N ALA D 32 39.48 -5.87 -43.79
CA ALA D 32 38.20 -5.25 -44.14
C ALA D 32 38.16 -4.63 -45.52
N VAL D 33 38.16 -5.46 -46.55
CA VAL D 33 38.09 -4.98 -47.92
C VAL D 33 37.15 -5.73 -48.81
N ALA D 34 36.89 -5.17 -49.98
CA ALA D 34 36.19 -5.91 -51.00
C ALA D 34 36.60 -5.48 -52.40
N TRP D 35 36.42 -6.38 -53.36
CA TRP D 35 36.73 -6.11 -54.76
C TRP D 35 35.48 -6.22 -55.60
N TYR D 36 35.39 -5.46 -56.69
CA TYR D 36 34.26 -5.61 -57.59
C TYR D 36 34.70 -5.30 -59.00
N GLN D 37 33.83 -5.59 -59.95
CA GLN D 37 34.14 -5.26 -61.32
C GLN D 37 32.92 -4.76 -62.06
N GLN D 38 33.16 -4.00 -63.10
CA GLN D 38 32.02 -3.55 -63.87
C GLN D 38 32.37 -3.52 -65.33
N LYS D 39 31.38 -3.66 -66.17
CA LYS D 39 31.63 -3.62 -67.58
C LYS D 39 30.84 -2.45 -68.12
N PRO D 40 31.31 -1.78 -69.16
CA PRO D 40 30.67 -0.60 -69.67
C PRO D 40 29.28 -0.95 -70.12
N GLY D 41 28.37 -0.02 -69.91
CA GLY D 41 26.99 -0.21 -70.30
C GLY D 41 26.28 -1.10 -69.28
N GLN D 42 26.92 -1.42 -68.15
CA GLN D 42 26.32 -2.35 -67.20
C GLN D 42 26.54 -1.93 -65.78
N SER D 43 25.61 -2.32 -64.91
CA SER D 43 25.85 -2.07 -63.51
C SER D 43 26.98 -3.00 -63.08
N PRO D 44 27.77 -2.61 -62.11
CA PRO D 44 28.84 -3.36 -61.44
C PRO D 44 28.37 -4.58 -60.66
N LYS D 45 29.25 -5.55 -60.48
CA LYS D 45 28.98 -6.65 -59.55
C LYS D 45 30.16 -6.88 -58.63
N LEU D 46 29.87 -7.20 -57.37
CA LEU D 46 30.92 -7.49 -56.39
C LEU D 46 31.66 -8.79 -56.69
N LEU D 47 32.95 -8.80 -56.40
CA LEU D 47 33.76 -10.01 -56.60
C LEU D 47 34.32 -10.66 -55.34
N ILE D 48 34.99 -9.88 -54.50
CA ILE D 48 35.63 -10.46 -53.34
C ILE D 48 35.12 -9.99 -52.00
N TYR D 49 34.53 -10.91 -51.27
CA TYR D 49 34.15 -10.69 -49.90
C TYR D 49 35.39 -10.64 -49.03
N SER D 50 35.49 -9.67 -48.14
CA SER D 50 36.65 -9.58 -47.27
C SER D 50 37.96 -9.55 -48.08
N ALA D 51 39.07 -9.86 -47.41
CA ALA D 51 40.35 -9.88 -48.10
C ALA D 51 40.52 -11.06 -49.06
N SER D 52 39.72 -12.11 -48.95
CA SER D 52 39.95 -13.25 -49.86
C SER D 52 38.73 -13.96 -50.41
N ASN D 53 37.66 -13.99 -49.64
CA ASN D 53 36.43 -14.71 -49.96
C ASN D 53 35.72 -14.15 -51.16
N ARG D 54 34.98 -14.95 -51.88
CA ARG D 54 34.35 -14.41 -53.06
C ARG D 54 32.84 -14.48 -52.97
N TYR D 55 32.22 -13.54 -53.63
CA TYR D 55 30.77 -13.45 -53.73
C TYR D 55 30.15 -14.54 -54.58
N THR D 56 28.90 -14.82 -54.31
CA THR D 56 28.21 -15.86 -55.05
C THR D 56 28.16 -15.52 -56.53
N GLY D 57 28.41 -16.56 -57.32
CA GLY D 57 28.42 -16.52 -58.77
C GLY D 57 29.74 -15.99 -59.35
N VAL D 58 30.73 -15.74 -58.49
CA VAL D 58 32.05 -15.36 -58.95
C VAL D 58 32.73 -16.61 -59.54
N PRO D 59 33.43 -16.50 -60.67
CA PRO D 59 34.17 -17.55 -61.35
C PRO D 59 35.26 -18.09 -60.46
N ASP D 60 35.65 -19.33 -60.70
CA ASP D 60 36.60 -20.02 -59.85
C ASP D 60 38.03 -19.58 -60.11
N ARG D 61 38.21 -18.61 -60.98
CA ARG D 61 39.48 -18.03 -61.23
C ARG D 61 39.85 -17.02 -60.16
N PHE D 62 38.87 -16.58 -59.36
CA PHE D 62 39.10 -15.44 -58.49
C PHE D 62 39.21 -15.64 -56.99
N THR D 63 40.35 -15.23 -56.43
CA THR D 63 40.39 -15.10 -54.97
C THR D 63 41.14 -13.84 -54.59
N GLY D 64 40.84 -13.30 -53.42
CA GLY D 64 41.55 -12.13 -52.91
C GLY D 64 42.87 -12.52 -52.25
N SER D 65 43.74 -11.54 -52.03
CA SER D 65 44.95 -11.76 -51.25
C SER D 65 45.47 -10.49 -50.57
N GLY D 66 46.35 -10.67 -49.60
CA GLY D 66 47.03 -9.57 -48.89
C GLY D 66 46.28 -9.06 -47.66
N SER D 67 46.89 -8.09 -46.99
CA SER D 67 46.30 -7.46 -45.81
C SER D 67 46.81 -6.04 -45.61
N GLY D 68 46.13 -5.29 -44.76
CA GLY D 68 46.63 -3.98 -44.40
C GLY D 68 46.67 -3.00 -45.54
N THR D 69 47.83 -2.40 -45.74
CA THR D 69 48.02 -1.43 -46.79
C THR D 69 48.20 -2.05 -48.17
N ASP D 70 48.28 -3.38 -48.27
CA ASP D 70 48.51 -4.02 -49.56
C ASP D 70 47.60 -5.21 -49.85
N PHE D 71 46.86 -5.14 -50.95
CA PHE D 71 46.02 -6.27 -51.33
C PHE D 71 46.15 -6.57 -52.78
N THR D 72 45.89 -7.82 -53.13
CA THR D 72 45.91 -8.22 -54.51
C THR D 72 44.72 -9.08 -54.86
N LEU D 73 44.48 -9.24 -56.13
CA LEU D 73 43.45 -10.13 -56.59
C LEU D 73 44.06 -11.13 -57.51
N THR D 74 43.94 -12.41 -57.18
CA THR D 74 44.45 -13.41 -58.08
C THR D 74 43.39 -13.83 -59.04
N ILE D 75 43.69 -13.81 -60.33
CA ILE D 75 42.76 -14.33 -61.28
C ILE D 75 43.43 -15.42 -62.09
N SER D 76 43.04 -16.66 -61.91
CA SER D 76 43.65 -17.68 -62.73
C SER D 76 43.18 -17.48 -64.15
N ASN D 77 44.07 -17.68 -65.10
CA ASN D 77 43.72 -17.59 -66.51
C ASN D 77 43.10 -16.26 -66.91
N MET D 78 42.69 -16.19 -68.16
CA MET D 78 41.97 -15.06 -68.69
C MET D 78 40.97 -15.51 -69.70
N GLN D 79 39.87 -14.79 -69.81
CA GLN D 79 38.95 -15.05 -70.89
C GLN D 79 38.58 -13.68 -71.41
N SER D 80 38.38 -13.54 -72.72
CA SER D 80 38.08 -12.20 -73.22
C SER D 80 36.78 -11.62 -72.68
N GLU D 81 35.82 -12.49 -72.39
CA GLU D 81 34.55 -12.06 -71.82
C GLU D 81 34.65 -11.64 -70.37
N ASP D 82 35.77 -11.95 -69.72
CA ASP D 82 35.92 -11.57 -68.35
C ASP D 82 36.54 -10.20 -68.20
N LEU D 83 36.78 -9.47 -69.30
CA LEU D 83 37.34 -8.17 -69.06
C LEU D 83 36.34 -7.27 -68.39
N ALA D 84 36.80 -6.51 -67.44
CA ALA D 84 35.98 -5.59 -66.73
C ALA D 84 36.85 -4.56 -66.09
N ASP D 85 36.28 -3.45 -65.68
CA ASP D 85 37.08 -2.57 -64.86
C ASP D 85 37.09 -3.20 -63.48
N TYR D 86 38.26 -3.39 -62.89
CA TYR D 86 38.33 -3.99 -61.57
C TYR D 86 38.67 -2.98 -60.51
N PHE D 87 38.09 -3.15 -59.33
CA PHE D 87 38.22 -2.20 -58.23
C PHE D 87 38.39 -2.87 -56.87
N CYS D 88 38.88 -2.10 -55.89
CA CYS D 88 38.94 -2.62 -54.52
C CYS D 88 38.66 -1.51 -53.48
N GLN D 89 38.28 -1.89 -52.25
CA GLN D 89 37.97 -0.88 -51.21
C GLN D 89 38.26 -1.22 -49.79
N GLN D 90 38.69 -0.21 -49.02
CA GLN D 90 38.82 -0.35 -47.57
C GLN D 90 37.48 -0.11 -46.93
N TYR D 91 37.16 -0.86 -45.89
CA TYR D 91 35.99 -0.52 -45.13
C TYR D 91 36.32 0.08 -43.80
N SER D 92 37.58 0.38 -43.56
CA SER D 92 37.97 0.81 -42.25
C SER D 92 37.68 2.27 -41.88
N SER D 93 37.32 3.10 -42.85
CA SER D 93 37.08 4.51 -42.54
C SER D 93 36.07 5.13 -43.45
N TYR D 94 35.61 6.31 -43.09
CA TYR D 94 34.64 6.97 -43.93
C TYR D 94 35.12 8.38 -44.29
N PRO D 95 34.93 8.79 -45.54
CA PRO D 95 34.34 8.06 -46.65
C PRO D 95 35.17 6.88 -47.12
N LEU D 96 34.45 5.87 -47.59
CA LEU D 96 34.99 4.69 -48.19
C LEU D 96 35.55 5.03 -49.57
N THR D 97 36.63 4.40 -50.01
CA THR D 97 37.05 4.72 -51.38
C THR D 97 37.40 3.49 -52.20
N PHE D 98 37.40 3.64 -53.51
CA PHE D 98 37.82 2.56 -54.38
C PHE D 98 39.10 2.87 -55.11
N GLY D 99 39.84 1.81 -55.39
CA GLY D 99 41.03 1.94 -56.20
C GLY D 99 40.59 2.27 -57.61
N ALA D 100 41.45 2.90 -58.40
CA ALA D 100 41.07 3.22 -59.76
C ALA D 100 40.72 1.94 -60.50
N GLY D 101 39.75 2.02 -61.40
CA GLY D 101 39.39 0.82 -62.12
C GLY D 101 40.50 0.40 -63.06
N THR D 102 40.61 -0.89 -63.30
CA THR D 102 41.56 -1.32 -64.33
C THR D 102 41.01 -2.38 -65.25
N LYS D 103 41.55 -2.47 -66.45
CA LYS D 103 41.07 -3.43 -67.43
C LYS D 103 42.22 -3.90 -68.28
N LEU D 104 42.11 -5.05 -68.93
CA LEU D 104 43.24 -5.42 -69.75
C LEU D 104 42.86 -5.49 -71.22
N GLU D 105 43.73 -4.94 -72.07
CA GLU D 105 43.55 -4.96 -73.52
C GLU D 105 43.65 -6.36 -74.06
N LEU D 106 42.91 -6.69 -75.09
CA LEU D 106 43.11 -8.01 -75.68
C LEU D 106 44.22 -7.95 -76.71
N ARG D 107 45.45 -7.86 -76.20
CA ARG D 107 46.64 -7.72 -77.01
C ARG D 107 47.81 -8.46 -76.39
N CYS E 1 -18.70 0.35 -4.22
CA CYS E 1 -17.92 0.18 -3.00
C CYS E 1 -17.92 1.44 -2.14
N ARG E 2 -19.12 1.97 -1.88
CA ARG E 2 -19.24 3.14 -1.03
C ARG E 2 -18.78 2.95 0.40
N ASP E 3 -19.04 1.75 0.95
CA ASP E 3 -18.71 1.49 2.34
C ASP E 3 -19.20 2.67 3.17
N LYS E 4 -18.54 3.00 4.27
CA LYS E 4 -18.96 4.19 4.99
C LYS E 4 -18.12 5.41 4.63
N LEU E 5 -16.83 5.21 4.39
CA LEU E 5 -15.96 6.33 4.10
C LEU E 5 -15.56 6.61 2.67
N SER E 6 -16.09 5.90 1.68
CA SER E 6 -15.66 6.25 0.31
C SER E 6 -16.06 7.67 -0.05
N SER E 7 -17.11 8.19 0.57
CA SER E 7 -17.55 9.51 0.20
C SER E 7 -16.84 10.60 0.98
N THR E 8 -15.84 11.17 0.31
CA THR E 8 -15.05 12.35 0.70
C THR E 8 -14.00 12.16 1.80
N ASN E 9 -13.96 11.00 2.46
CA ASN E 9 -12.95 10.85 3.50
C ASN E 9 -11.60 10.87 2.80
N GLN E 10 -10.64 11.56 3.39
CA GLN E 10 -9.38 11.74 2.69
C GLN E 10 -8.62 10.46 2.43
N LEU E 11 -8.02 10.40 1.25
CA LEU E 11 -7.19 9.28 0.84
C LEU E 11 -5.86 9.78 0.31
N ARG E 12 -4.80 9.07 0.65
CA ARG E 12 -3.47 9.43 0.19
C ARG E 12 -2.61 8.20 -0.15
N SER E 13 -1.66 8.32 -1.11
CA SER E 13 -1.77 8.89 -2.46
C SER E 13 -0.49 8.60 -3.24
N VAL E 14 -0.03 7.36 -3.24
CA VAL E 14 1.18 7.11 -4.01
C VAL E 14 1.10 5.89 -4.91
N GLY E 15 1.89 5.91 -5.99
CA GLY E 15 1.92 4.75 -6.90
C GLY E 15 2.63 3.54 -6.28
N LEU E 16 2.21 2.33 -6.67
CA LEU E 16 2.87 1.11 -6.19
C LEU E 16 3.31 0.24 -7.36
N ASN E 17 4.46 -0.41 -7.22
CA ASN E 17 5.03 -1.23 -8.29
C ASN E 17 4.27 -2.54 -8.64
N LEU E 18 3.99 -2.73 -9.93
CA LEU E 18 3.29 -3.95 -10.41
C LEU E 18 4.09 -5.24 -10.31
N GLU E 19 5.40 -5.12 -10.11
CA GLU E 19 6.27 -6.28 -10.01
C GLU E 19 5.98 -7.15 -8.80
N GLY E 20 5.14 -6.69 -7.88
CA GLY E 20 4.73 -7.51 -6.72
C GLY E 20 4.00 -8.80 -7.10
N ASN E 21 3.62 -8.94 -8.38
CA ASN E 21 3.03 -10.18 -8.86
C ASN E 21 4.09 -11.11 -9.46
N GLY E 22 5.37 -10.81 -9.21
CA GLY E 22 6.46 -11.62 -9.73
C GLY E 22 6.74 -11.27 -11.18
N VAL E 23 6.12 -10.20 -11.66
CA VAL E 23 6.27 -9.79 -13.03
C VAL E 23 7.65 -9.29 -13.36
N ALA E 24 8.10 -9.70 -14.53
CA ALA E 24 9.36 -9.32 -15.11
C ALA E 24 9.17 -9.40 -16.59
N THR E 25 9.99 -8.72 -17.36
CA THR E 25 9.80 -8.80 -18.78
C THR E 25 11.06 -9.01 -19.55
N ASP E 26 10.87 -9.52 -20.76
CA ASP E 26 11.96 -9.65 -21.70
C ASP E 26 12.04 -8.44 -22.62
N VAL E 27 11.19 -7.46 -22.35
CA VAL E 27 10.94 -6.20 -23.06
C VAL E 27 9.63 -6.29 -23.89
N PRO E 28 9.47 -7.13 -24.94
CA PRO E 28 8.25 -7.24 -25.69
C PRO E 28 7.09 -7.75 -24.90
N SER E 29 7.36 -8.57 -23.89
CA SER E 29 6.27 -9.00 -23.05
C SER E 29 5.71 -7.84 -22.26
N ALA E 30 6.51 -6.79 -22.01
CA ALA E 30 5.95 -5.64 -21.38
C ALA E 30 5.00 -4.93 -22.32
N THR E 31 5.38 -4.85 -23.60
CA THR E 31 4.52 -4.18 -24.57
C THR E 31 3.32 -5.02 -24.92
N LYS E 32 3.44 -6.32 -24.67
CA LYS E 32 2.36 -7.26 -24.83
C LYS E 32 1.20 -6.92 -23.94
N ARG E 33 1.52 -6.26 -22.84
CA ARG E 33 0.59 -5.87 -21.83
C ARG E 33 0.02 -4.50 -22.03
N TRP E 34 0.33 -3.87 -23.17
CA TRP E 34 -0.10 -2.50 -23.34
C TRP E 34 -0.57 -2.24 -24.76
N GLY E 35 0.33 -2.30 -25.72
CA GLY E 35 -0.06 -1.98 -27.08
C GLY E 35 -0.47 -0.51 -27.20
N PHE E 36 -1.57 -0.29 -27.90
CA PHE E 36 -2.12 1.05 -28.12
C PHE E 36 -3.63 1.10 -28.33
N ARG E 37 -4.18 2.28 -28.06
CA ARG E 37 -5.58 2.63 -28.13
C ARG E 37 -5.71 4.07 -28.54
N SER E 38 -6.93 4.48 -28.88
CA SER E 38 -7.92 3.86 -29.75
C SER E 38 -8.83 4.99 -30.22
N GLY E 39 -8.50 6.20 -29.78
CA GLY E 39 -9.33 7.38 -29.90
C GLY E 39 -10.23 7.58 -28.66
N VAL E 40 -10.21 6.62 -27.71
CA VAL E 40 -10.82 6.80 -26.39
C VAL E 40 -10.01 7.85 -25.65
N PRO E 41 -10.59 8.77 -24.90
CA PRO E 41 -9.78 9.75 -24.22
C PRO E 41 -8.86 9.11 -23.16
N PRO E 42 -7.64 9.65 -22.99
CA PRO E 42 -6.63 9.37 -21.98
C PRO E 42 -7.07 9.82 -20.60
N LYS E 43 -6.59 9.16 -19.55
CA LYS E 43 -6.91 9.65 -18.22
C LYS E 43 -5.65 9.80 -17.39
N VAL E 44 -5.70 10.72 -16.43
CA VAL E 44 -4.55 10.97 -15.58
C VAL E 44 -4.90 10.93 -14.12
N VAL E 45 -3.87 10.77 -13.31
CA VAL E 45 -4.02 10.73 -11.88
C VAL E 45 -3.04 11.66 -11.21
N ASN E 46 -3.52 12.30 -10.15
CA ASN E 46 -2.68 13.17 -9.36
C ASN E 46 -2.27 12.43 -8.12
N TYR E 47 -0.99 12.50 -7.78
CA TYR E 47 -0.50 11.81 -6.61
C TYR E 47 0.29 12.67 -5.73
N GLU E 48 0.40 12.26 -4.49
CA GLU E 48 1.40 12.88 -3.70
C GLU E 48 2.75 12.49 -4.26
N ALA E 49 2.87 11.22 -4.69
CA ALA E 49 4.14 10.69 -5.19
C ALA E 49 4.01 9.23 -5.67
N GLY E 50 5.15 8.57 -5.91
CA GLY E 50 5.10 7.14 -6.20
C GLY E 50 6.44 6.42 -5.92
N GLU E 51 6.38 5.08 -5.92
CA GLU E 51 7.51 4.22 -5.55
C GLU E 51 8.74 4.19 -6.45
N TRP E 52 9.93 4.19 -5.81
CA TRP E 52 11.22 3.96 -6.49
C TRP E 52 11.31 2.47 -6.84
N ALA E 53 11.91 2.10 -7.96
CA ALA E 53 11.94 0.65 -8.27
C ALA E 53 13.11 0.29 -9.14
N GLU E 54 13.55 -0.96 -9.13
CA GLU E 54 14.67 -1.25 -10.00
C GLU E 54 14.41 -1.26 -11.51
N ASN E 55 13.16 -1.35 -11.96
CA ASN E 55 12.94 -1.56 -13.41
C ASN E 55 11.88 -0.66 -14.05
N CYS E 56 12.31 0.22 -14.98
CA CYS E 56 11.35 1.15 -15.61
C CYS E 56 11.70 1.42 -17.09
N TYR E 57 10.83 2.10 -17.86
CA TYR E 57 11.10 2.24 -19.29
C TYR E 57 10.95 3.63 -19.89
N ASN E 58 11.79 3.96 -20.88
CA ASN E 58 11.70 5.22 -21.65
C ASN E 58 11.29 4.86 -23.04
N LEU E 59 10.37 5.60 -23.63
CA LEU E 59 9.93 5.17 -24.93
C LEU E 59 9.80 6.17 -26.07
N GLU E 60 10.19 5.72 -27.26
CA GLU E 60 9.76 6.39 -28.48
C GLU E 60 9.52 5.32 -29.51
N ILE E 61 8.42 5.41 -30.22
CA ILE E 61 8.04 4.38 -31.19
C ILE E 61 7.79 5.06 -32.51
N LYS E 62 8.03 4.37 -33.62
CA LYS E 62 7.92 5.00 -34.92
C LYS E 62 6.97 4.32 -35.92
N LYS E 63 6.47 5.10 -36.87
CA LYS E 63 5.70 4.53 -37.97
C LYS E 63 6.55 4.56 -39.20
N PRO E 64 6.46 3.55 -40.04
CA PRO E 64 7.16 3.37 -41.30
C PRO E 64 6.82 4.47 -42.29
N ASP E 65 5.69 5.14 -42.08
CA ASP E 65 5.28 6.24 -42.93
C ASP E 65 5.82 7.60 -42.45
N GLY E 66 6.70 7.63 -41.44
CA GLY E 66 7.29 8.88 -41.00
C GLY E 66 6.43 9.75 -40.04
N SER E 67 5.31 9.23 -39.54
CA SER E 67 4.42 10.02 -38.64
C SER E 67 4.98 10.65 -37.33
N GLU E 68 6.03 10.09 -36.73
CA GLU E 68 6.24 8.65 -36.59
C GLU E 68 5.68 8.06 -35.30
N CYS E 69 4.40 7.69 -35.25
CA CYS E 69 3.83 6.91 -34.12
C CYS E 69 4.08 7.57 -32.80
N LEU E 70 4.17 8.88 -32.75
CA LEU E 70 4.55 9.41 -31.49
C LEU E 70 3.44 9.29 -30.46
N PRO E 71 3.77 8.92 -29.24
CA PRO E 71 2.95 9.00 -28.06
C PRO E 71 2.80 10.46 -27.77
N ALA E 72 1.72 10.85 -27.13
CA ALA E 72 1.53 12.26 -26.84
C ALA E 72 2.69 12.79 -26.00
N ALA E 73 3.00 14.06 -26.19
CA ALA E 73 4.02 14.73 -25.41
C ALA E 73 3.35 15.79 -24.53
N PRO E 74 2.84 15.40 -23.35
CA PRO E 74 2.10 16.21 -22.40
C PRO E 74 2.93 17.32 -21.82
N ASP E 75 2.28 18.39 -21.41
CA ASP E 75 2.95 19.52 -20.80
C ASP E 75 3.16 19.37 -19.29
N GLY E 76 2.84 18.21 -18.74
CA GLY E 76 3.08 17.96 -17.33
C GLY E 76 4.57 17.88 -17.12
N ILE E 77 5.02 18.14 -15.90
CA ILE E 77 6.43 18.02 -15.62
C ILE E 77 6.87 16.58 -15.81
N ARG E 78 8.02 16.39 -16.42
CA ARG E 78 8.47 15.06 -16.82
C ARG E 78 9.63 14.45 -16.04
N GLY E 79 9.90 14.88 -14.83
CA GLY E 79 10.89 14.18 -14.03
C GLY E 79 10.25 12.85 -13.61
N PHE E 80 11.01 11.89 -13.10
CA PHE E 80 10.38 10.64 -12.67
C PHE E 80 11.14 10.09 -11.45
N PRO E 81 10.54 9.17 -10.69
CA PRO E 81 11.06 8.53 -9.47
C PRO E 81 12.33 7.77 -9.76
N ARG E 82 13.22 7.66 -8.79
CA ARG E 82 14.43 6.94 -9.11
C ARG E 82 14.12 5.52 -9.46
N CYS E 83 14.85 5.01 -10.42
CA CYS E 83 14.67 3.65 -10.81
C CYS E 83 16.05 3.06 -11.05
N ARG E 84 16.35 1.87 -10.51
CA ARG E 84 17.74 1.38 -10.63
C ARG E 84 18.21 1.29 -12.04
N TYR E 85 17.36 0.85 -12.90
CA TYR E 85 17.72 0.91 -14.28
C TYR E 85 16.49 1.08 -15.10
N VAL E 86 16.66 1.65 -16.26
CA VAL E 86 15.54 1.78 -17.11
C VAL E 86 15.97 1.28 -18.44
N HIS E 87 15.01 0.98 -19.27
CA HIS E 87 15.36 0.53 -20.57
C HIS E 87 14.78 1.51 -21.55
N LYS E 88 15.58 2.34 -22.21
CA LYS E 88 14.90 3.08 -23.25
C LYS E 88 14.78 2.13 -24.40
N VAL E 89 13.63 2.14 -25.03
CA VAL E 89 13.44 1.27 -26.15
C VAL E 89 12.86 2.09 -27.27
N SER E 90 13.34 1.88 -28.50
CA SER E 90 12.75 2.70 -29.53
C SER E 90 12.64 2.13 -30.93
N GLY E 91 11.83 2.83 -31.72
CA GLY E 91 11.55 2.59 -33.13
C GLY E 91 10.28 1.80 -33.40
N THR E 92 9.95 1.70 -34.69
CA THR E 92 8.75 1.05 -35.21
C THR E 92 8.84 -0.43 -34.90
N GLY E 93 7.71 -1.13 -34.70
CA GLY E 93 6.40 -0.99 -35.36
C GLY E 93 5.52 0.23 -35.01
N PRO E 94 4.59 0.53 -35.92
CA PRO E 94 3.59 1.61 -35.96
C PRO E 94 2.52 1.58 -34.88
N CYS E 95 1.95 2.76 -34.61
CA CYS E 95 0.86 2.94 -33.66
C CYS E 95 -0.45 3.07 -34.43
N ALA E 96 -1.16 1.97 -34.67
CA ALA E 96 -2.45 2.15 -35.33
C ALA E 96 -3.41 2.96 -34.46
N GLY E 97 -3.31 2.76 -33.15
CA GLY E 97 -4.05 3.51 -32.14
C GLY E 97 -3.46 4.90 -32.06
N ASP E 98 -4.21 5.88 -31.57
CA ASP E 98 -3.56 7.17 -31.47
C ASP E 98 -2.78 7.41 -30.16
N PHE E 99 -2.73 6.42 -29.27
CA PHE E 99 -1.86 6.48 -28.10
C PHE E 99 -1.47 5.11 -27.50
N ALA E 100 -0.38 5.06 -26.76
CA ALA E 100 0.10 3.79 -26.18
C ALA E 100 -0.47 3.45 -24.78
N PHE E 101 -1.77 3.17 -24.75
CA PHE E 101 -2.54 2.77 -23.57
C PHE E 101 -2.11 1.43 -22.93
N HIS E 102 -2.14 1.30 -21.59
CA HIS E 102 -1.91 -0.01 -20.93
C HIS E 102 -3.11 -0.92 -21.01
N LYS E 103 -2.91 -2.23 -21.07
CA LYS E 103 -4.07 -3.10 -20.96
C LYS E 103 -4.27 -3.65 -19.56
N GLU E 104 -3.27 -3.44 -18.71
CA GLU E 104 -3.27 -4.02 -17.39
C GLU E 104 -3.74 -3.15 -16.24
N GLY E 105 -4.17 -1.93 -16.51
CA GLY E 105 -4.45 -1.02 -15.40
C GLY E 105 -3.11 -0.39 -14.96
N ALA E 106 -2.07 -0.64 -15.75
CA ALA E 106 -0.72 -0.20 -15.47
C ALA E 106 -0.57 1.28 -15.63
N PHE E 107 -0.85 2.01 -14.58
CA PHE E 107 -0.65 3.43 -14.69
C PHE E 107 0.79 3.69 -14.93
N PHE E 108 1.07 4.66 -15.75
CA PHE E 108 2.44 4.97 -16.07
C PHE E 108 2.78 6.19 -15.32
N LEU E 109 3.81 6.13 -14.49
CA LEU E 109 4.00 7.27 -13.62
C LEU E 109 5.36 7.89 -13.58
N TYR E 110 5.33 9.20 -13.40
CA TYR E 110 6.49 10.02 -13.21
C TYR E 110 6.09 11.28 -12.41
N ASP E 111 6.98 11.89 -11.62
CA ASP E 111 6.67 13.16 -10.94
C ASP E 111 5.36 13.28 -10.24
N ARG E 112 4.97 12.26 -9.48
CA ARG E 112 3.70 12.31 -8.75
C ARG E 112 2.50 12.37 -9.70
N LEU E 113 2.69 11.92 -10.94
CA LEU E 113 1.66 11.92 -11.96
C LEU E 113 1.55 10.56 -12.61
N ALA E 114 0.37 10.19 -13.04
CA ALA E 114 0.34 8.97 -13.81
C ALA E 114 -0.78 8.96 -14.77
N SER E 115 -0.68 8.07 -15.72
CA SER E 115 -1.70 8.01 -16.71
C SER E 115 -1.97 6.66 -17.22
N THR E 116 -3.11 6.55 -17.88
CA THR E 116 -3.49 5.33 -18.50
C THR E 116 -2.73 5.13 -19.82
N VAL E 117 -2.03 6.18 -20.24
CA VAL E 117 -1.31 6.18 -21.48
C VAL E 117 0.16 6.55 -21.37
N ILE E 118 0.99 5.81 -22.09
CA ILE E 118 2.40 6.10 -22.21
C ILE E 118 2.65 7.34 -23.05
N TYR E 119 3.54 8.18 -22.58
CA TYR E 119 3.89 9.41 -23.26
C TYR E 119 5.30 9.36 -23.80
N ARG E 120 5.61 10.25 -24.71
CA ARG E 120 6.94 10.27 -25.30
C ARG E 120 8.03 10.56 -24.26
N GLY E 121 9.21 9.99 -24.45
CA GLY E 121 10.33 10.29 -23.54
C GLY E 121 10.28 9.66 -22.14
N THR E 122 10.36 10.52 -21.12
CA THR E 122 10.56 10.16 -19.70
C THR E 122 9.87 8.96 -19.20
N THR E 123 10.63 8.25 -18.38
CA THR E 123 10.34 6.95 -17.83
C THR E 123 9.04 6.76 -17.14
N PHE E 124 8.49 5.59 -17.40
CA PHE E 124 7.20 5.18 -16.91
C PHE E 124 7.22 3.98 -16.03
N ALA E 125 7.55 4.18 -14.77
CA ALA E 125 7.40 3.07 -13.87
C ALA E 125 5.92 2.70 -13.93
N GLU E 126 5.59 1.44 -13.79
CA GLU E 126 4.17 1.14 -13.87
C GLU E 126 3.62 0.65 -12.55
N GLY E 127 2.35 0.98 -12.31
CA GLY E 127 1.79 0.76 -10.99
C GLY E 127 0.33 1.09 -10.81
N VAL E 128 -0.09 1.00 -9.55
CA VAL E 128 -1.45 1.25 -9.12
C VAL E 128 -1.47 2.33 -8.05
N VAL E 129 -2.62 2.97 -7.85
CA VAL E 129 -2.66 4.11 -6.95
C VAL E 129 -3.06 3.76 -5.54
N ALA E 130 -2.17 3.90 -4.58
CA ALA E 130 -2.55 3.68 -3.20
C ALA E 130 -3.56 4.71 -2.73
N PHE E 131 -4.49 4.29 -1.89
CA PHE E 131 -5.38 5.21 -1.22
C PHE E 131 -5.50 4.78 0.21
N LEU E 132 -5.36 5.72 1.15
CA LEU E 132 -5.47 5.50 2.61
C LEU E 132 -4.75 6.60 3.37
N ILE E 133 -4.33 6.32 4.62
CA ILE E 133 -3.45 7.17 5.44
C ILE E 133 -4.22 8.12 6.37
N LEU E 134 -3.79 8.18 7.64
CA LEU E 134 -4.35 9.13 8.57
C LEU E 134 -3.97 10.51 8.06
N PRO E 135 -4.85 11.49 8.09
CA PRO E 135 -4.58 12.82 7.55
C PRO E 135 -3.34 13.50 8.16
N GLN E 136 -2.98 13.14 9.40
CA GLN E 136 -1.79 13.71 10.01
C GLN E 136 -0.50 12.92 9.87
N ALA E 137 -0.57 11.73 9.25
CA ALA E 137 0.63 10.90 9.05
C ALA E 137 1.63 11.58 8.12
N LYS E 138 1.17 12.60 7.41
CA LYS E 138 1.98 13.42 6.56
C LYS E 138 3.13 14.12 7.28
N LYS E 139 3.00 14.32 8.60
CA LYS E 139 4.09 14.93 9.32
C LYS E 139 5.01 13.88 9.91
N ASP E 140 4.61 12.62 9.81
CA ASP E 140 5.36 11.55 10.40
C ASP E 140 5.87 10.57 9.37
N PHE E 141 4.95 9.74 8.88
CA PHE E 141 5.28 8.67 7.95
C PHE E 141 5.83 9.19 6.67
N PHE E 142 5.34 10.35 6.26
CA PHE E 142 5.79 10.85 5.00
C PHE E 142 7.23 11.27 4.96
N SER E 143 7.87 11.44 6.12
CA SER E 143 9.27 11.78 6.08
C SER E 143 10.13 10.69 5.41
N SER E 144 9.70 9.42 5.49
CA SER E 144 10.45 8.37 4.79
C SER E 144 9.80 7.99 3.47
N HIS E 145 8.53 8.37 3.32
CA HIS E 145 7.74 8.08 2.13
C HIS E 145 8.21 9.03 1.02
N PRO E 146 7.96 8.69 -0.25
CA PRO E 146 8.56 9.33 -1.43
C PRO E 146 8.51 10.86 -1.48
N LEU E 147 7.60 11.49 -0.74
CA LEU E 147 7.59 12.94 -0.69
C LEU E 147 8.84 13.51 -0.08
N ARG E 148 9.34 12.85 0.97
CA ARG E 148 10.56 13.25 1.62
C ARG E 148 11.62 12.18 1.56
N GLU E 149 11.32 11.12 0.83
CA GLU E 149 12.27 10.04 0.66
C GLU E 149 13.62 10.48 0.11
N PRO E 150 13.72 11.53 -0.73
CA PRO E 150 14.98 12.11 -1.17
C PRO E 150 15.80 12.64 0.02
N VAL E 151 15.13 13.06 1.09
CA VAL E 151 15.79 13.51 2.31
C VAL E 151 16.43 12.32 3.00
N ASN E 152 15.70 11.21 3.00
CA ASN E 152 16.20 9.99 3.61
C ASN E 152 16.84 9.05 2.63
N ALA E 153 17.05 9.50 1.40
CA ALA E 153 17.74 8.69 0.44
C ALA E 153 19.17 8.43 0.88
N THR E 154 19.67 7.26 0.57
CA THR E 154 21.05 6.89 0.82
C THR E 154 21.84 7.32 -0.39
N GLU E 155 23.16 7.25 -0.29
CA GLU E 155 24.01 7.52 -1.44
C GLU E 155 24.09 6.36 -2.45
N ASP E 156 23.49 5.20 -2.12
CA ASP E 156 23.62 4.02 -2.98
C ASP E 156 22.89 4.08 -4.32
N PRO E 157 21.94 5.00 -4.54
CA PRO E 157 21.30 5.22 -5.82
C PRO E 157 22.31 5.65 -6.88
N SER E 158 23.46 6.19 -6.45
CA SER E 158 24.52 6.51 -7.38
C SER E 158 25.08 5.25 -8.07
N SER E 159 25.01 4.10 -7.40
CA SER E 159 25.35 2.82 -8.03
C SER E 159 24.07 2.18 -8.59
N GLY E 160 22.96 2.75 -8.13
CA GLY E 160 21.61 2.36 -8.41
C GLY E 160 21.10 2.98 -9.68
N TYR E 161 20.25 4.00 -9.58
CA TYR E 161 19.56 4.55 -10.74
C TYR E 161 20.51 5.02 -11.83
N TYR E 162 21.73 5.35 -11.46
CA TYR E 162 22.75 5.67 -12.43
C TYR E 162 23.02 4.55 -13.45
N SER E 163 22.84 3.30 -13.04
CA SER E 163 23.18 2.17 -13.87
C SER E 163 22.08 1.79 -14.85
N THR E 164 21.97 2.55 -15.94
CA THR E 164 20.91 2.32 -16.93
C THR E 164 21.33 2.39 -18.40
N THR E 165 20.46 1.92 -19.30
CA THR E 165 20.74 2.04 -20.73
C THR E 165 19.55 2.49 -21.55
N ILE E 166 19.87 3.03 -22.73
CA ILE E 166 18.85 3.49 -23.66
C ILE E 166 18.85 2.77 -25.00
N ARG E 167 19.60 1.71 -25.09
CA ARG E 167 19.91 1.13 -26.37
C ARG E 167 19.00 0.09 -27.06
N TYR E 168 17.85 -0.23 -26.51
CA TYR E 168 17.07 -1.26 -27.17
C TYR E 168 16.47 -0.81 -28.51
N GLN E 169 16.46 -1.72 -29.49
CA GLN E 169 15.84 -1.45 -30.78
C GLN E 169 14.60 -2.27 -30.99
N ALA E 170 13.45 -1.61 -30.95
CA ALA E 170 12.15 -2.24 -31.12
C ALA E 170 11.79 -2.47 -32.54
N THR E 171 12.37 -3.48 -33.19
CA THR E 171 11.97 -3.69 -34.56
C THR E 171 10.65 -4.40 -34.67
N GLY E 172 9.69 -3.76 -35.29
CA GLY E 172 8.38 -4.35 -35.53
C GLY E 172 7.55 -4.21 -34.26
N PHE E 173 6.31 -4.67 -34.28
CA PHE E 173 5.54 -4.57 -33.05
C PHE E 173 4.48 -5.66 -32.93
N GLY E 174 4.19 -6.02 -31.69
CA GLY E 174 3.20 -7.02 -31.33
C GLY E 174 3.85 -8.38 -31.18
N THR E 175 3.10 -9.35 -30.69
CA THR E 175 3.68 -10.67 -30.44
C THR E 175 3.98 -11.46 -31.69
N ASN E 176 3.34 -11.11 -32.79
CA ASN E 176 3.62 -11.81 -34.03
C ASN E 176 4.56 -11.04 -34.92
N GLU E 177 5.18 -9.98 -34.42
CA GLU E 177 5.99 -9.20 -35.34
C GLU E 177 7.11 -8.36 -34.77
N THR E 178 7.74 -8.75 -33.67
CA THR E 178 8.80 -7.84 -33.24
C THR E 178 10.12 -8.50 -32.81
N GLU E 179 11.18 -7.69 -32.80
CA GLU E 179 12.53 -8.10 -32.42
C GLU E 179 13.23 -6.99 -31.65
N TYR E 180 14.13 -7.33 -30.73
CA TYR E 180 14.81 -6.31 -29.91
C TYR E 180 16.31 -6.33 -29.94
N LEU E 181 16.88 -5.74 -30.97
CA LEU E 181 18.32 -5.70 -31.05
C LEU E 181 18.83 -4.83 -29.93
N PHE E 182 19.99 -5.14 -29.39
CA PHE E 182 20.45 -4.27 -28.34
C PHE E 182 21.72 -3.56 -28.70
N GLU E 183 21.65 -2.25 -28.84
CA GLU E 183 22.88 -1.55 -29.13
C GLU E 183 23.88 -1.38 -27.99
N VAL E 184 25.17 -1.45 -28.33
CA VAL E 184 26.23 -0.98 -27.43
C VAL E 184 27.23 -0.19 -28.23
N ASP E 185 27.44 1.09 -27.96
CA ASP E 185 28.55 1.78 -28.65
C ASP E 185 28.52 1.60 -30.18
N ASN E 186 27.34 1.73 -30.78
CA ASN E 186 27.12 1.47 -32.20
C ASN E 186 27.48 0.02 -32.57
N LEU E 187 27.10 -0.91 -31.71
CA LEU E 187 27.24 -2.35 -31.91
C LEU E 187 25.89 -2.91 -31.72
N THR E 188 25.52 -4.02 -32.32
CA THR E 188 24.22 -4.56 -32.00
C THR E 188 24.35 -6.03 -31.70
N TYR E 189 23.33 -6.57 -31.03
CA TYR E 189 23.34 -7.98 -30.71
C TYR E 189 21.96 -8.52 -30.92
N VAL E 190 21.87 -9.80 -31.23
CA VAL E 190 20.59 -10.44 -31.41
C VAL E 190 19.83 -10.45 -30.10
N GLN E 191 18.53 -10.20 -30.17
CA GLN E 191 17.71 -10.14 -28.98
C GLN E 191 17.71 -11.46 -28.23
N LEU E 192 17.65 -11.37 -26.92
CA LEU E 192 17.59 -12.54 -26.09
C LEU E 192 16.48 -12.45 -25.09
N GLU E 193 15.29 -12.90 -25.48
CA GLU E 193 14.17 -12.92 -24.56
C GLU E 193 14.35 -13.91 -23.40
N SER E 194 15.34 -14.79 -23.52
CA SER E 194 15.69 -15.74 -22.48
C SER E 194 16.66 -15.14 -21.44
N ARG E 195 17.00 -13.87 -21.60
CA ARG E 195 17.88 -13.18 -20.68
C ARG E 195 17.27 -11.87 -20.35
N PHE E 196 17.54 -11.35 -19.17
CA PHE E 196 16.84 -10.15 -18.80
C PHE E 196 17.75 -9.19 -18.14
N THR E 197 17.44 -7.89 -18.26
CA THR E 197 18.13 -6.85 -17.50
C THR E 197 19.61 -6.63 -17.92
N PRO E 198 19.99 -5.39 -18.27
CA PRO E 198 21.26 -4.96 -18.83
C PRO E 198 22.51 -5.40 -18.11
N GLN E 199 22.45 -5.86 -16.86
CA GLN E 199 23.69 -6.35 -16.27
C GLN E 199 24.30 -7.46 -17.12
N PHE E 200 23.43 -8.31 -17.67
CA PHE E 200 23.86 -9.34 -18.58
C PHE E 200 24.51 -8.74 -19.80
N LEU E 201 23.84 -7.73 -20.31
CA LEU E 201 24.29 -7.03 -21.48
C LEU E 201 25.59 -6.29 -21.19
N LEU E 202 25.76 -5.88 -19.93
CA LEU E 202 26.96 -5.23 -19.53
C LEU E 202 28.11 -6.15 -19.70
N GLN E 203 27.91 -7.46 -19.47
CA GLN E 203 29.01 -8.35 -19.73
C GLN E 203 29.40 -8.27 -21.15
N LEU E 204 28.41 -8.18 -22.03
CA LEU E 204 28.75 -8.04 -23.42
C LEU E 204 29.50 -6.73 -23.67
N ASN E 205 29.20 -5.70 -22.89
CA ASN E 205 29.94 -4.46 -23.04
C ASN E 205 31.27 -4.47 -22.32
N GLU E 206 31.61 -5.57 -21.67
CA GLU E 206 32.91 -5.70 -21.10
C GLU E 206 33.68 -6.91 -21.63
N THR E 207 33.03 -7.80 -22.37
CA THR E 207 33.72 -9.02 -22.80
C THR E 207 33.73 -9.18 -24.28
N ILE E 208 32.56 -9.40 -24.89
CA ILE E 208 32.55 -9.47 -26.35
C ILE E 208 32.99 -8.09 -26.88
N TYR E 209 32.75 -7.05 -26.09
CA TYR E 209 33.29 -5.74 -26.38
C TYR E 209 34.81 -5.73 -26.34
N THR E 210 35.41 -6.47 -25.39
CA THR E 210 36.85 -6.61 -25.32
C THR E 210 37.45 -7.43 -26.46
N SER E 211 36.77 -8.51 -26.86
CA SER E 211 37.21 -9.31 -28.00
C SER E 211 36.00 -9.89 -28.68
N GLY E 212 36.10 -10.18 -29.97
CA GLY E 212 34.93 -10.59 -30.75
C GLY E 212 34.13 -9.31 -31.12
N LYS E 213 34.75 -8.16 -30.82
CA LYS E 213 34.35 -6.79 -31.01
C LYS E 213 34.45 -6.35 -32.43
N ARG E 214 33.77 -5.27 -32.74
CA ARG E 214 33.80 -4.68 -34.07
C ARG E 214 35.12 -3.98 -34.40
N SER E 215 36.22 -4.75 -34.48
CA SER E 215 37.49 -4.22 -34.93
C SER E 215 37.38 -3.77 -36.37
N ASN E 216 36.47 -4.44 -37.07
CA ASN E 216 36.10 -4.11 -38.41
C ASN E 216 35.06 -3.03 -38.35
N THR E 217 35.37 -1.86 -38.89
CA THR E 217 34.52 -0.69 -38.80
C THR E 217 33.58 -0.52 -39.99
N THR E 218 33.43 -1.58 -40.80
CA THR E 218 32.55 -1.55 -41.96
C THR E 218 31.11 -1.24 -41.58
N GLY E 219 30.73 -1.56 -40.33
CA GLY E 219 29.41 -1.23 -39.85
C GLY E 219 29.26 -1.61 -38.38
N LYS E 220 28.08 -1.36 -37.83
CA LYS E 220 27.78 -1.68 -36.44
C LYS E 220 27.91 -3.17 -36.33
N LEU E 221 28.39 -3.65 -35.19
CA LEU E 221 28.52 -5.08 -35.08
C LEU E 221 27.17 -5.71 -35.14
N ILE E 222 27.04 -6.81 -35.84
CA ILE E 222 25.82 -7.54 -35.64
C ILE E 222 26.28 -8.83 -35.13
N TRP E 223 26.32 -8.95 -33.82
CA TRP E 223 26.83 -10.17 -33.33
C TRP E 223 25.86 -11.26 -33.62
N LYS E 224 26.36 -12.41 -33.99
CA LYS E 224 25.45 -13.49 -34.19
C LYS E 224 25.35 -14.18 -32.88
N VAL E 225 24.18 -14.21 -32.28
CA VAL E 225 24.18 -14.87 -31.01
C VAL E 225 23.71 -16.28 -31.18
N ASN E 226 24.68 -17.14 -31.21
CA ASN E 226 24.47 -18.56 -31.19
C ASN E 226 24.01 -18.89 -29.79
N PRO E 227 23.12 -19.86 -29.59
CA PRO E 227 22.73 -20.31 -28.27
C PRO E 227 23.96 -20.79 -27.50
N GLU E 228 24.97 -21.28 -28.21
CA GLU E 228 26.25 -21.62 -27.60
C GLU E 228 26.96 -20.38 -27.11
N ILE E 229 26.88 -19.31 -27.91
CA ILE E 229 27.39 -18.01 -27.52
C ILE E 229 26.61 -17.45 -26.37
N ASP E 230 25.30 -17.64 -26.37
CA ASP E 230 24.51 -17.20 -25.25
C ASP E 230 24.93 -17.95 -24.01
N THR E 231 25.14 -19.25 -24.15
CA THR E 231 25.56 -20.08 -23.05
C THR E 231 26.96 -19.76 -22.50
N THR E 232 27.89 -19.37 -23.38
CA THR E 232 29.25 -19.12 -22.93
C THR E 232 29.73 -17.66 -22.91
N ASP F 1 -11.92 13.35 32.57
CA ASP F 1 -12.06 14.75 32.94
C ASP F 1 -10.81 15.55 32.73
N ILE F 2 -10.32 15.58 31.50
CA ILE F 2 -9.16 16.38 31.21
C ILE F 2 -9.63 17.79 30.91
N GLN F 3 -9.19 18.75 31.71
CA GLN F 3 -9.57 20.12 31.48
C GLN F 3 -8.84 20.69 30.28
N MET F 4 -9.49 21.61 29.61
CA MET F 4 -8.88 22.29 28.48
C MET F 4 -8.43 23.67 28.90
N THR F 5 -7.24 23.75 29.52
CA THR F 5 -6.71 25.03 29.91
C THR F 5 -6.37 25.83 28.67
N GLN F 6 -6.59 27.13 28.71
CA GLN F 6 -6.21 27.91 27.55
C GLN F 6 -5.63 29.24 27.95
N SER F 7 -4.64 29.67 27.19
CA SER F 7 -4.00 30.95 27.37
C SER F 7 -3.50 31.39 26.02
N PRO F 8 -3.15 32.65 25.84
CA PRO F 8 -3.20 33.83 26.69
C PRO F 8 -4.62 34.26 27.03
N SER F 9 -4.73 35.00 28.13
CA SER F 9 -5.93 35.70 28.55
C SER F 9 -6.19 36.77 27.50
N SER F 10 -7.40 37.32 27.43
CA SER F 10 -7.71 38.25 26.32
C SER F 10 -6.70 39.36 26.16
N LEU F 11 -6.44 39.70 24.90
CA LEU F 11 -5.38 40.63 24.55
C LEU F 11 -5.80 41.82 23.73
N SER F 12 -5.11 42.93 23.90
CA SER F 12 -5.31 44.04 23.00
C SER F 12 -4.76 43.63 21.64
N ALA F 13 -5.28 44.18 20.56
CA ALA F 13 -4.75 43.82 19.25
C ALA F 13 -4.99 44.86 18.17
N SER F 14 -4.24 44.72 17.07
CA SER F 14 -4.41 45.59 15.92
C SER F 14 -4.18 44.82 14.62
N VAL F 15 -4.62 45.39 13.51
CA VAL F 15 -4.51 44.74 12.21
C VAL F 15 -3.06 44.59 11.75
N GLY F 16 -2.78 43.41 11.21
CA GLY F 16 -1.47 43.02 10.70
C GLY F 16 -0.60 42.32 11.76
N ASP F 17 -1.08 42.26 12.99
CA ASP F 17 -0.41 41.58 14.07
C ASP F 17 -0.33 40.06 13.88
N ARG F 18 0.78 39.46 14.30
CA ARG F 18 0.82 37.99 14.28
C ARG F 18 0.80 37.51 15.74
N VAL F 19 -0.09 36.58 16.03
CA VAL F 19 -0.30 36.10 17.40
C VAL F 19 -0.36 34.59 17.50
N THR F 20 -0.20 34.06 18.71
CA THR F 20 -0.45 32.64 18.90
C THR F 20 -1.32 32.42 20.12
N ILE F 21 -1.98 31.27 20.17
CA ILE F 21 -2.82 30.88 21.30
C ILE F 21 -2.51 29.44 21.65
N THR F 22 -2.49 29.10 22.93
CA THR F 22 -2.18 27.70 23.24
C THR F 22 -3.19 27.06 24.18
N CYS F 23 -3.31 25.74 24.09
CA CYS F 23 -4.18 25.00 24.98
C CYS F 23 -3.30 24.08 25.80
N ARG F 24 -3.62 23.92 27.07
CA ARG F 24 -2.89 22.98 27.89
C ARG F 24 -3.82 21.90 28.41
N ALA F 25 -3.61 20.69 27.94
CA ALA F 25 -4.38 19.57 28.45
C ALA F 25 -4.03 19.32 29.91
N THR F 26 -5.01 18.89 30.72
CA THR F 26 -4.70 18.46 32.09
C THR F 26 -3.81 17.24 32.14
N GLU F 27 -3.91 16.41 31.10
CA GLU F 27 -3.13 15.19 30.98
C GLU F 27 -2.65 15.13 29.56
N SER F 28 -1.50 14.51 29.31
CA SER F 28 -1.05 14.45 27.92
C SER F 28 -2.02 13.65 27.11
N ILE F 29 -2.23 14.07 25.87
CA ILE F 29 -3.14 13.31 25.05
C ILE F 29 -2.48 12.83 23.76
N GLY F 30 -1.80 13.72 23.03
CA GLY F 30 -1.13 13.31 21.79
C GLY F 30 -2.12 13.14 20.63
N ILE F 31 -3.35 13.57 20.86
CA ILE F 31 -4.48 13.36 19.96
C ILE F 31 -5.23 14.65 19.72
N TYR F 32 -5.93 14.71 18.62
CA TYR F 32 -6.64 15.88 18.18
C TYR F 32 -7.65 16.53 19.16
N LEU F 33 -7.67 17.87 19.09
CA LEU F 33 -8.54 18.81 19.82
C LEU F 33 -8.94 19.87 18.84
N ASN F 34 -10.10 20.50 18.97
CA ASN F 34 -10.43 21.49 17.94
C ASN F 34 -10.69 22.88 18.46
N TRP F 35 -10.49 23.84 17.58
CA TRP F 35 -10.60 25.21 17.96
C TRP F 35 -11.74 25.88 17.27
N TYR F 36 -12.31 26.84 17.96
CA TYR F 36 -13.44 27.59 17.46
C TYR F 36 -13.24 29.06 17.67
N GLN F 37 -13.99 29.85 16.95
CA GLN F 37 -13.93 31.27 17.21
C GLN F 37 -15.30 31.87 17.07
N ARG F 38 -15.57 32.96 17.77
CA ARG F 38 -16.88 33.53 17.60
C ARG F 38 -16.98 35.03 17.60
N LYS F 39 -17.89 35.50 16.78
CA LYS F 39 -18.28 36.88 16.81
C LYS F 39 -19.04 37.08 18.10
N PRO F 40 -18.94 38.21 18.75
CA PRO F 40 -19.71 38.47 19.92
C PRO F 40 -21.16 38.44 19.51
N GLY F 41 -22.00 37.93 20.39
CA GLY F 41 -23.41 37.84 20.13
C GLY F 41 -23.73 36.64 19.20
N LYS F 42 -22.73 35.80 18.89
CA LYS F 42 -22.93 34.68 17.98
C LYS F 42 -22.36 33.36 18.43
N ALA F 43 -22.94 32.28 17.91
CA ALA F 43 -22.38 30.95 18.12
C ALA F 43 -20.99 30.88 17.49
N PRO F 44 -20.08 30.10 18.07
CA PRO F 44 -18.75 29.85 17.59
C PRO F 44 -18.79 29.08 16.30
N ASN F 45 -17.76 29.29 15.52
CA ASN F 45 -17.62 28.63 14.26
C ASN F 45 -16.41 27.77 14.35
N LEU F 46 -16.45 26.58 13.78
CA LEU F 46 -15.22 25.83 13.88
C LEU F 46 -14.17 26.60 13.16
N LEU F 47 -13.02 26.70 13.75
CA LEU F 47 -11.95 27.38 13.09
C LEU F 47 -10.97 26.41 12.51
N ILE F 48 -10.64 25.40 13.28
CA ILE F 48 -9.69 24.46 12.75
C ILE F 48 -10.15 23.07 13.05
N PHE F 49 -9.94 22.17 12.12
CA PHE F 49 -10.24 20.77 12.33
C PHE F 49 -9.37 20.30 13.46
N ALA F 50 -9.89 19.37 14.24
CA ALA F 50 -9.23 18.89 15.45
C ALA F 50 -7.83 18.33 15.24
N THR F 51 -7.52 18.01 14.01
CA THR F 51 -6.25 17.46 13.64
C THR F 51 -5.27 18.54 13.20
N SER F 52 -5.58 19.79 13.52
CA SER F 52 -4.78 20.94 13.17
C SER F 52 -4.71 21.17 11.68
N SER F 53 -5.87 21.04 11.05
CA SER F 53 -6.02 21.36 9.64
C SER F 53 -7.11 22.37 9.58
N LEU F 54 -7.00 23.38 8.74
CA LEU F 54 -8.04 24.40 8.79
C LEU F 54 -9.39 23.92 8.34
N GLN F 55 -10.44 24.44 8.99
CA GLN F 55 -11.80 24.19 8.56
C GLN F 55 -11.99 24.77 7.18
N SER F 56 -12.78 24.13 6.34
CA SER F 56 -12.95 24.67 5.02
C SER F 56 -13.57 26.06 5.08
N GLY F 57 -13.09 26.90 4.18
CA GLY F 57 -13.47 28.30 4.02
C GLY F 57 -12.73 29.23 5.00
N VAL F 58 -11.81 28.69 5.79
CA VAL F 58 -10.96 29.48 6.68
C VAL F 58 -9.79 30.05 5.90
N PRO F 59 -9.44 31.33 6.11
CA PRO F 59 -8.34 32.01 5.47
C PRO F 59 -7.00 31.37 5.76
N SER F 60 -6.08 31.50 4.81
CA SER F 60 -4.74 30.96 4.90
C SER F 60 -3.92 31.48 6.08
N ARG F 61 -4.31 32.63 6.60
CA ARG F 61 -3.66 33.27 7.72
C ARG F 61 -3.67 32.42 8.96
N PHE F 62 -4.72 31.62 9.10
CA PHE F 62 -4.85 30.75 10.23
C PHE F 62 -3.83 29.61 10.17
N SER F 63 -3.33 29.21 11.32
CA SER F 63 -2.31 28.17 11.44
C SER F 63 -2.32 27.52 12.80
N GLY F 64 -1.41 26.59 13.01
CA GLY F 64 -1.21 25.97 14.31
C GLY F 64 -1.17 24.46 14.34
N SER F 65 -0.45 23.94 15.33
CA SER F 65 -0.23 22.52 15.54
C SER F 65 0.15 22.21 16.99
N GLY F 66 0.16 20.93 17.36
CA GLY F 66 0.65 20.57 18.69
C GLY F 66 0.70 19.07 18.97
N SER F 67 1.18 18.73 20.16
CA SER F 67 1.27 17.35 20.61
C SER F 67 1.27 17.28 22.14
N GLY F 68 1.07 16.09 22.69
CA GLY F 68 1.14 15.96 24.14
C GLY F 68 0.04 16.76 24.76
N THR F 69 0.42 17.60 25.73
CA THR F 69 -0.51 18.52 26.37
C THR F 69 -0.56 19.87 25.67
N GLU F 70 0.30 20.11 24.69
CA GLU F 70 0.37 21.46 24.15
C GLU F 70 -0.09 21.61 22.74
N PHE F 71 -1.03 22.54 22.55
CA PHE F 71 -1.50 22.76 21.21
C PHE F 71 -1.50 24.24 20.93
N THR F 72 -0.85 24.65 19.86
CA THR F 72 -0.78 26.09 19.61
C THR F 72 -1.34 26.57 18.30
N LEU F 73 -2.42 27.32 18.41
CA LEU F 73 -3.04 28.03 17.31
C LEU F 73 -2.15 29.20 16.89
N THR F 74 -2.05 29.48 15.61
CA THR F 74 -1.36 30.70 15.23
C THR F 74 -2.19 31.48 14.23
N ILE F 75 -2.06 32.79 14.26
CA ILE F 75 -2.72 33.62 13.28
C ILE F 75 -1.74 34.65 12.78
N SER F 76 -1.65 34.85 11.49
CA SER F 76 -0.76 35.91 11.04
C SER F 76 -1.53 36.94 10.28
N SER F 77 -1.08 38.19 10.36
CA SER F 77 -1.73 39.28 9.67
C SER F 77 -3.16 39.49 10.14
N LEU F 78 -3.36 39.90 11.38
CA LEU F 78 -4.72 40.00 11.88
C LEU F 78 -5.57 40.94 11.06
N GLN F 79 -6.82 40.57 10.95
CA GLN F 79 -7.83 41.30 10.21
C GLN F 79 -8.96 41.49 11.20
N PRO F 80 -9.86 42.46 11.00
CA PRO F 80 -10.92 42.85 11.92
C PRO F 80 -11.82 41.70 12.39
N GLU F 81 -12.02 40.70 11.54
CA GLU F 81 -12.80 39.53 11.94
C GLU F 81 -12.09 38.65 12.96
N ASP F 82 -10.80 38.89 13.15
CA ASP F 82 -9.98 38.05 14.00
C ASP F 82 -10.06 38.45 15.44
N PHE F 83 -10.93 39.39 15.77
CA PHE F 83 -11.04 39.76 17.15
C PHE F 83 -12.08 38.89 17.87
N ALA F 84 -12.58 37.88 17.15
CA ALA F 84 -13.47 36.85 17.65
C ALA F 84 -12.87 36.12 18.84
N THR F 85 -13.70 35.68 19.77
CA THR F 85 -13.15 34.94 20.91
C THR F 85 -12.71 33.59 20.45
N TYR F 86 -11.56 33.11 20.93
CA TYR F 86 -11.07 31.79 20.51
C TYR F 86 -11.20 30.73 21.58
N PHE F 87 -11.38 29.47 21.17
CA PHE F 87 -11.60 28.39 22.13
C PHE F 87 -10.86 27.10 21.88
N CYS F 88 -10.76 26.29 22.95
CA CYS F 88 -10.10 24.98 22.94
C CYS F 88 -11.05 23.84 23.29
N GLN F 89 -11.86 23.41 22.35
CA GLN F 89 -12.75 22.28 22.62
C GLN F 89 -11.97 20.99 22.80
N GLN F 90 -12.45 20.14 23.70
CA GLN F 90 -11.76 18.90 24.03
C GLN F 90 -11.54 17.88 22.94
N GLY F 91 -12.25 17.90 21.82
CA GLY F 91 -11.86 16.92 20.83
C GLY F 91 -12.11 15.47 21.23
N PHE F 92 -11.03 14.71 21.26
CA PHE F 92 -10.97 13.25 21.43
C PHE F 92 -11.72 12.50 22.56
N SER F 93 -12.13 13.12 23.66
CA SER F 93 -12.83 12.28 24.66
C SER F 93 -13.86 12.94 25.53
N SER F 94 -14.69 12.08 26.10
CA SER F 94 -15.70 12.41 27.08
C SER F 94 -15.14 12.79 28.45
N PRO F 95 -15.81 13.70 29.16
CA PRO F 95 -16.85 14.61 28.74
C PRO F 95 -16.17 15.55 27.80
N PHE F 96 -16.85 16.10 26.84
CA PHE F 96 -16.13 16.94 25.91
C PHE F 96 -16.14 18.37 26.39
N SER F 97 -15.25 18.65 27.31
CA SER F 97 -15.11 19.97 27.91
C SER F 97 -14.69 21.02 26.89
N PHE F 98 -15.02 22.26 27.17
CA PHE F 98 -14.71 23.33 26.26
C PHE F 98 -13.85 24.40 26.92
N GLY F 99 -12.62 24.53 26.46
CA GLY F 99 -11.71 25.55 26.98
C GLY F 99 -12.11 26.96 26.57
N GLN F 100 -11.67 27.94 27.34
CA GLN F 100 -11.93 29.34 27.07
C GLN F 100 -10.68 30.15 27.27
N GLY F 101 -10.59 31.27 26.56
CA GLY F 101 -9.35 32.03 26.50
C GLY F 101 -9.53 33.25 25.63
N THR F 102 -8.41 33.89 25.30
CA THR F 102 -8.39 35.16 24.61
C THR F 102 -9.25 35.37 23.39
N ARG F 103 -9.58 36.64 23.29
CA ARG F 103 -10.37 37.34 22.30
C ARG F 103 -9.61 38.62 22.15
N LEU F 104 -9.84 39.36 21.08
CA LEU F 104 -9.00 40.54 20.92
C LEU F 104 -9.78 41.84 20.96
N GLU F 105 -9.16 42.89 21.48
CA GLU F 105 -9.82 44.19 21.55
C GLU F 105 -8.88 45.37 21.36
N ILE F 106 -9.42 46.51 20.97
CA ILE F 106 -8.58 47.69 20.88
C ILE F 106 -9.29 48.88 21.55
N LYS F 107 -8.52 49.72 22.26
CA LYS F 107 -9.07 50.88 22.94
C LYS F 107 -7.97 51.80 23.44
N GLN G 1 -27.77 22.51 2.67
CA GLN G 1 -27.43 23.48 3.71
C GLN G 1 -28.19 23.26 4.99
N VAL G 2 -27.50 22.77 6.00
CA VAL G 2 -28.14 22.46 7.25
C VAL G 2 -28.62 23.72 7.98
N GLN G 3 -29.86 23.65 8.46
CA GLN G 3 -30.43 24.70 9.30
C GLN G 3 -31.24 24.10 10.43
N LEU G 4 -30.64 23.96 11.60
CA LEU G 4 -31.28 23.28 12.74
C LEU G 4 -32.19 24.20 13.53
N VAL G 5 -33.37 24.48 12.99
CA VAL G 5 -34.29 25.48 13.55
C VAL G 5 -34.73 25.17 14.96
N GLN G 6 -34.81 26.20 15.80
CA GLN G 6 -34.96 25.93 17.22
C GLN G 6 -35.97 26.77 17.99
N SER G 7 -36.52 26.13 19.05
CA SER G 7 -37.57 26.70 19.91
C SER G 7 -37.19 27.99 20.67
N GLY G 8 -38.22 28.83 20.89
CA GLY G 8 -38.07 30.10 21.62
C GLY G 8 -37.80 29.96 23.13
N ALA G 9 -37.14 30.98 23.68
CA ALA G 9 -36.79 31.10 25.10
C ALA G 9 -37.99 31.14 26.07
N GLU G 10 -37.80 30.61 27.30
CA GLU G 10 -38.86 30.74 28.32
C GLU G 10 -38.35 30.89 29.77
N LEU G 11 -39.04 31.76 30.54
CA LEU G 11 -38.79 31.96 31.98
C LEU G 11 -39.25 30.81 32.85
N LYS G 12 -38.51 30.51 33.94
CA LYS G 12 -38.93 29.50 34.93
C LYS G 12 -38.87 30.19 36.29
N PRO G 13 -39.70 29.86 37.30
CA PRO G 13 -40.66 28.71 37.50
C PRO G 13 -40.18 27.28 37.20
N PRO G 14 -39.43 26.71 38.17
CA PRO G 14 -38.83 25.37 38.29
C PRO G 14 -39.82 24.21 38.26
N GLY G 15 -39.30 23.03 37.87
CA GLY G 15 -40.03 21.77 37.73
C GLY G 15 -40.56 21.55 36.32
N ALA G 16 -40.35 22.54 35.47
CA ALA G 16 -40.71 22.54 34.07
C ALA G 16 -40.04 21.44 33.26
N SER G 17 -40.73 21.03 32.19
CA SER G 17 -40.12 20.07 31.29
C SER G 17 -39.36 20.83 30.20
N VAL G 18 -40.08 21.30 29.18
CA VAL G 18 -39.54 22.10 28.06
C VAL G 18 -38.72 21.35 27.02
N LYS G 19 -39.40 20.68 26.10
CA LYS G 19 -38.69 20.12 24.97
C LYS G 19 -38.10 21.23 24.12
N VAL G 20 -36.93 21.01 23.58
CA VAL G 20 -36.37 22.02 22.68
C VAL G 20 -36.23 21.51 21.25
N SER G 21 -36.99 22.05 20.31
CA SER G 21 -36.84 21.61 18.94
C SER G 21 -35.51 22.01 18.35
N CYS G 22 -34.98 21.13 17.51
CA CYS G 22 -33.82 21.35 16.65
C CYS G 22 -34.11 20.74 15.30
N LYS G 23 -34.81 21.50 14.46
CA LYS G 23 -35.28 21.07 13.15
C LYS G 23 -34.39 21.43 11.98
N PRO G 24 -33.61 20.50 11.45
CA PRO G 24 -32.81 20.62 10.25
C PRO G 24 -33.56 20.79 8.97
N SER G 25 -32.90 21.43 8.03
CA SER G 25 -33.39 21.48 6.66
C SER G 25 -32.14 21.40 5.83
N GLY G 26 -32.25 21.01 4.56
CA GLY G 26 -31.09 20.95 3.68
C GLY G 26 -30.24 19.70 3.95
N TYR G 27 -30.79 18.80 4.75
CA TYR G 27 -30.13 17.61 5.26
C TYR G 27 -31.02 16.39 5.37
N THR G 28 -30.49 15.21 5.04
CA THR G 28 -31.29 14.01 5.27
C THR G 28 -31.43 13.90 6.75
N PHE G 29 -32.62 13.66 7.25
CA PHE G 29 -32.83 13.80 8.69
C PHE G 29 -31.98 12.99 9.66
N THR G 30 -31.61 11.78 9.30
CA THR G 30 -30.83 10.99 10.24
C THR G 30 -29.37 10.86 9.90
N ASP G 31 -28.84 11.60 8.93
CA ASP G 31 -27.44 11.34 8.55
C ASP G 31 -26.27 12.04 9.26
N TYR G 32 -26.51 12.84 10.31
CA TYR G 32 -25.39 13.39 11.09
C TYR G 32 -25.71 13.36 12.57
N TYR G 33 -24.68 13.31 13.42
CA TYR G 33 -24.93 13.32 14.85
C TYR G 33 -25.55 14.64 15.28
N ILE G 34 -26.44 14.57 16.25
CA ILE G 34 -27.16 15.73 16.69
C ILE G 34 -26.79 16.15 18.12
N HIS G 35 -26.80 17.46 18.37
CA HIS G 35 -26.41 18.03 19.65
C HIS G 35 -27.52 18.98 20.06
N TRP G 36 -27.61 19.44 21.34
CA TRP G 36 -27.12 18.93 22.65
C TRP G 36 -25.88 19.59 23.24
N VAL G 37 -25.80 20.90 23.18
CA VAL G 37 -24.81 21.57 24.04
C VAL G 37 -25.53 22.73 24.73
N ARG G 38 -25.05 23.20 25.87
CA ARG G 38 -25.75 24.33 26.51
C ARG G 38 -24.81 25.19 27.30
N GLN G 39 -25.14 26.44 27.53
CA GLN G 39 -24.30 27.16 28.47
C GLN G 39 -25.08 28.15 29.28
N ALA G 40 -24.67 28.37 30.53
CA ALA G 40 -25.25 29.48 31.25
C ALA G 40 -24.78 30.72 30.53
N PRO G 41 -25.56 31.77 30.50
CA PRO G 41 -25.08 33.01 29.98
C PRO G 41 -23.94 33.39 30.91
N GLY G 42 -22.91 34.03 30.37
CA GLY G 42 -21.77 34.36 31.21
C GLY G 42 -20.86 33.15 31.45
N GLN G 43 -21.09 32.05 30.71
CA GLN G 43 -20.36 30.81 30.96
C GLN G 43 -19.97 30.08 29.68
N GLY G 44 -18.87 29.33 29.77
CA GLY G 44 -18.39 28.50 28.68
C GLY G 44 -19.35 27.36 28.41
N LEU G 45 -19.28 26.82 27.20
CA LEU G 45 -20.18 25.77 26.82
C LEU G 45 -20.05 24.51 27.63
N GLU G 46 -21.19 23.93 27.96
CA GLU G 46 -21.24 22.65 28.59
C GLU G 46 -21.61 21.62 27.57
N TRP G 47 -20.83 20.56 27.49
CA TRP G 47 -21.22 19.50 26.61
C TRP G 47 -22.45 18.84 27.17
N MET G 48 -23.44 18.53 26.36
CA MET G 48 -24.53 17.80 26.95
C MET G 48 -24.53 16.32 26.58
N GLY G 49 -23.56 15.88 25.80
CA GLY G 49 -23.68 14.56 25.24
C GLY G 49 -24.27 14.74 23.85
N TRP G 50 -24.56 13.67 23.15
CA TRP G 50 -25.05 13.76 21.80
C TRP G 50 -25.95 12.60 21.48
N ILE G 51 -26.62 12.66 20.35
CA ILE G 51 -27.47 11.55 19.99
C ILE G 51 -27.19 11.05 18.62
N ASN G 52 -27.23 9.75 18.48
CA ASN G 52 -27.13 9.13 17.19
C ASN G 52 -28.50 8.97 16.63
N PRO G 53 -29.01 9.92 15.83
CA PRO G 53 -30.36 9.93 15.29
C PRO G 53 -30.70 8.70 14.44
N LYS G 54 -29.69 7.99 13.96
CA LYS G 54 -30.00 6.82 13.18
C LYS G 54 -30.64 5.76 14.07
N SER G 55 -30.22 5.71 15.35
CA SER G 55 -30.76 4.74 16.30
C SER G 55 -31.36 5.38 17.55
N GLY G 56 -31.16 6.68 17.71
CA GLY G 56 -31.66 7.43 18.84
C GLY G 56 -30.84 7.30 20.12
N GLU G 57 -29.67 6.67 20.07
CA GLU G 57 -28.93 6.49 21.31
C GLU G 57 -28.43 7.76 21.99
N THR G 58 -28.49 7.75 23.32
CA THR G 58 -27.99 8.83 24.17
C THR G 58 -26.52 8.69 24.39
N HIS G 59 -25.77 9.78 24.23
CA HIS G 59 -24.35 9.62 24.39
C HIS G 59 -23.53 10.68 25.09
N TYR G 60 -23.31 10.48 26.36
CA TYR G 60 -24.32 10.15 27.31
C TYR G 60 -24.29 11.17 28.45
N ALA G 61 -23.45 12.20 28.30
CA ALA G 61 -23.03 13.05 29.42
C ALA G 61 -24.09 13.70 30.29
N GLN G 62 -25.21 14.14 29.76
CA GLN G 62 -26.15 14.74 30.69
C GLN G 62 -27.01 13.79 31.43
N LYS G 63 -26.91 12.50 31.16
CA LYS G 63 -27.65 11.53 31.95
C LYS G 63 -27.22 11.66 33.41
N PHE G 64 -26.05 12.28 33.67
CA PHE G 64 -25.59 12.46 35.03
C PHE G 64 -26.61 13.27 35.80
N ARG G 65 -27.24 14.26 35.14
CA ARG G 65 -28.34 14.94 35.79
C ARG G 65 -29.63 14.19 35.53
N GLY G 66 -29.68 13.55 34.36
CA GLY G 66 -30.81 12.78 33.87
C GLY G 66 -31.87 13.70 33.28
N TRP G 67 -31.55 14.99 33.16
CA TRP G 67 -32.49 15.96 32.63
C TRP G 67 -32.90 15.83 31.20
N VAL G 68 -32.12 15.14 30.37
CA VAL G 68 -32.50 15.16 28.96
C VAL G 68 -32.49 13.85 28.21
N THR G 69 -33.51 13.73 27.36
CA THR G 69 -33.63 12.67 26.37
C THR G 69 -34.15 13.34 25.13
N LEU G 70 -34.05 12.71 23.96
CA LEU G 70 -34.62 13.38 22.80
C LEU G 70 -35.75 12.67 22.14
N THR G 71 -36.73 13.46 21.70
CA THR G 71 -37.76 12.90 20.89
C THR G 71 -37.19 12.85 19.50
N ARG G 72 -37.32 11.71 18.86
CA ARG G 72 -36.72 11.56 17.55
C ARG G 72 -37.63 10.92 16.55
N ASP G 73 -38.68 11.59 16.16
CA ASP G 73 -39.50 10.99 15.14
C ASP G 73 -38.74 11.07 13.82
N THR G 74 -38.48 9.92 13.21
CA THR G 74 -37.68 9.90 12.00
C THR G 74 -38.44 10.33 10.77
N SER G 75 -39.76 10.42 10.87
CA SER G 75 -40.56 10.88 9.74
C SER G 75 -40.68 12.40 9.71
N ILE G 76 -40.03 13.09 10.65
CA ILE G 76 -40.10 14.53 10.66
C ILE G 76 -38.71 15.09 10.63
N SER G 77 -38.61 16.36 10.32
CA SER G 77 -37.33 17.03 10.19
C SER G 77 -36.73 17.51 11.48
N THR G 78 -37.33 17.20 12.63
CA THR G 78 -36.77 17.67 13.90
C THR G 78 -36.68 16.66 14.99
N THR G 79 -35.90 17.03 16.00
CA THR G 79 -35.82 16.26 17.24
C THR G 79 -36.03 17.23 18.35
N TYR G 80 -36.33 16.70 19.50
CA TYR G 80 -36.58 17.57 20.61
C TYR G 80 -35.76 17.23 21.77
N MET G 81 -35.06 18.19 22.33
CA MET G 81 -34.28 17.86 23.49
C MET G 81 -35.23 17.95 24.63
N ASP G 82 -35.86 16.84 24.93
CA ASP G 82 -36.82 16.79 26.00
C ASP G 82 -36.12 17.03 27.30
N LEU G 83 -36.65 17.93 28.09
CA LEU G 83 -36.02 18.22 29.34
C LEU G 83 -36.94 17.92 30.49
N THR G 84 -36.37 17.54 31.61
CA THR G 84 -37.16 17.36 32.81
C THR G 84 -36.47 17.98 33.99
N ARG G 85 -37.25 18.21 35.05
CA ARG G 85 -36.72 18.77 36.29
C ARG G 85 -35.99 20.07 36.06
N LEU G 86 -36.47 20.87 35.11
CA LEU G 86 -35.80 22.11 34.79
C LEU G 86 -35.89 23.05 35.94
N LYS G 87 -34.83 23.78 36.22
CA LYS G 87 -34.89 24.72 37.32
C LYS G 87 -34.35 26.07 36.96
N SER G 88 -34.85 27.08 37.66
CA SER G 88 -34.41 28.44 37.45
C SER G 88 -33.08 28.71 38.12
N ASP G 89 -32.55 27.72 38.85
CA ASP G 89 -31.23 27.87 39.45
C ASP G 89 -30.13 27.47 38.49
N ASP G 90 -30.49 27.16 37.24
CA ASP G 90 -29.49 26.86 36.24
C ASP G 90 -29.98 27.29 34.88
N THR G 91 -29.84 28.59 34.61
CA THR G 91 -30.25 29.15 33.34
C THR G 91 -29.29 28.72 32.26
N ALA G 92 -29.77 28.60 31.03
CA ALA G 92 -28.84 28.28 29.95
C ALA G 92 -29.38 28.59 28.60
N VAL G 93 -28.49 28.73 27.64
CA VAL G 93 -28.92 28.81 26.28
C VAL G 93 -28.52 27.49 25.63
N TYR G 94 -29.51 26.74 25.22
CA TYR G 94 -29.27 25.48 24.54
C TYR G 94 -28.86 25.67 23.10
N PHE G 95 -28.00 24.81 22.56
CA PHE G 95 -27.61 24.89 21.17
C PHE G 95 -27.51 23.51 20.52
N CYS G 96 -27.55 23.48 19.19
CA CYS G 96 -27.49 22.23 18.46
C CYS G 96 -26.36 22.11 17.41
N ALA G 97 -25.16 21.80 17.89
CA ALA G 97 -23.99 21.48 17.07
C ALA G 97 -24.22 20.24 16.19
N ARG G 98 -23.54 20.13 15.06
CA ARG G 98 -23.70 18.94 14.22
C ARG G 98 -22.42 18.12 14.03
N GLY G 99 -22.55 16.81 14.20
CA GLY G 99 -21.44 15.85 14.09
C GLY G 99 -21.33 15.24 12.69
N ASP G 100 -20.63 14.11 12.59
CA ASP G 100 -20.49 13.45 11.29
C ASP G 100 -20.77 11.94 11.34
N LEU G 101 -22.05 11.61 11.38
CA LEU G 101 -22.57 10.25 11.42
C LEU G 101 -22.27 9.41 10.20
N GLU G 102 -22.11 8.10 10.44
CA GLU G 102 -21.80 7.07 9.47
C GLU G 102 -20.38 7.14 8.99
N THR G 103 -19.49 7.56 9.87
CA THR G 103 -18.09 7.60 9.56
C THR G 103 -17.31 6.98 10.68
N THR G 104 -16.06 6.63 10.42
CA THR G 104 -15.23 6.17 11.50
C THR G 104 -15.01 7.36 12.41
N ILE G 105 -15.01 7.16 13.71
CA ILE G 105 -14.90 8.35 14.51
C ILE G 105 -13.50 8.72 14.86
N PHE G 106 -13.05 9.71 14.11
CA PHE G 106 -11.79 10.41 14.29
C PHE G 106 -12.06 11.80 14.83
N PHE G 107 -13.24 11.99 15.39
CA PHE G 107 -13.70 13.32 15.62
C PHE G 107 -12.78 14.19 16.44
N TYR G 108 -12.62 15.46 15.99
CA TYR G 108 -13.57 16.37 15.27
C TYR G 108 -14.86 16.59 16.00
N ASN G 109 -14.78 17.30 17.10
CA ASN G 109 -15.95 17.61 17.87
C ASN G 109 -16.89 18.41 17.00
N ALA G 110 -18.18 18.17 17.18
CA ALA G 110 -19.20 18.74 16.32
C ALA G 110 -19.11 20.23 16.16
N VAL G 111 -19.40 20.67 14.95
CA VAL G 111 -19.36 22.07 14.61
C VAL G 111 -20.58 22.75 15.13
N ASP G 112 -20.43 23.92 15.74
CA ASP G 112 -21.64 24.59 16.18
C ASP G 112 -22.28 25.32 15.02
N VAL G 113 -22.90 24.53 14.14
CA VAL G 113 -23.58 25.05 12.99
C VAL G 113 -24.81 25.83 13.39
N TRP G 114 -25.38 25.44 14.52
CA TRP G 114 -26.53 26.10 15.04
C TRP G 114 -26.46 26.17 16.56
N GLY G 115 -26.14 27.36 17.09
CA GLY G 115 -26.59 28.69 16.59
C GLY G 115 -27.88 29.09 17.29
N GLN G 116 -28.34 30.33 17.08
CA GLN G 116 -29.61 30.76 17.71
C GLN G 116 -29.58 30.47 19.21
N GLY G 117 -30.13 29.31 19.54
CA GLY G 117 -30.22 28.74 20.84
C GLY G 117 -31.53 29.01 21.53
N THR G 118 -31.72 28.35 22.66
CA THR G 118 -32.91 28.53 23.45
C THR G 118 -32.58 28.90 24.87
N LEU G 119 -32.74 30.15 25.21
CA LEU G 119 -32.54 30.53 26.59
C LEU G 119 -33.61 29.98 27.49
N VAL G 120 -33.22 29.52 28.66
CA VAL G 120 -34.21 29.22 29.65
C VAL G 120 -33.80 29.94 30.89
N THR G 121 -34.75 30.25 31.75
CA THR G 121 -34.40 30.90 32.99
C THR G 121 -34.87 30.09 34.16
N ASP H 1 4.06 3.44 59.54
CA ASP H 1 3.94 2.00 59.63
C ASP H 1 2.60 1.50 59.16
N VAL H 2 2.63 0.59 58.21
CA VAL H 2 1.41 -0.01 57.74
C VAL H 2 0.77 -0.82 58.82
N LYS H 3 -0.53 -0.72 58.96
CA LYS H 3 -1.12 -1.55 59.96
C LYS H 3 -1.89 -2.64 59.29
N LEU H 4 -1.47 -3.87 59.48
CA LEU H 4 -2.27 -4.93 58.95
C LEU H 4 -3.48 -5.05 59.86
N LEU H 5 -4.64 -5.17 59.27
CA LEU H 5 -5.88 -5.15 60.00
C LEU H 5 -6.63 -6.42 59.78
N GLU H 6 -7.45 -6.81 60.72
CA GLU H 6 -8.23 -8.01 60.50
C GLU H 6 -9.70 -7.79 60.80
N SER H 7 -10.53 -8.45 60.01
CA SER H 7 -11.96 -8.43 60.12
C SER H 7 -12.48 -9.81 59.77
N GLY H 8 -13.73 -10.11 60.09
CA GLY H 8 -14.19 -11.45 59.80
C GLY H 8 -15.69 -11.61 59.68
N GLY H 9 -16.30 -11.91 60.83
CA GLY H 9 -15.61 -12.65 61.89
C GLY H 9 -16.58 -12.95 63.03
N GLY H 10 -16.08 -13.50 64.13
CA GLY H 10 -16.98 -13.87 65.23
C GLY H 10 -17.61 -15.24 65.04
N LEU H 11 -18.69 -15.48 65.75
CA LEU H 11 -19.34 -16.78 65.77
C LEU H 11 -19.88 -17.24 64.42
N VAL H 12 -19.65 -18.51 64.10
CA VAL H 12 -20.15 -19.13 62.88
C VAL H 12 -20.75 -20.51 63.19
N GLN H 13 -21.92 -20.83 62.67
CA GLN H 13 -22.39 -22.20 62.88
C GLN H 13 -21.46 -23.15 62.13
N PRO H 14 -21.18 -24.35 62.66
CA PRO H 14 -20.32 -25.31 62.02
C PRO H 14 -20.95 -25.72 60.72
N GLY H 15 -20.11 -25.99 59.74
CA GLY H 15 -20.52 -26.35 58.40
C GLY H 15 -20.94 -25.07 57.64
N GLY H 16 -20.70 -23.91 58.25
CA GLY H 16 -21.07 -22.61 57.69
C GLY H 16 -20.01 -22.01 56.83
N SER H 17 -20.12 -20.71 56.60
CA SER H 17 -19.14 -20.00 55.81
C SER H 17 -18.84 -18.64 56.42
N LEU H 18 -17.67 -18.10 56.09
CA LEU H 18 -17.26 -16.81 56.62
C LEU H 18 -16.29 -16.11 55.68
N LYS H 19 -16.55 -14.88 55.25
CA LYS H 19 -15.47 -14.32 54.48
C LYS H 19 -14.54 -13.56 55.40
N LEU H 20 -13.52 -14.29 55.85
CA LEU H 20 -12.52 -13.75 56.75
C LEU H 20 -11.65 -12.75 55.97
N SER H 21 -11.23 -11.66 56.58
CA SER H 21 -10.49 -10.69 55.77
C SER H 21 -9.44 -9.86 56.50
N CYS H 22 -8.60 -9.19 55.72
CA CYS H 22 -7.60 -8.28 56.28
C CYS H 22 -7.42 -7.06 55.41
N ALA H 23 -6.74 -6.06 55.95
CA ALA H 23 -6.49 -4.84 55.22
C ALA H 23 -5.18 -4.20 55.64
N ALA H 24 -4.59 -3.42 54.77
CA ALA H 24 -3.29 -2.81 55.11
C ALA H 24 -3.38 -1.29 55.19
N SER H 25 -3.71 -0.76 56.36
CA SER H 25 -3.83 0.68 56.45
C SER H 25 -2.49 1.34 56.24
N GLY H 26 -2.51 2.45 55.51
CA GLY H 26 -1.31 3.23 55.28
C GLY H 26 -0.43 2.60 54.20
N PHE H 27 -0.94 1.58 53.52
CA PHE H 27 -0.15 0.85 52.54
C PHE H 27 -0.56 1.08 51.12
N SER H 28 0.41 1.13 50.22
CA SER H 28 0.04 1.16 48.83
C SER H 28 0.04 -0.26 48.32
N LEU H 29 -1.12 -0.92 48.31
CA LEU H 29 -1.08 -2.26 47.76
C LEU H 29 -0.81 -2.15 46.28
N SER H 30 0.11 -2.97 45.83
CA SER H 30 0.52 -2.95 44.45
C SER H 30 1.14 -4.27 44.13
N THR H 31 1.50 -4.47 42.86
CA THR H 31 2.22 -5.68 42.52
C THR H 31 3.63 -5.63 43.15
N SER H 32 4.10 -4.41 43.45
CA SER H 32 5.35 -4.28 44.13
C SER H 32 5.13 -4.78 45.50
N GLY H 33 6.12 -5.37 46.09
CA GLY H 33 5.91 -5.91 47.41
C GLY H 33 5.23 -7.27 47.37
N VAL H 34 5.07 -7.86 46.18
CA VAL H 34 4.64 -9.25 46.00
C VAL H 34 3.27 -9.69 46.44
N GLY H 35 3.02 -9.62 47.71
CA GLY H 35 1.86 -10.30 48.18
C GLY H 35 1.71 -10.23 49.66
N VAL H 36 0.80 -11.05 50.14
CA VAL H 36 0.50 -11.08 51.54
C VAL H 36 0.52 -12.51 52.04
N GLY H 37 0.85 -12.68 53.31
CA GLY H 37 0.78 -13.98 53.95
C GLY H 37 -0.67 -14.21 54.28
N TRP H 38 -0.99 -15.25 55.01
CA TRP H 38 -2.39 -15.42 55.30
C TRP H 38 -2.56 -16.10 56.60
N PHE H 39 -3.79 -16.15 57.06
CA PHE H 39 -4.00 -16.52 58.43
C PHE H 39 -3.46 -17.84 58.84
N ARG H 40 -2.83 -17.83 60.01
CA ARG H 40 -2.30 -19.00 60.66
C ARG H 40 -3.10 -19.17 61.89
N GLN H 41 -3.27 -20.40 62.32
CA GLN H 41 -4.08 -20.60 63.50
C GLN H 41 -3.20 -20.42 64.74
N PRO H 42 -3.43 -19.40 65.58
CA PRO H 42 -2.77 -19.14 66.86
C PRO H 42 -3.11 -20.18 67.89
N SER H 43 -4.25 -20.85 67.70
CA SER H 43 -4.62 -21.92 68.58
C SER H 43 -3.57 -22.98 68.42
N GLY H 44 -3.33 -23.73 69.45
CA GLY H 44 -2.27 -24.69 69.33
C GLY H 44 -2.47 -25.85 70.28
N LYS H 45 -1.59 -26.86 70.12
CA LYS H 45 -1.08 -27.33 68.80
C LYS H 45 0.10 -26.53 68.26
N GLY H 46 -0.11 -25.85 67.12
CA GLY H 46 0.99 -25.26 66.38
C GLY H 46 0.51 -24.58 65.10
N LEU H 47 1.47 -24.28 64.23
CA LEU H 47 1.30 -23.58 62.96
C LEU H 47 0.28 -24.22 62.04
N GLU H 48 -0.45 -23.37 61.31
CA GLU H 48 -1.39 -23.85 60.33
C GLU H 48 -1.20 -23.06 59.03
N TRP H 49 -2.29 -22.64 58.42
CA TRP H 49 -2.26 -22.08 57.08
C TRP H 49 -1.47 -20.82 56.81
N LEU H 50 -0.80 -20.80 55.68
CA LEU H 50 -0.17 -19.63 55.09
C LEU H 50 -0.70 -19.56 53.69
N ALA H 51 -0.83 -18.40 53.05
CA ALA H 51 -1.23 -18.49 51.65
C ALA H 51 -0.18 -17.94 50.77
N LEU H 52 -0.03 -18.53 49.61
CA LEU H 52 0.93 -18.05 48.66
C LEU H 52 0.27 -16.99 47.82
N ILE H 53 -0.02 -15.85 48.40
CA ILE H 53 -0.72 -14.87 47.61
C ILE H 53 0.18 -13.96 46.87
N TRP H 54 0.05 -14.01 45.55
CA TRP H 54 0.77 -13.12 44.68
C TRP H 54 -0.22 -12.22 44.06
N TRP H 55 0.18 -11.00 43.77
CA TRP H 55 -0.79 -10.09 43.21
C TRP H 55 -1.48 -10.66 41.95
N ASP H 56 -0.76 -11.49 41.18
CA ASP H 56 -1.37 -12.13 40.03
C ASP H 56 -1.69 -13.59 40.20
N ASP H 57 -1.52 -14.14 41.39
CA ASP H 57 -1.76 -15.55 41.53
C ASP H 57 -2.04 -15.97 42.94
N ASP H 58 -3.28 -16.14 43.31
CA ASP H 58 -3.52 -16.67 44.62
C ASP H 58 -3.13 -18.13 44.57
N LYS H 59 -2.30 -18.58 45.49
CA LYS H 59 -1.94 -19.99 45.49
C LYS H 59 -2.21 -20.60 46.84
N TYR H 60 -2.49 -21.88 46.82
CA TYR H 60 -2.86 -22.54 48.03
C TYR H 60 -1.75 -23.41 48.56
N TYR H 61 -1.34 -23.06 49.76
CA TYR H 61 -0.33 -23.71 50.56
C TYR H 61 -0.55 -25.18 50.76
N ASN H 62 -1.78 -25.53 51.00
CA ASN H 62 -2.23 -26.89 51.16
C ASN H 62 -3.59 -27.02 50.58
N PRO H 63 -3.69 -27.27 49.28
CA PRO H 63 -4.90 -27.35 48.48
C PRO H 63 -5.94 -28.32 49.01
N SER H 64 -5.57 -29.30 49.83
CA SER H 64 -6.59 -30.19 50.38
C SER H 64 -7.57 -29.42 51.25
N LEU H 65 -7.10 -28.32 51.82
CA LEU H 65 -7.89 -27.50 52.70
C LEU H 65 -8.87 -26.63 51.95
N LYS H 66 -8.73 -26.58 50.62
CA LYS H 66 -9.62 -25.80 49.80
C LYS H 66 -11.06 -26.24 49.90
N SER H 67 -11.31 -27.45 50.41
CA SER H 67 -12.69 -27.83 50.61
C SER H 67 -13.40 -26.84 51.54
N GLN H 68 -12.64 -26.19 52.44
CA GLN H 68 -13.21 -25.14 53.24
C GLN H 68 -12.75 -23.74 52.82
N LEU H 69 -11.70 -23.62 52.01
CA LEU H 69 -11.24 -22.27 51.69
C LEU H 69 -10.91 -21.91 50.25
N SER H 70 -11.05 -20.62 49.95
CA SER H 70 -10.57 -20.05 48.71
C SER H 70 -10.14 -18.61 48.98
N ILE H 71 -9.30 -18.04 48.13
CA ILE H 71 -8.78 -16.70 48.42
C ILE H 71 -8.95 -15.70 47.29
N SER H 72 -9.26 -14.44 47.65
CA SER H 72 -9.39 -13.37 46.67
C SER H 72 -8.95 -12.04 47.26
N LYS H 73 -8.69 -11.04 46.40
CA LYS H 73 -8.28 -9.74 46.90
C LYS H 73 -8.84 -8.54 46.14
N ASP H 74 -8.83 -7.40 46.81
CA ASP H 74 -9.22 -6.10 46.31
C ASP H 74 -8.01 -5.17 46.21
N PHE H 75 -7.75 -4.54 45.06
CA PHE H 75 -6.69 -3.54 45.04
C PHE H 75 -7.19 -2.11 45.13
N SER H 76 -8.50 -1.89 44.93
CA SER H 76 -9.07 -0.53 45.06
C SER H 76 -8.98 -0.06 46.48
N ARG H 77 -8.94 -1.03 47.38
CA ARG H 77 -8.75 -0.84 48.78
C ARG H 77 -7.72 -1.85 49.13
N ASN H 78 -6.93 -1.63 50.16
CA ASN H 78 -5.92 -2.65 50.40
C ASN H 78 -6.58 -3.76 51.14
N GLN H 79 -7.22 -4.69 50.42
CA GLN H 79 -7.90 -5.73 51.15
C GLN H 79 -7.79 -7.10 50.55
N VAL H 80 -7.83 -8.09 51.41
CA VAL H 80 -7.74 -9.48 51.03
C VAL H 80 -8.77 -10.31 51.77
N PHE H 81 -9.26 -11.36 51.13
CA PHE H 81 -10.36 -12.11 51.69
C PHE H 81 -10.18 -13.61 51.64
N LEU H 82 -10.84 -14.30 52.55
CA LEU H 82 -10.81 -15.73 52.62
C LEU H 82 -12.21 -16.29 52.59
N LYS H 83 -12.46 -17.15 51.65
CA LYS H 83 -13.78 -17.69 51.46
C LYS H 83 -13.95 -18.96 52.25
N ILE H 84 -14.16 -18.79 53.55
CA ILE H 84 -14.36 -19.94 54.41
C ILE H 84 -15.69 -20.58 54.15
N SER H 85 -15.73 -21.90 54.06
CA SER H 85 -16.98 -22.62 53.92
C SER H 85 -16.86 -23.97 54.59
N ASN H 86 -17.98 -24.63 54.87
CA ASN H 86 -17.95 -25.97 55.46
C ASN H 86 -17.14 -25.98 56.74
N VAL H 87 -17.39 -25.05 57.64
CA VAL H 87 -16.48 -24.90 58.77
C VAL H 87 -16.35 -26.07 59.72
N ASP H 88 -15.07 -26.42 59.96
CA ASP H 88 -14.63 -27.38 60.97
C ASP H 88 -14.52 -26.70 62.32
N ILE H 89 -15.16 -27.24 63.34
CA ILE H 89 -15.09 -26.60 64.64
C ILE H 89 -13.67 -26.53 65.22
N ALA H 90 -12.79 -27.44 64.77
CA ALA H 90 -11.41 -27.49 65.23
C ALA H 90 -10.59 -26.31 64.75
N ASP H 91 -11.10 -25.60 63.77
CA ASP H 91 -10.39 -24.48 63.22
C ASP H 91 -10.64 -23.17 63.91
N THR H 92 -11.36 -23.11 65.03
CA THR H 92 -11.52 -21.78 65.58
C THR H 92 -10.19 -21.23 66.08
N ALA H 93 -9.96 -19.96 65.79
CA ALA H 93 -8.77 -19.28 66.25
C ALA H 93 -8.90 -17.80 66.08
N THR H 94 -7.99 -17.06 66.67
CA THR H 94 -8.01 -15.64 66.39
C THR H 94 -7.36 -15.30 65.03
N TYR H 95 -6.68 -16.27 64.41
CA TYR H 95 -6.17 -16.17 63.02
C TYR H 95 -5.29 -15.01 62.63
N TYR H 96 -3.98 -15.20 62.63
CA TYR H 96 -3.17 -14.07 62.23
C TYR H 96 -2.63 -14.11 60.81
N CYS H 97 -2.99 -13.10 60.03
CA CYS H 97 -2.46 -12.84 58.70
C CYS H 97 -1.19 -12.06 58.87
N ALA H 98 -0.30 -12.08 57.89
CA ALA H 98 0.92 -11.30 58.04
C ALA H 98 1.42 -10.79 56.70
N ARG H 99 2.06 -9.62 56.70
CA ARG H 99 2.57 -9.09 55.42
C ARG H 99 3.97 -8.51 55.43
N ARG H 100 5.01 -9.30 55.66
CA ARG H 100 6.35 -8.72 55.62
C ARG H 100 6.72 -8.28 54.23
N ASP H 101 7.46 -7.20 54.12
CA ASP H 101 7.89 -6.81 52.80
C ASP H 101 8.83 -7.91 52.31
N PRO H 102 8.68 -8.39 51.09
CA PRO H 102 9.47 -9.43 50.45
C PRO H 102 10.88 -8.98 50.29
N PHE H 103 11.76 -9.94 50.25
CA PHE H 103 13.17 -9.71 50.12
C PHE H 103 13.53 -10.22 48.75
N GLY H 104 12.79 -9.69 47.77
CA GLY H 104 12.87 -10.13 46.40
C GLY H 104 12.27 -11.50 46.36
N TYR H 105 12.95 -12.42 45.71
CA TYR H 105 12.48 -13.78 45.65
C TYR H 105 12.31 -14.42 47.04
N ASP H 106 13.03 -13.91 48.04
CA ASP H 106 12.87 -14.45 49.38
C ASP H 106 11.68 -13.79 50.05
N ASN H 107 10.51 -14.32 49.74
CA ASN H 107 9.25 -13.82 50.25
C ASN H 107 8.95 -14.33 51.67
N ALA H 108 9.72 -13.86 52.64
CA ALA H 108 9.59 -14.25 54.05
C ALA H 108 8.47 -13.48 54.74
N MET H 109 7.22 -13.87 54.51
CA MET H 109 6.08 -13.09 54.99
C MET H 109 5.66 -13.23 56.47
N GLY H 110 6.41 -12.53 57.30
CA GLY H 110 6.12 -12.29 58.72
C GLY H 110 5.34 -10.98 58.76
N TYR H 111 5.35 -10.27 59.89
CA TYR H 111 4.67 -8.96 60.02
C TYR H 111 3.20 -9.15 60.32
N TRP H 112 2.93 -9.89 61.38
CA TRP H 112 1.57 -10.24 61.72
C TRP H 112 0.70 -9.04 62.07
N GLY H 113 -0.56 -9.12 61.63
CA GLY H 113 -1.56 -8.08 61.82
C GLY H 113 -2.41 -8.27 63.05
N GLN H 114 -3.54 -7.56 63.07
CA GLN H 114 -4.51 -7.67 64.16
C GLN H 114 -5.15 -9.05 64.23
N GLY H 115 -5.46 -9.49 65.44
CA GLY H 115 -6.27 -10.70 65.68
C GLY H 115 -7.77 -10.44 65.44
N THR H 116 -8.56 -11.51 65.30
CA THR H 116 -10.04 -11.49 65.24
C THR H 116 -10.47 -12.62 66.13
N SER H 117 -11.73 -12.78 66.44
CA SER H 117 -12.05 -13.97 67.21
C SER H 117 -13.00 -14.90 66.44
N VAL H 118 -12.46 -15.89 65.73
CA VAL H 118 -13.36 -16.82 65.06
C VAL H 118 -13.83 -17.85 66.04
N THR H 119 -15.13 -18.02 66.16
CA THR H 119 -15.69 -19.05 67.03
C THR H 119 -16.81 -19.78 66.32
N VAL H 120 -17.20 -20.95 66.82
CA VAL H 120 -18.34 -21.65 66.24
C VAL H 120 -19.36 -22.13 67.27
N SER H 121 -20.57 -22.41 66.80
CA SER H 121 -21.64 -22.96 67.65
C SER H 121 -22.84 -23.44 66.84
N ASP I 1 5.03 -31.63 51.67
CA ASP I 1 6.23 -31.96 50.93
C ASP I 1 7.41 -32.24 51.86
N ILE I 2 7.72 -31.24 52.67
CA ILE I 2 8.83 -31.28 53.59
C ILE I 2 8.35 -31.08 54.99
N VAL I 3 8.96 -31.78 55.93
CA VAL I 3 8.54 -31.63 57.30
C VAL I 3 9.70 -31.17 58.13
N MET I 4 9.37 -30.63 59.29
CA MET I 4 10.37 -30.03 60.14
C MET I 4 10.17 -30.30 61.60
N THR I 5 11.28 -30.31 62.32
CA THR I 5 11.25 -30.51 63.75
C THR I 5 12.11 -29.44 64.40
N GLN I 6 11.94 -29.28 65.69
CA GLN I 6 12.68 -28.30 66.45
C GLN I 6 12.93 -28.80 67.84
N SER I 7 13.98 -28.28 68.48
CA SER I 7 14.27 -28.74 69.82
C SER I 7 13.04 -28.46 70.70
N PRO I 8 12.83 -29.24 71.76
CA PRO I 8 11.64 -29.31 72.60
C PRO I 8 11.29 -28.01 73.28
N LEU I 9 9.99 -27.84 73.52
CA LEU I 9 9.49 -26.69 74.25
C LEU I 9 10.06 -26.57 75.63
N SER I 10 10.30 -27.71 76.29
CA SER I 10 10.76 -27.64 77.66
C SER I 10 12.26 -27.57 77.75
N LEU I 11 12.71 -26.34 77.84
CA LEU I 11 14.10 -26.00 78.04
C LEU I 11 14.17 -25.12 79.28
N SER I 12 15.30 -25.07 79.98
CA SER I 12 15.37 -24.16 81.12
C SER I 12 16.64 -23.35 81.10
N THR I 13 16.52 -22.10 81.53
CA THR I 13 17.58 -21.11 81.55
C THR I 13 17.66 -20.21 82.78
N SER I 14 18.76 -19.46 82.83
CA SER I 14 18.99 -18.43 83.81
C SER I 14 19.63 -17.27 83.04
N VAL I 15 19.61 -16.08 83.64
CA VAL I 15 20.10 -14.91 82.91
C VAL I 15 21.58 -14.98 82.60
N GLY I 16 21.91 -14.58 81.39
CA GLY I 16 23.26 -14.57 80.84
C GLY I 16 23.71 -15.92 80.30
N ASP I 17 22.82 -16.93 80.26
CA ASP I 17 23.24 -18.19 79.66
C ASP I 17 23.32 -18.08 78.15
N ARG I 18 24.46 -18.39 77.55
CA ARG I 18 24.42 -18.46 76.11
C ARG I 18 23.57 -19.66 75.76
N VAL I 19 22.71 -19.54 74.76
CA VAL I 19 21.89 -20.67 74.36
C VAL I 19 21.86 -20.83 72.87
N SER I 20 21.43 -21.99 72.40
CA SER I 20 21.19 -22.12 70.99
C SER I 20 20.02 -23.04 70.77
N LEU I 21 19.42 -22.92 69.61
CA LEU I 21 18.28 -23.72 69.24
C LEU I 21 18.54 -24.47 67.97
N THR I 22 17.87 -25.59 67.76
CA THR I 22 18.06 -26.25 66.48
C THR I 22 16.78 -26.72 65.88
N CYS I 23 16.84 -26.97 64.58
CA CYS I 23 15.73 -27.55 63.87
C CYS I 23 16.26 -28.52 62.85
N LYS I 24 15.36 -29.35 62.36
CA LYS I 24 15.74 -30.32 61.36
C LYS I 24 14.70 -30.37 60.27
N ALA I 25 15.09 -30.84 59.10
CA ALA I 25 14.12 -30.92 58.02
C ALA I 25 14.35 -32.13 57.17
N SER I 26 13.30 -32.57 56.50
CA SER I 26 13.37 -33.75 55.65
C SER I 26 13.98 -33.52 54.27
N GLN I 27 14.44 -32.30 54.00
CA GLN I 27 15.03 -32.01 52.70
C GLN I 27 16.17 -31.02 52.83
N ASN I 28 17.12 -31.07 51.91
CA ASN I 28 18.22 -30.13 51.99
C ASN I 28 17.80 -28.79 51.42
N VAL I 29 17.32 -27.96 52.33
CA VAL I 29 16.84 -26.61 52.10
C VAL I 29 17.85 -25.61 51.55
N GLY I 30 19.14 -25.92 51.68
CA GLY I 30 20.13 -24.92 51.34
C GLY I 30 20.03 -23.85 52.41
N THR I 31 20.00 -22.59 52.01
CA THR I 31 19.89 -21.50 52.97
C THR I 31 18.49 -20.87 53.07
N ALA I 32 17.49 -21.45 52.39
CA ALA I 32 16.16 -20.82 52.35
C ALA I 32 15.33 -21.03 53.60
N VAL I 33 15.72 -20.39 54.69
CA VAL I 33 14.97 -20.47 55.94
C VAL I 33 14.78 -19.17 56.65
N ALA I 34 13.91 -19.20 57.65
CA ALA I 34 13.82 -18.07 58.55
C ALA I 34 13.39 -18.50 59.95
N TRP I 35 13.74 -17.68 60.93
CA TRP I 35 13.38 -17.93 62.33
C TRP I 35 12.52 -16.80 62.84
N TYR I 36 11.63 -17.09 63.79
CA TYR I 36 10.85 -16.02 64.40
C TYR I 36 10.53 -16.39 65.83
N GLN I 37 10.01 -15.44 66.57
CA GLN I 37 9.61 -15.72 67.92
C GLN I 37 8.32 -15.02 68.29
N GLN I 38 7.63 -15.56 69.26
CA GLN I 38 6.42 -14.88 69.67
C GLN I 38 6.26 -15.00 71.16
N LYS I 39 5.56 -14.06 71.75
CA LYS I 39 5.35 -14.12 73.16
C LYS I 39 3.85 -14.19 73.35
N PRO I 40 3.36 -14.85 74.39
CA PRO I 40 1.95 -15.05 74.59
C PRO I 40 1.29 -13.71 74.73
N GLY I 41 0.08 -13.63 74.21
CA GLY I 41 -0.68 -12.41 74.27
C GLY I 41 -0.18 -11.41 73.22
N GLN I 42 0.71 -11.83 72.32
CA GLN I 42 1.29 -10.90 71.38
C GLN I 42 1.45 -11.49 70.00
N SER I 43 1.40 -10.64 68.99
CA SER I 43 1.69 -11.14 67.67
C SER I 43 3.19 -11.47 67.64
N PRO I 44 3.59 -12.44 66.84
CA PRO I 44 4.96 -12.85 66.54
C PRO I 44 5.80 -11.81 65.82
N LYS I 45 7.12 -11.89 65.97
CA LYS I 45 8.02 -11.10 65.13
C LYS I 45 9.13 -11.96 64.56
N LEU I 46 9.50 -11.68 63.31
CA LEU I 46 10.58 -12.41 62.66
C LEU I 46 11.95 -12.13 63.28
N LEU I 47 12.80 -13.14 63.31
CA LEU I 47 14.15 -12.97 63.83
C LEU I 47 15.29 -13.13 62.83
N ILE I 48 15.30 -14.24 62.09
CA ILE I 48 16.41 -14.50 61.19
C ILE I 48 16.06 -14.56 59.74
N TYR I 49 16.59 -13.60 58.99
CA TYR I 49 16.52 -13.61 57.54
C TYR I 49 17.44 -14.70 57.01
N SER I 50 16.96 -15.49 56.06
CA SER I 50 17.80 -16.54 55.49
C SER I 50 18.36 -17.47 56.58
N ALA I 51 19.42 -18.20 56.24
CA ALA I 51 20.04 -19.08 57.21
C ALA I 51 20.81 -18.36 58.32
N SER I 52 21.17 -17.08 58.14
CA SER I 52 21.95 -16.45 59.20
C SER I 52 21.64 -14.99 59.53
N ASN I 53 21.21 -14.25 58.53
CA ASN I 53 20.95 -12.81 58.62
C ASN I 53 19.80 -12.49 59.55
N ARG I 54 19.81 -11.33 60.15
CA ARG I 54 18.73 -11.04 61.07
C ARG I 54 17.91 -9.86 60.63
N TYR I 55 16.66 -9.89 61.01
CA TYR I 55 15.70 -8.84 60.75
C TYR I 55 15.96 -7.58 61.55
N THR I 56 15.49 -6.47 61.01
CA THR I 56 15.70 -5.20 61.68
C THR I 56 15.05 -5.20 63.05
N GLY I 57 15.80 -4.65 64.00
CA GLY I 57 15.43 -4.51 65.40
C GLY I 57 15.67 -5.79 66.21
N VAL I 58 16.28 -6.80 65.59
CA VAL I 58 16.67 -8.00 66.31
C VAL I 58 17.88 -7.67 67.18
N PRO I 59 17.95 -8.14 68.43
CA PRO I 59 19.03 -7.96 69.38
C PRO I 59 20.30 -8.56 68.85
N ASP I 60 21.43 -8.05 69.32
CA ASP I 60 22.73 -8.44 68.81
C ASP I 60 23.19 -9.78 69.35
N ARG I 61 22.34 -10.43 70.12
CA ARG I 61 22.60 -11.74 70.60
C ARG I 61 22.30 -12.79 69.54
N PHE I 62 21.57 -12.40 68.49
CA PHE I 62 21.04 -13.40 67.57
C PHE I 62 21.62 -13.54 66.18
N THR I 63 22.13 -14.73 65.86
CA THR I 63 22.41 -15.01 64.45
C THR I 63 21.98 -16.43 64.12
N GLY I 64 21.66 -16.68 62.87
CA GLY I 64 21.32 -18.03 62.40
C GLY I 64 22.56 -18.86 62.13
N SER I 65 22.38 -20.18 62.02
CA SER I 65 23.46 -21.05 61.59
C SER I 65 22.96 -22.33 60.90
N GLY I 66 23.86 -23.00 60.20
CA GLY I 66 23.59 -24.30 59.56
C GLY I 66 23.05 -24.19 58.13
N SER I 67 22.84 -25.35 57.52
CA SER I 67 22.29 -25.43 56.16
C SER I 67 21.55 -26.75 55.93
N GLY I 68 20.77 -26.81 54.86
CA GLY I 68 20.15 -28.06 54.48
C GLY I 68 19.15 -28.57 55.48
N THR I 69 19.35 -29.81 55.88
CA THR I 69 18.45 -30.46 56.83
C THR I 69 18.71 -30.04 58.27
N ASP I 70 19.75 -29.25 58.54
CA ASP I 70 20.06 -28.87 59.93
C ASP I 70 20.36 -27.39 60.11
N PHE I 71 19.60 -26.73 60.98
CA PHE I 71 19.87 -25.33 61.28
C PHE I 71 19.83 -25.08 62.74
N THR I 72 20.55 -24.05 63.16
CA THR I 72 20.53 -23.65 64.54
C THR I 72 20.40 -22.15 64.69
N LEU I 73 20.07 -21.72 65.88
CA LEU I 73 20.03 -20.31 66.17
C LEU I 73 20.94 -20.04 67.32
N THR I 74 21.93 -19.18 67.13
CA THR I 74 22.78 -18.83 68.23
C THR I 74 22.23 -17.64 68.94
N ILE I 75 22.09 -17.74 70.25
CA ILE I 75 21.70 -16.59 71.01
C ILE I 75 22.74 -16.32 72.08
N SER I 76 23.51 -15.26 71.96
CA SER I 76 24.45 -14.98 73.01
C SER I 76 23.67 -14.58 74.24
N ASN I 77 24.13 -15.02 75.40
CA ASN I 77 23.51 -14.66 76.66
C ASN I 77 22.02 -14.98 76.75
N MET I 78 21.43 -14.56 77.84
CA MET I 78 20.00 -14.67 78.05
C MET I 78 19.51 -13.49 78.83
N GLN I 79 18.27 -13.10 78.59
CA GLN I 79 17.66 -12.11 79.44
C GLN I 79 16.27 -12.62 79.69
N SER I 80 15.73 -12.41 80.89
CA SER I 80 14.40 -12.97 81.14
C SER I 80 13.32 -12.40 80.24
N GLU I 81 13.47 -11.15 79.83
CA GLU I 81 12.53 -10.52 78.93
C GLU I 81 12.62 -11.03 77.50
N ASP I 82 13.68 -11.77 77.18
CA ASP I 82 13.80 -12.28 75.86
C ASP I 82 13.16 -13.64 75.70
N LEU I 83 12.49 -14.16 76.73
CA LEU I 83 11.88 -15.44 76.49
C LEU I 83 10.75 -15.32 75.50
N ALA I 84 10.68 -16.26 74.61
CA ALA I 84 9.65 -16.30 73.62
C ALA I 84 9.54 -17.69 73.10
N ASP I 85 8.45 -18.00 72.43
CA ASP I 85 8.44 -19.26 71.73
C ASP I 85 9.27 -19.03 70.48
N TYR I 86 10.25 -19.88 70.22
CA TYR I 86 11.07 -19.70 69.03
C TYR I 86 10.76 -20.72 67.98
N PHE I 87 10.82 -20.32 66.71
CA PHE I 87 10.44 -21.14 65.58
C PHE I 87 11.38 -21.01 64.39
N CYS I 88 11.32 -21.97 63.47
CA CYS I 88 12.09 -21.85 62.22
C CYS I 88 11.32 -22.46 61.03
N GLN I 89 11.68 -22.08 59.79
CA GLN I 89 10.97 -22.60 58.60
C GLN I 89 11.75 -22.77 57.33
N GLN I 90 11.42 -23.83 56.58
CA GLN I 90 11.95 -24.00 55.24
C GLN I 90 11.13 -23.20 54.26
N TYR I 91 11.76 -22.60 53.28
CA TYR I 91 10.98 -22.01 52.22
C TYR I 91 11.04 -22.79 50.95
N SER I 92 11.62 -23.98 50.99
CA SER I 92 11.84 -24.70 49.77
C SER I 92 10.64 -25.45 49.18
N SER I 93 9.56 -25.58 49.93
CA SER I 93 8.41 -26.32 49.41
C SER I 93 7.11 -25.83 49.97
N TYR I 94 6.02 -26.28 49.37
CA TYR I 94 4.73 -25.86 49.88
C TYR I 94 3.85 -27.08 50.18
N PRO I 95 3.12 -27.04 51.28
CA PRO I 95 3.06 -26.01 52.30
C PRO I 95 4.35 -25.83 53.09
N LEU I 96 4.58 -24.59 53.48
CA LEU I 96 5.67 -24.19 54.33
C LEU I 96 5.40 -24.67 55.75
N THR I 97 6.42 -25.05 56.51
CA THR I 97 6.09 -25.42 57.90
C THR I 97 7.05 -24.80 58.91
N PHE I 98 6.62 -24.75 60.15
CA PHE I 98 7.49 -24.29 61.22
C PHE I 98 7.84 -25.37 62.20
N GLY I 99 9.02 -25.25 62.76
CA GLY I 99 9.44 -26.15 63.82
C GLY I 99 8.58 -25.85 65.03
N ALA I 100 8.43 -26.82 65.93
CA ALA I 100 7.63 -26.58 67.11
C ALA I 100 8.21 -25.41 67.90
N GLY I 101 7.36 -24.61 68.51
CA GLY I 101 7.89 -23.50 69.26
C GLY I 101 8.65 -23.97 70.48
N THR I 102 9.65 -23.20 70.90
CA THR I 102 10.29 -23.55 72.16
C THR I 102 10.55 -22.35 73.03
N LYS I 103 10.65 -22.57 74.33
CA LYS I 103 10.86 -21.48 75.27
C LYS I 103 11.71 -21.97 76.42
N LEU I 104 12.36 -21.08 77.16
CA LEU I 104 13.12 -21.61 78.27
C LEU I 104 12.59 -21.11 79.60
N GLU I 105 12.50 -22.01 80.56
CA GLU I 105 12.05 -21.71 81.91
C GLU I 105 13.05 -20.84 82.62
N LEU I 106 12.62 -19.94 83.48
CA LEU I 106 13.61 -19.19 84.25
C LEU I 106 13.97 -19.96 85.50
N ARG I 107 14.76 -21.01 85.29
CA ARG I 107 15.16 -21.92 86.34
C ARG I 107 16.58 -22.42 86.12
N CYS J 1 -12.44 14.58 -0.47
CA CYS J 1 -11.55 13.96 -1.45
C CYS J 1 -12.31 13.06 -2.42
N ARG J 2 -13.36 13.61 -3.03
CA ARG J 2 -14.13 12.86 -4.01
C ARG J 2 -13.36 12.47 -5.26
N ASP J 3 -12.47 13.36 -5.70
CA ASP J 3 -11.73 13.11 -6.94
C ASP J 3 -12.74 12.65 -8.00
N LYS J 4 -12.33 11.80 -8.93
CA LYS J 4 -13.31 11.29 -9.86
C LYS J 4 -13.84 9.91 -9.46
N LEU J 5 -12.97 9.08 -8.89
CA LEU J 5 -13.38 7.73 -8.53
C LEU J 5 -13.70 7.42 -7.09
N SER J 6 -13.71 8.39 -6.18
CA SER J 6 -14.05 8.00 -4.80
C SER J 6 -15.47 7.45 -4.71
N SER J 7 -16.33 7.86 -5.62
CA SER J 7 -17.70 7.39 -5.52
C SER J 7 -17.92 6.07 -6.22
N THR J 8 -17.92 5.03 -5.41
CA THR J 8 -18.26 3.63 -5.73
C THR J 8 -17.22 2.83 -6.52
N ASN J 9 -16.16 3.44 -7.01
CA ASN J 9 -15.19 2.65 -7.74
C ASN J 9 -14.57 1.69 -6.75
N GLN J 10 -14.38 0.44 -7.17
CA GLN J 10 -13.93 -0.56 -6.21
C GLN J 10 -12.56 -0.29 -5.63
N LEU J 11 -12.45 -0.58 -4.34
CA LEU J 11 -11.19 -0.47 -3.62
C LEU J 11 -10.91 -1.73 -2.84
N ARG J 12 -9.65 -2.14 -2.83
CA ARG J 12 -9.24 -3.33 -2.11
C ARG J 12 -7.87 -3.17 -1.44
N SER J 13 -7.63 -3.87 -0.29
CA SER J 13 -8.46 -3.99 0.92
C SER J 13 -7.66 -4.69 2.01
N VAL J 14 -6.43 -4.26 2.26
CA VAL J 14 -5.71 -4.93 3.33
C VAL J 14 -5.04 -4.01 4.32
N GLY J 15 -4.84 -4.49 5.55
CA GLY J 15 -4.15 -3.68 6.56
C GLY J 15 -2.66 -3.52 6.28
N LEU J 16 -2.08 -2.40 6.69
CA LEU J 16 -0.63 -2.19 6.53
C LEU J 16 0.02 -1.84 7.86
N ASN J 17 1.23 -2.32 8.08
CA ASN J 17 1.95 -2.11 9.35
C ASN J 17 2.41 -0.66 9.64
N LEU J 18 2.08 -0.18 10.84
CA LEU J 18 2.47 1.18 11.28
C LEU J 18 3.96 1.38 11.52
N GLU J 19 4.71 0.28 11.64
CA GLU J 19 6.14 0.33 11.88
C GLU J 19 6.93 0.97 10.75
N GLY J 20 6.29 1.21 9.60
CA GLY J 20 6.95 1.90 8.49
C GLY J 20 7.41 3.32 8.82
N ASN J 21 6.99 3.86 9.98
CA ASN J 21 7.46 5.14 10.44
C ASN J 21 8.66 4.99 11.38
N GLY J 22 9.26 3.79 11.42
CA GLY J 22 10.40 3.53 12.27
C GLY J 22 9.96 3.26 13.70
N VAL J 23 8.65 3.12 13.89
CA VAL J 23 8.09 2.90 15.20
C VAL J 23 8.46 1.57 15.79
N ALA J 24 8.76 1.62 17.07
CA ALA J 24 9.07 0.48 17.89
C ALA J 24 8.67 0.84 19.29
N THR J 25 8.45 -0.13 20.14
CA THR J 25 8.06 0.23 21.48
C THR J 25 8.78 -0.51 22.55
N ASP J 26 8.77 0.10 23.72
CA ASP J 26 9.29 -0.55 24.92
C ASP J 26 8.20 -1.26 25.67
N VAL J 27 6.99 -1.26 25.10
CA VAL J 27 5.72 -1.79 25.58
C VAL J 27 4.80 -0.63 26.07
N PRO J 28 5.10 0.14 27.14
CA PRO J 28 4.27 1.24 27.59
C PRO J 28 4.16 2.35 26.59
N SER J 29 5.19 2.55 25.79
CA SER J 29 5.08 3.55 24.77
C SER J 29 4.04 3.16 23.73
N ALA J 30 3.78 1.86 23.57
CA ALA J 30 2.71 1.49 22.69
C ALA J 30 1.37 1.87 23.28
N THR J 31 1.24 1.68 24.60
CA THR J 31 -0.03 2.02 25.25
C THR J 31 -0.18 3.52 25.39
N LYS J 32 0.94 4.21 25.34
CA LYS J 32 0.98 5.66 25.34
C LYS J 32 0.24 6.23 24.16
N ARG J 33 0.20 5.44 23.10
CA ARG J 33 -0.42 5.79 21.85
C ARG J 33 -1.86 5.37 21.76
N TRP J 34 -2.43 4.87 22.85
CA TRP J 34 -3.77 4.36 22.75
C TRP J 34 -4.59 4.71 23.98
N GLY J 35 -4.24 4.17 25.13
CA GLY J 35 -5.04 4.44 26.31
C GLY J 35 -6.44 3.83 26.16
N PHE J 36 -7.44 4.61 26.54
CA PHE J 36 -8.84 4.21 26.46
C PHE J 36 -9.84 5.36 26.29
N ARG J 37 -11.00 5.00 25.77
CA ARG J 37 -12.12 5.86 25.45
C ARG J 37 -13.40 5.09 25.66
N SER J 38 -14.52 5.81 25.64
CA SER J 38 -14.85 7.07 26.31
C SER J 38 -16.37 7.10 26.41
N GLY J 39 -16.99 6.02 25.93
CA GLY J 39 -18.43 5.93 25.71
C GLY J 39 -18.81 6.35 24.27
N VAL J 40 -17.83 6.83 23.48
CA VAL J 40 -18.02 7.03 22.03
C VAL J 40 -18.15 5.67 21.39
N PRO J 41 -19.03 5.44 20.43
CA PRO J 41 -19.14 4.12 19.85
C PRO J 41 -17.84 3.70 19.13
N PRO J 42 -17.49 2.40 19.19
CA PRO J 42 -16.43 1.69 18.50
C PRO J 42 -16.70 1.59 17.01
N LYS J 43 -15.66 1.51 16.19
CA LYS J 43 -15.90 1.29 14.77
C LYS J 43 -15.06 0.14 14.26
N VAL J 44 -15.57 -0.51 13.22
CA VAL J 44 -14.87 -1.66 12.65
C VAL J 44 -14.69 -1.53 11.16
N VAL J 45 -13.76 -2.32 10.65
CA VAL J 45 -13.48 -2.33 9.24
C VAL J 45 -13.44 -3.75 8.72
N ASN J 46 -13.97 -3.92 7.51
CA ASN J 46 -13.94 -5.20 6.85
C ASN J 46 -12.82 -5.19 5.84
N TYR J 47 -12.04 -6.25 5.81
CA TYR J 47 -10.93 -6.33 4.89
C TYR J 47 -10.91 -7.58 4.12
N GLU J 48 -10.23 -7.54 3.00
CA GLU J 48 -9.92 -8.80 2.41
C GLU J 48 -8.94 -9.51 3.33
N ALA J 49 -8.01 -8.76 3.92
CA ALA J 49 -6.97 -9.33 4.77
C ALA J 49 -6.04 -8.26 5.36
N GLY J 50 -4.91 -8.69 5.95
CA GLY J 50 -3.92 -7.71 6.38
C GLY J 50 -2.50 -8.31 6.52
N GLU J 51 -1.51 -7.41 6.65
CA GLU J 51 -0.09 -7.78 6.68
C GLU J 51 0.45 -8.60 7.83
N TRP J 52 1.32 -9.58 7.51
CA TRP J 52 2.10 -10.34 8.50
C TRP J 52 3.20 -9.44 9.03
N ALA J 53 3.57 -9.53 10.30
CA ALA J 53 4.63 -8.60 10.77
C ALA J 53 5.39 -9.16 11.93
N GLU J 54 6.62 -8.71 12.17
CA GLU J 54 7.30 -9.29 13.32
C GLU J 54 6.79 -8.91 14.71
N ASN J 55 6.00 -7.84 14.85
CA ASN J 55 5.68 -7.37 16.22
C ASN J 55 4.21 -7.05 16.48
N CYS J 56 3.57 -7.83 17.38
CA CYS J 56 2.13 -7.62 17.64
C CYS J 56 1.78 -7.88 19.12
N TYR J 57 0.54 -7.56 19.57
CA TYR J 57 0.26 -7.68 21.01
C TYR J 57 -1.04 -8.38 21.38
N ASN J 58 -1.03 -9.12 22.51
CA ASN J 58 -2.24 -9.75 23.08
C ASN J 58 -2.54 -9.05 24.37
N LEU J 59 -3.80 -8.75 24.62
CA LEU J 59 -4.05 -7.99 25.82
C LEU J 59 -5.17 -8.40 26.77
N GLU J 60 -4.87 -8.27 28.07
CA GLU J 60 -5.94 -8.22 29.05
C GLU J 60 -5.51 -7.24 30.12
N ILE J 61 -6.40 -6.37 30.52
CA ILE J 61 -6.08 -5.32 31.49
C ILE J 61 -7.07 -5.41 32.62
N LYS J 62 -6.66 -5.03 33.83
CA LYS J 62 -7.52 -5.19 34.99
C LYS J 62 -7.81 -3.92 35.80
N LYS J 63 -8.93 -3.92 36.50
CA LYS J 63 -9.22 -2.84 37.44
C LYS J 63 -9.03 -3.38 38.82
N PRO J 64 -8.51 -2.56 39.73
CA PRO J 64 -8.26 -2.84 41.13
C PRO J 64 -9.55 -3.16 41.88
N ASP J 65 -10.68 -2.74 41.33
CA ASP J 65 -11.97 -3.03 41.91
C ASP J 65 -12.58 -4.36 41.42
N GLY J 66 -11.84 -5.17 40.67
CA GLY J 66 -12.34 -6.46 40.23
C GLY J 66 -13.28 -6.46 39.00
N SER J 67 -13.43 -5.33 38.31
CA SER J 67 -14.35 -5.26 37.14
C SER J 67 -14.19 -6.24 35.94
N GLU J 68 -12.99 -6.75 35.67
CA GLU J 68 -11.72 -6.02 35.76
C GLU J 68 -11.29 -5.36 34.45
N CYS J 69 -11.77 -4.16 34.14
CA CYS J 69 -11.24 -3.36 33.00
C CYS J 69 -11.27 -4.12 31.71
N LEU J 70 -12.20 -5.03 31.54
CA LEU J 70 -12.08 -5.80 30.35
C LEU J 70 -12.40 -4.99 29.11
N PRO J 71 -11.63 -5.16 28.05
CA PRO J 71 -11.89 -4.71 26.71
C PRO J 71 -13.03 -5.56 26.23
N ALA J 72 -13.82 -5.05 25.30
CA ALA J 72 -14.94 -5.83 24.81
C ALA J 72 -14.45 -7.14 24.22
N ALA J 73 -15.29 -8.16 24.34
CA ALA J 73 -15.01 -9.47 23.76
C ALA J 73 -16.01 -9.72 22.62
N PRO J 74 -15.73 -9.22 21.41
CA PRO J 74 -16.56 -9.27 20.21
C PRO J 74 -16.77 -10.68 19.73
N ASP J 75 -17.88 -10.91 19.05
CA ASP J 75 -18.20 -12.21 18.49
C ASP J 75 -17.59 -12.45 17.11
N GLY J 76 -16.77 -11.53 16.63
CA GLY J 76 -16.09 -11.72 15.36
C GLY J 76 -15.09 -12.84 15.53
N ILE J 77 -14.73 -13.48 14.43
CA ILE J 77 -13.73 -14.52 14.52
C ILE J 77 -12.41 -13.92 14.97
N ARG J 78 -11.73 -14.61 15.86
CA ARG J 78 -10.53 -14.07 16.51
C ARG J 78 -9.19 -14.66 16.11
N GLY J 79 -9.07 -15.28 14.96
CA GLY J 79 -7.74 -15.69 14.50
C GLY J 79 -7.01 -14.40 14.10
N PHE J 80 -5.70 -14.44 13.91
CA PHE J 80 -5.01 -13.22 13.48
C PHE J 80 -3.84 -13.59 12.56
N PRO J 81 -3.31 -12.63 11.78
CA PRO J 81 -2.22 -12.77 10.81
C PRO J 81 -0.96 -13.23 11.48
N ARG J 82 -0.10 -13.96 10.77
CA ARG J 82 1.09 -14.39 11.47
C ARG J 82 1.92 -13.21 11.88
N CYS J 83 2.51 -13.33 13.05
CA CYS J 83 3.35 -12.29 13.53
C CYS J 83 4.56 -12.94 14.17
N ARG J 84 5.78 -12.49 13.85
CA ARG J 84 6.96 -13.23 14.36
C ARG J 84 6.97 -13.37 15.84
N TYR J 85 6.59 -12.34 16.52
CA TYR J 85 6.43 -12.49 17.92
C TYR J 85 5.37 -11.57 18.40
N VAL J 86 4.75 -11.93 19.49
CA VAL J 86 3.78 -11.05 20.03
C VAL J 86 4.10 -10.91 21.48
N HIS J 87 3.56 -9.89 22.07
CA HIS J 87 3.80 -9.72 23.47
C HIS J 87 2.47 -9.79 24.15
N LYS J 88 2.15 -10.84 24.88
CA LYS J 88 0.92 -10.67 25.64
C LYS J 88 1.31 -9.84 26.82
N VAL J 89 0.46 -8.89 27.16
CA VAL J 89 0.74 -8.07 28.29
C VAL J 89 -0.50 -8.02 29.13
N SER J 90 -0.36 -8.11 30.46
CA SER J 90 -1.58 -8.06 31.22
C SER J 90 -1.55 -7.45 32.61
N GLY J 91 -2.76 -7.18 33.09
CA GLY J 91 -3.08 -6.65 34.42
C GLY J 91 -3.30 -5.15 34.46
N THR J 92 -3.73 -4.68 35.63
CA THR J 92 -4.07 -3.29 35.91
C THR J 92 -2.81 -2.46 35.81
N GLY J 93 -2.90 -1.18 35.42
CA GLY J 93 -3.95 -0.19 35.73
C GLY J 93 -5.32 -0.32 35.04
N PRO J 94 -6.33 0.31 35.66
CA PRO J 94 -7.76 0.39 35.33
C PRO J 94 -8.12 1.10 34.04
N CYS J 95 -9.29 0.76 33.51
CA CYS J 95 -9.85 1.38 32.30
C CYS J 95 -10.91 2.38 32.71
N ALA J 96 -10.56 3.64 32.91
CA ALA J 96 -11.62 4.61 33.21
C ALA J 96 -12.61 4.72 32.04
N GLY J 97 -12.08 4.62 30.82
CA GLY J 97 -12.85 4.59 29.59
C GLY J 97 -13.54 3.26 29.49
N ASP J 98 -14.62 3.15 28.73
CA ASP J 98 -15.20 1.82 28.64
C ASP J 98 -14.60 0.92 27.54
N PHE J 99 -13.60 1.41 26.81
CA PHE J 99 -12.84 0.57 25.88
C PHE J 99 -11.42 1.07 25.55
N ALA J 100 -10.55 0.18 25.11
CA ALA J 100 -9.15 0.56 24.81
C ALA J 100 -8.90 1.04 23.36
N PHE J 101 -9.45 2.21 23.05
CA PHE J 101 -9.31 2.92 21.78
C PHE J 101 -7.87 3.36 21.42
N HIS J 102 -7.48 3.31 20.14
CA HIS J 102 -6.18 3.88 19.71
C HIS J 102 -6.21 5.39 19.62
N LYS J 103 -5.11 6.07 19.86
CA LYS J 103 -5.11 7.50 19.57
C LYS J 103 -4.46 7.84 18.24
N GLU J 104 -3.83 6.84 17.64
CA GLU J 104 -3.06 7.06 16.43
C GLU J 104 -3.74 6.73 15.11
N GLY J 105 -4.99 6.32 15.12
CA GLY J 105 -5.59 5.83 13.89
C GLY J 105 -5.16 4.36 13.71
N ALA J 106 -4.54 3.81 14.75
CA ALA J 106 -4.01 2.47 14.76
C ALA J 106 -5.09 1.43 14.77
N PHE J 107 -5.56 1.06 13.61
CA PHE J 107 -6.56 0.03 13.60
C PHE J 107 -5.95 -1.22 14.15
N PHE J 108 -6.73 -1.95 14.89
CA PHE J 108 -6.22 -3.15 15.50
C PHE J 108 -6.77 -4.27 14.71
N LEU J 109 -5.91 -5.12 14.17
CA LEU J 109 -6.46 -6.09 13.25
C LEU J 109 -6.12 -7.53 13.47
N TYR J 110 -7.09 -8.36 13.14
CA TYR J 110 -6.99 -9.79 13.13
C TYR J 110 -7.99 -10.37 12.12
N ASP J 111 -7.74 -11.53 11.51
CA ASP J 111 -8.74 -12.17 10.63
C ASP J 111 -9.44 -11.31 9.63
N ARG J 112 -8.71 -10.46 8.91
CA ARG J 112 -9.32 -9.61 7.90
C ARG J 112 -10.32 -8.62 8.52
N LEU J 113 -10.15 -8.34 9.81
CA LEU J 113 -11.02 -7.43 10.55
C LEU J 113 -10.19 -6.41 11.30
N ALA J 114 -10.72 -5.22 11.48
CA ALA J 114 -9.99 -4.33 12.35
C ALA J 114 -10.88 -3.37 13.01
N SER J 115 -10.37 -2.77 14.05
CA SER J 115 -11.18 -1.84 14.77
C SER J 115 -10.42 -0.71 15.35
N THR J 116 -11.18 0.30 15.72
CA THR J 116 -10.62 1.44 16.37
C THR J 116 -10.34 1.14 17.84
N VAL J 117 -10.82 -0.02 18.29
CA VAL J 117 -10.69 -0.43 19.67
C VAL J 117 -10.07 -1.79 19.87
N ILE J 118 -9.18 -1.88 20.86
CA ILE J 118 -8.59 -3.13 21.28
C ILE J 118 -9.59 -4.01 22.00
N TYR J 119 -9.59 -5.28 21.66
CA TYR J 119 -10.49 -6.24 22.27
C TYR J 119 -9.74 -7.23 23.13
N ARG J 120 -10.46 -7.93 23.97
CA ARG J 120 -9.82 -8.88 24.86
C ARG J 120 -9.15 -10.02 24.09
N GLY J 121 -8.05 -10.55 24.63
CA GLY J 121 -7.39 -11.70 23.98
C GLY J 121 -6.61 -11.43 22.70
N THR J 122 -6.97 -12.15 21.63
CA THR J 122 -6.23 -12.24 20.36
C THR J 122 -5.60 -11.00 19.84
N THR J 123 -4.41 -11.24 19.32
CA THR J 123 -3.45 -10.26 18.87
C THR J 123 -3.92 -9.22 17.91
N PHE J 124 -3.41 -8.03 18.17
CA PHE J 124 -3.75 -6.84 17.43
C PHE J 124 -2.61 -6.20 16.73
N ALA J 125 -2.26 -6.72 15.57
CA ALA J 125 -1.28 -6.01 14.79
C ALA J 125 -1.89 -4.63 14.54
N GLU J 126 -1.09 -3.60 14.46
CA GLU J 126 -1.73 -2.31 14.24
C GLU J 126 -1.36 -1.73 12.89
N GLY J 127 -2.32 -0.99 12.32
CA GLY J 127 -2.16 -0.58 10.94
C GLY J 127 -3.25 0.31 10.37
N VAL J 128 -3.12 0.54 9.08
CA VAL J 128 -4.02 1.37 8.29
C VAL J 128 -4.60 0.58 7.13
N VAL J 129 -5.73 1.04 6.59
CA VAL J 129 -6.41 0.24 5.58
C VAL J 129 -6.04 0.61 4.17
N ALA J 130 -5.38 -0.28 3.44
CA ALA J 130 -5.11 -0.01 2.04
C ALA J 130 -6.39 0.06 1.23
N PHE J 131 -6.42 0.94 0.24
CA PHE J 131 -7.49 0.96 -0.72
C PHE J 131 -6.89 1.16 -2.09
N LEU J 132 -7.30 0.35 -3.06
CA LEU J 132 -6.85 0.41 -4.47
C LEU J 132 -7.07 -0.93 -5.16
N ILE J 133 -6.31 -1.21 -6.23
CA ILE J 133 -6.24 -2.52 -6.90
C ILE J 133 -7.19 -2.64 -8.10
N LEU J 134 -6.68 -3.16 -9.22
CA LEU J 134 -7.52 -3.44 -10.37
C LEU J 134 -8.47 -4.54 -9.93
N PRO J 135 -9.74 -4.50 -10.29
CA PRO J 135 -10.73 -5.48 -9.87
C PRO J 135 -10.36 -6.93 -10.23
N GLN J 136 -9.58 -7.12 -11.28
CA GLN J 136 -9.15 -8.46 -11.66
C GLN J 136 -7.81 -8.93 -11.12
N ALA J 137 -7.09 -8.06 -10.41
CA ALA J 137 -5.79 -8.43 -9.83
C ALA J 137 -5.93 -9.52 -8.77
N LYS J 138 -7.16 -9.72 -8.32
CA LYS J 138 -7.51 -10.77 -7.40
C LYS J 138 -7.19 -12.17 -7.90
N LYS J 139 -7.11 -12.36 -9.21
CA LYS J 139 -6.74 -13.65 -9.72
C LYS J 139 -5.25 -13.76 -9.95
N ASP J 140 -4.55 -12.65 -9.80
CA ASP J 140 -3.14 -12.61 -10.07
C ASP J 140 -2.34 -12.26 -8.84
N PHE J 141 -2.36 -10.97 -8.49
CA PHE J 141 -1.57 -10.45 -7.39
C PHE J 141 -1.95 -11.05 -6.08
N PHE J 142 -3.23 -11.36 -5.94
CA PHE J 142 -3.65 -11.87 -4.68
C PHE J 142 -3.12 -13.24 -4.34
N SER J 143 -2.59 -13.97 -5.32
CA SER J 143 -2.02 -15.25 -4.99
C SER J 143 -0.84 -15.14 -4.01
N SER J 144 -0.10 -14.02 -4.04
CA SER J 144 0.98 -13.85 -3.07
C SER J 144 0.57 -12.96 -1.90
N HIS J 145 -0.52 -12.21 -2.11
CA HIS J 145 -1.06 -11.28 -1.12
C HIS J 145 -1.77 -12.12 -0.05
N PRO J 146 -1.97 -11.57 1.15
CA PRO J 146 -2.38 -12.29 2.35
C PRO J 146 -3.59 -13.22 2.22
N LEU J 147 -4.44 -13.00 1.22
CA LEU J 147 -5.54 -13.91 1.00
C LEU J 147 -5.09 -15.31 0.64
N ARG J 148 -4.04 -15.39 -0.17
CA ARG J 148 -3.46 -16.66 -0.55
C ARG J 148 -2.02 -16.78 -0.11
N GLU J 149 -1.56 -15.80 0.64
CA GLU J 149 -0.21 -15.82 1.16
C GLU J 149 0.13 -17.07 1.96
N PRO J 150 -0.83 -17.72 2.67
CA PRO J 150 -0.62 -18.99 3.33
C PRO J 150 -0.25 -20.10 2.33
N VAL J 151 -0.72 -19.97 1.09
CA VAL J 151 -0.36 -20.91 0.02
C VAL J 151 1.09 -20.72 -0.35
N ASN J 152 1.50 -19.46 -0.40
CA ASN J 152 2.88 -19.14 -0.73
C ASN J 152 3.75 -18.92 0.48
N ALA J 153 3.23 -19.23 1.66
CA ALA J 153 4.03 -19.13 2.85
C ALA J 153 5.19 -20.12 2.79
N THR J 154 6.31 -19.72 3.35
CA THR J 154 7.48 -20.57 3.49
C THR J 154 7.33 -21.32 4.79
N GLU J 155 8.19 -22.28 5.03
CA GLU J 155 8.21 -22.98 6.31
C GLU J 155 8.91 -22.18 7.43
N ASP J 156 9.52 -21.02 7.10
CA ASP J 156 10.29 -20.29 8.10
C ASP J 156 9.49 -19.61 9.22
N PRO J 157 8.16 -19.43 9.08
CA PRO J 157 7.30 -18.94 10.13
C PRO J 157 7.32 -19.86 11.35
N SER J 158 7.69 -21.14 11.15
CA SER J 158 7.86 -22.04 12.27
C SER J 158 8.99 -21.59 13.21
N SER J 159 10.00 -20.89 12.69
CA SER J 159 11.02 -20.26 13.52
C SER J 159 10.62 -18.82 13.82
N GLY J 160 9.62 -18.38 13.05
CA GLY J 160 9.05 -17.07 13.04
C GLY J 160 7.96 -16.92 14.07
N TYR J 161 6.70 -16.93 13.64
CA TYR J 161 5.59 -16.61 14.54
C TYR J 161 5.54 -17.50 15.77
N TYR J 162 6.10 -18.70 15.66
CA TYR J 162 6.23 -19.57 16.81
C TYR J 162 7.01 -18.95 17.98
N SER J 163 7.95 -18.07 17.69
CA SER J 163 8.83 -17.52 18.71
C SER J 163 8.22 -16.32 19.42
N THR J 164 7.31 -16.59 20.36
CA THR J 164 6.61 -15.53 21.08
C THR J 164 6.46 -15.72 22.59
N THR J 165 6.08 -14.65 23.30
CA THR J 165 5.81 -14.77 24.74
C THR J 165 4.56 -14.06 25.19
N ILE J 166 4.05 -14.50 26.34
CA ILE J 166 2.87 -13.91 26.94
C ILE J 166 3.10 -13.30 28.31
N ARG J 167 4.33 -13.19 28.70
CA ARG J 167 4.65 -12.91 30.08
C ARG J 167 4.74 -11.48 30.64
N TYR J 168 4.43 -10.46 29.87
CA TYR J 168 4.59 -9.13 30.44
C TYR J 168 3.57 -8.80 31.53
N GLN J 169 4.02 -8.11 32.58
CA GLN J 169 3.14 -7.65 33.65
C GLN J 169 2.97 -6.16 33.65
N ALA J 170 1.80 -5.71 33.25
CA ALA J 170 1.46 -4.29 33.17
C ALA J 170 1.08 -3.71 34.50
N THR J 171 2.04 -3.44 35.36
CA THR J 171 1.63 -2.84 36.62
C THR J 171 1.36 -1.36 36.48
N GLY J 172 0.15 -0.96 36.77
CA GLY J 172 -0.23 0.44 36.76
C GLY J 172 -0.53 0.85 35.32
N PHE J 173 -0.92 2.09 35.09
CA PHE J 173 -1.16 2.47 33.71
C PHE J 173 -0.93 3.96 33.46
N GLY J 174 -0.53 4.26 32.24
CA GLY J 174 -0.27 5.61 31.77
C GLY J 174 1.19 5.96 31.94
N THR J 175 1.61 7.10 31.40
CA THR J 175 3.03 7.45 31.45
C THR J 175 3.51 7.87 32.82
N ASN J 176 2.60 8.26 33.69
CA ASN J 176 3.00 8.63 35.03
C ASN J 176 2.76 7.53 36.02
N GLU J 177 2.44 6.32 35.57
CA GLU J 177 2.10 5.32 36.56
C GLU J 177 2.26 3.87 36.18
N THR J 178 3.20 3.50 35.32
CA THR J 178 3.24 2.06 35.06
C THR J 178 4.63 1.43 35.04
N GLU J 179 4.65 0.10 35.19
CA GLU J 179 5.86 -0.72 35.19
C GLU J 179 5.61 -2.05 34.49
N TYR J 180 6.63 -2.63 33.86
CA TYR J 180 6.45 -3.88 33.13
C TYR J 180 7.35 -5.02 33.52
N LEU J 181 7.00 -5.71 34.58
CA LEU J 181 7.81 -6.83 34.99
C LEU J 181 7.71 -7.90 33.94
N PHE J 182 8.77 -8.66 33.73
CA PHE J 182 8.63 -9.68 32.73
C PHE J 182 8.76 -11.06 33.31
N GLU J 183 7.68 -11.82 33.27
CA GLU J 183 7.81 -13.17 33.76
C GLU J 183 8.56 -14.17 32.89
N VAL J 184 9.29 -15.08 33.53
CA VAL J 184 9.78 -16.29 32.87
C VAL J 184 9.58 -17.47 33.79
N ASP J 185 8.79 -18.47 33.44
CA ASP J 185 8.75 -19.67 34.28
C ASP J 185 8.51 -19.36 35.77
N ASN J 186 7.56 -18.47 36.05
CA ASN J 186 7.28 -17.98 37.40
C ASN J 186 8.53 -17.29 38.01
N LEU J 187 9.22 -16.51 37.20
CA LEU J 187 10.36 -15.68 37.58
C LEU J 187 10.02 -14.31 37.14
N THR J 188 10.51 -13.27 37.76
CA THR J 188 10.22 -11.95 37.20
C THR J 188 11.50 -11.16 37.11
N TYR J 189 11.47 -10.12 36.29
CA TYR J 189 12.62 -9.27 36.13
C TYR J 189 12.16 -7.85 36.09
N VAL J 190 13.02 -6.93 36.50
CA VAL J 190 12.71 -5.52 36.44
C VAL J 190 12.57 -5.09 35.00
N GLN J 191 11.59 -4.25 34.73
CA GLN J 191 11.35 -3.80 33.36
C GLN J 191 12.53 -3.04 32.81
N LEU J 192 12.74 -3.21 31.51
CA LEU J 192 13.80 -2.52 30.82
C LEU J 192 13.32 -1.83 29.59
N GLU J 193 12.86 -0.60 29.73
CA GLU J 193 12.42 0.16 28.57
C GLU J 193 13.57 0.51 27.61
N SER J 194 14.81 0.33 28.07
CA SER J 194 16.00 0.54 27.26
C SER J 194 16.35 -0.70 26.43
N ARG J 195 15.55 -1.75 26.51
CA ARG J 195 15.77 -2.96 25.76
C ARG J 195 14.48 -3.36 25.14
N PHE J 196 14.53 -4.03 24.01
CA PHE J 196 13.28 -4.30 23.34
C PHE J 196 13.24 -5.68 22.82
N THR J 197 12.04 -6.25 22.71
CA THR J 197 11.84 -7.53 22.03
C THR J 197 12.45 -8.75 22.76
N PRO J 198 11.64 -9.79 23.04
CA PRO J 198 11.93 -10.96 23.84
C PRO J 198 13.20 -11.73 23.50
N GLN J 199 13.81 -11.53 22.33
CA GLN J 199 15.07 -12.24 22.12
C GLN J 199 16.08 -11.90 23.22
N PHE J 200 16.07 -10.64 23.64
CA PHE J 200 16.90 -10.21 24.74
C PHE J 200 16.54 -10.95 26.00
N LEU J 201 15.24 -11.02 26.22
CA LEU J 201 14.69 -11.67 27.37
C LEU J 201 14.96 -13.16 27.32
N LEU J 202 15.06 -13.70 26.11
CA LEU J 202 15.38 -15.07 25.93
C LEU J 202 16.73 -15.35 26.47
N GLN J 203 17.66 -14.40 26.35
CA GLN J 203 18.94 -14.65 26.97
C GLN J 203 18.77 -14.83 28.42
N LEU J 204 17.89 -14.03 29.02
CA LEU J 204 17.66 -14.22 30.43
C LEU J 204 17.04 -15.59 30.70
N ASN J 205 16.26 -16.10 29.75
CA ASN J 205 15.72 -17.44 29.93
C ASN J 205 16.69 -18.53 29.58
N GLU J 206 17.90 -18.16 29.15
CA GLU J 206 18.91 -19.15 28.92
C GLU J 206 20.16 -18.92 29.76
N THR J 207 20.28 -17.76 30.42
CA THR J 207 21.52 -17.48 31.14
C THR J 207 21.29 -17.21 32.59
N ILE J 208 20.62 -16.11 32.92
CA ILE J 208 20.31 -15.89 34.33
C ILE J 208 19.39 -17.04 34.79
N TYR J 209 18.64 -17.60 33.85
CA TYR J 209 17.89 -18.81 34.10
C TYR J 209 18.80 -19.98 34.44
N THR J 210 19.96 -20.08 33.75
CA THR J 210 20.94 -21.11 34.05
C THR J 210 21.65 -20.92 35.39
N SER J 211 21.97 -19.67 35.72
CA SER J 211 22.57 -19.37 37.02
C SER J 211 22.13 -17.99 37.46
N GLY J 212 22.10 -17.74 38.76
CA GLY J 212 21.52 -16.49 39.27
C GLY J 212 19.98 -16.65 39.29
N LYS J 213 19.54 -17.88 39.02
CA LYS J 213 18.21 -18.41 38.95
C LYS J 213 17.59 -18.61 40.29
N ARG J 214 16.28 -18.74 40.30
CA ARG J 214 15.53 -18.98 41.52
C ARG J 214 15.70 -20.40 42.07
N SER J 215 16.93 -20.74 42.50
CA SER J 215 17.17 -22.00 43.18
C SER J 215 16.41 -22.03 44.49
N ASN J 216 16.21 -20.83 45.02
CA ASN J 216 15.42 -20.60 46.19
C ASN J 216 13.98 -20.49 45.76
N THR J 217 13.15 -21.41 46.21
CA THR J 217 11.77 -21.51 45.78
C THR J 217 10.78 -20.76 46.68
N THR J 218 11.31 -19.88 47.56
CA THR J 218 10.49 -19.08 48.47
C THR J 218 9.48 -18.23 47.71
N GLY J 219 9.80 -17.88 46.45
CA GLY J 219 8.87 -17.13 45.63
C GLY J 219 9.43 -16.95 44.22
N LYS J 220 8.67 -16.27 43.37
CA LYS J 220 9.07 -15.99 42.01
C LYS J 220 10.32 -15.17 42.10
N LEU J 221 11.25 -15.36 41.18
CA LEU J 221 12.44 -14.57 41.27
C LEU J 221 12.11 -13.13 41.08
N ILE J 222 12.70 -12.25 41.85
CA ILE J 222 12.58 -10.88 41.44
C ILE J 222 13.97 -10.47 41.20
N TRP J 223 14.40 -10.58 39.97
CA TRP J 223 15.76 -10.25 39.76
C TRP J 223 15.94 -8.79 39.93
N LYS J 224 17.03 -8.40 40.54
CA LYS J 224 17.27 -6.99 40.64
C LYS J 224 18.06 -6.64 39.43
N VAL J 225 17.52 -5.79 38.57
CA VAL J 225 18.33 -5.52 37.43
C VAL J 225 19.09 -4.25 37.64
N ASN J 226 20.32 -4.44 38.00
CA ASN J 226 21.29 -3.38 38.10
C ASN J 226 21.60 -2.98 36.68
N PRO J 227 21.86 -1.72 36.38
CA PRO J 227 22.29 -1.28 35.07
C PRO J 227 23.58 -2.01 34.68
N GLU J 228 24.39 -2.39 35.66
CA GLU J 228 25.56 -3.22 35.42
C GLU J 228 25.15 -4.61 34.98
N ILE J 229 24.09 -5.13 35.60
CA ILE J 229 23.49 -6.39 35.20
C ILE J 229 22.88 -6.28 33.84
N ASP J 230 22.24 -5.16 33.55
CA ASP J 230 21.70 -4.97 32.23
C ASP J 230 22.83 -4.95 31.21
N THR J 231 23.91 -4.28 31.56
CA THR J 231 25.06 -4.20 30.69
C THR J 231 25.78 -5.54 30.46
N THR J 232 25.83 -6.39 31.49
CA THR J 232 26.56 -7.65 31.35
C THR J 232 25.73 -8.94 31.28
#